data_4R6C
# 
_entry.id   4R6C 
# 
_audit_conform.dict_name       mmcif_pdbx.dic 
_audit_conform.dict_version    5.397 
_audit_conform.dict_location   http://mmcif.pdb.org/dictionaries/ascii/mmcif_pdbx.dic 
# 
loop_
_database_2.database_id 
_database_2.database_code 
_database_2.pdbx_database_accession 
_database_2.pdbx_DOI 
PDB   4R6C         pdb_00004r6c 10.2210/pdb4r6c/pdb 
RCSB  RCSB086954   ?            ?                   
WWPDB D_1000086954 ?            ?                   
# 
loop_
_pdbx_audit_revision_history.ordinal 
_pdbx_audit_revision_history.data_content_type 
_pdbx_audit_revision_history.major_revision 
_pdbx_audit_revision_history.minor_revision 
_pdbx_audit_revision_history.revision_date 
1 'Structure model' 1 0 2015-02-04 
2 'Structure model' 1 1 2015-04-29 
3 'Structure model' 1 2 2018-03-07 
4 'Structure model' 1 3 2024-10-30 
# 
_pdbx_audit_revision_details.ordinal             1 
_pdbx_audit_revision_details.revision_ordinal    1 
_pdbx_audit_revision_details.data_content_type   'Structure model' 
_pdbx_audit_revision_details.provider            repository 
_pdbx_audit_revision_details.type                'Initial release' 
_pdbx_audit_revision_details.description         ? 
_pdbx_audit_revision_details.details             ? 
# 
loop_
_pdbx_audit_revision_group.ordinal 
_pdbx_audit_revision_group.revision_ordinal 
_pdbx_audit_revision_group.data_content_type 
_pdbx_audit_revision_group.group 
1 2 'Structure model' 'Database references'  
2 3 'Structure model' 'Data collection'      
3 4 'Structure model' 'Data collection'      
4 4 'Structure model' 'Database references'  
5 4 'Structure model' 'Derived calculations' 
6 4 'Structure model' 'Structure summary'    
# 
loop_
_pdbx_audit_revision_category.ordinal 
_pdbx_audit_revision_category.revision_ordinal 
_pdbx_audit_revision_category.data_content_type 
_pdbx_audit_revision_category.category 
1 3 'Structure model' diffrn_source             
2 4 'Structure model' chem_comp_atom            
3 4 'Structure model' chem_comp_bond            
4 4 'Structure model' database_2                
5 4 'Structure model' pdbx_entry_details        
6 4 'Structure model' pdbx_modification_feature 
7 4 'Structure model' pdbx_struct_conn_angle    
8 4 'Structure model' struct_conn               
9 4 'Structure model' struct_site               
# 
loop_
_pdbx_audit_revision_item.ordinal 
_pdbx_audit_revision_item.revision_ordinal 
_pdbx_audit_revision_item.data_content_type 
_pdbx_audit_revision_item.item 
1  3 'Structure model' '_diffrn_source.source'                       
2  4 'Structure model' '_database_2.pdbx_DOI'                        
3  4 'Structure model' '_database_2.pdbx_database_accession'         
4  4 'Structure model' '_pdbx_struct_conn_angle.ptnr1_auth_comp_id'  
5  4 'Structure model' '_pdbx_struct_conn_angle.ptnr1_auth_seq_id'   
6  4 'Structure model' '_pdbx_struct_conn_angle.ptnr1_label_asym_id' 
7  4 'Structure model' '_pdbx_struct_conn_angle.ptnr1_label_atom_id' 
8  4 'Structure model' '_pdbx_struct_conn_angle.ptnr1_label_comp_id' 
9  4 'Structure model' '_pdbx_struct_conn_angle.ptnr1_label_seq_id'  
10 4 'Structure model' '_pdbx_struct_conn_angle.ptnr2_auth_seq_id'   
11 4 'Structure model' '_pdbx_struct_conn_angle.ptnr2_label_asym_id' 
12 4 'Structure model' '_pdbx_struct_conn_angle.ptnr3_auth_comp_id'  
13 4 'Structure model' '_pdbx_struct_conn_angle.ptnr3_auth_seq_id'   
14 4 'Structure model' '_pdbx_struct_conn_angle.ptnr3_label_asym_id' 
15 4 'Structure model' '_pdbx_struct_conn_angle.ptnr3_label_atom_id' 
16 4 'Structure model' '_pdbx_struct_conn_angle.ptnr3_label_comp_id' 
17 4 'Structure model' '_pdbx_struct_conn_angle.ptnr3_label_seq_id'  
18 4 'Structure model' '_pdbx_struct_conn_angle.value'               
19 4 'Structure model' '_struct_conn.pdbx_dist_value'                
20 4 'Structure model' '_struct_conn.ptnr1_auth_comp_id'             
21 4 'Structure model' '_struct_conn.ptnr1_auth_seq_id'              
22 4 'Structure model' '_struct_conn.ptnr1_label_asym_id'            
23 4 'Structure model' '_struct_conn.ptnr1_label_atom_id'            
24 4 'Structure model' '_struct_conn.ptnr1_label_comp_id'            
25 4 'Structure model' '_struct_conn.ptnr1_label_seq_id'             
26 4 'Structure model' '_struct_conn.ptnr2_auth_comp_id'             
27 4 'Structure model' '_struct_conn.ptnr2_auth_seq_id'              
28 4 'Structure model' '_struct_conn.ptnr2_label_asym_id'            
29 4 'Structure model' '_struct_conn.ptnr2_label_atom_id'            
30 4 'Structure model' '_struct_conn.ptnr2_label_comp_id'            
31 4 'Structure model' '_struct_site.pdbx_auth_asym_id'              
32 4 'Structure model' '_struct_site.pdbx_auth_comp_id'              
33 4 'Structure model' '_struct_site.pdbx_auth_seq_id'               
# 
_pdbx_database_status.status_code                     REL 
_pdbx_database_status.entry_id                        4R6C 
_pdbx_database_status.recvd_initial_deposition_date   2014-08-24 
_pdbx_database_status.deposit_site                    RCSB 
_pdbx_database_status.process_site                    RCSB 
_pdbx_database_status.status_code_sf                  REL 
_pdbx_database_status.status_code_mr                  ? 
_pdbx_database_status.SG_entry                        ? 
_pdbx_database_status.status_code_cs                  ? 
_pdbx_database_status.methods_development_category    ? 
_pdbx_database_status.pdb_format_compatible           Y 
_pdbx_database_status.status_code_nmr_data            ? 
# 
_pdbx_database_related.db_name        PDB 
_pdbx_database_related.db_id          4OWH 
_pdbx_database_related.details        'HEWL crystal soaked in K2PtBr6; cryo.' 
_pdbx_database_related.content_type   unspecified 
# 
_audit_author.name           'Helliwell, J.R.' 
_audit_author.pdbx_ordinal   1 
# 
_citation.id                        primary 
_citation.title                     'X-ray diffraction in temporally and spatially resolved biomolecular science.' 
_citation.journal_abbrev            'Faraday Discuss' 
_citation.journal_volume            177 
_citation.page_first                429 
_citation.page_last                 441 
_citation.year                      2015 
_citation.journal_id_ASTM           ? 
_citation.country                   ? 
_citation.journal_id_ISSN           ? 
_citation.journal_id_CSD            0353 
_citation.book_publisher            ? 
_citation.pdbx_database_id_PubMed   25605312 
_citation.pdbx_database_id_DOI      10.1039/c4fd00166d 
# 
loop_
_citation_author.citation_id 
_citation_author.name 
_citation_author.ordinal 
_citation_author.identifier_ORCID 
primary 'Helliwell, J.R.' 1 ? 
primary 'Brink, A.'       2 ? 
primary 'Kaenket, S.'     3 ? 
primary 'Starkey, V.L.'   4 ? 
primary 'Tanley, S.W.'    5 ? 
# 
loop_
_entity.id 
_entity.type 
_entity.src_method 
_entity.pdbx_description 
_entity.formula_weight 
_entity.pdbx_number_of_molecules 
_entity.pdbx_ec 
_entity.pdbx_mutation 
_entity.pdbx_fragment 
_entity.details 
1 polymer     nat 'Lysozyme C'                 14331.160 1  3.2.1.17 ? ? ? 
2 non-polymer syn 'HEXATANTALUM DODECABROMIDE' 2044.535  2  ?        ? ? ? 
3 non-polymer syn 'HEXABROMOPLATINATE(IV)'     674.502   2  ?        ? ? ? 
4 non-polymer syn 'BROMIDE ION'                79.904    1  ?        ? ? ? 
5 non-polymer syn 'CHLORIDE ION'               35.453    12 ?        ? ? ? 
6 non-polymer syn 'SODIUM ION'                 22.990    2  ?        ? ? ? 
7 water       nat water                        18.015    82 ?        ? ? ? 
# 
_entity_name_com.entity_id   1 
_entity_name_com.name        '1,4-beta-N-acetylmuramidase C, Allergen Gal d IV' 
# 
_entity_poly.entity_id                      1 
_entity_poly.type                           'polypeptide(L)' 
_entity_poly.nstd_linkage                   no 
_entity_poly.nstd_monomer                   no 
_entity_poly.pdbx_seq_one_letter_code       
;KVFGRCELAAAMKRHGLDNYRGYSLGNWVCAAKFESNFNTQATNRNTDGSTDYGILQINSRWWCNDGRTPGSRNLCNIPC
SALLSSDITASVNCAKKIVSDGNGMNAWVAWRNRCKGTDVQAWIRGCRL
;
_entity_poly.pdbx_seq_one_letter_code_can   
;KVFGRCELAAAMKRHGLDNYRGYSLGNWVCAAKFESNFNTQATNRNTDGSTDYGILQINSRWWCNDGRTPGSRNLCNIPC
SALLSSDITASVNCAKKIVSDGNGMNAWVAWRNRCKGTDVQAWIRGCRL
;
_entity_poly.pdbx_strand_id                 A 
_entity_poly.pdbx_target_identifier         ? 
# 
loop_
_pdbx_entity_nonpoly.entity_id 
_pdbx_entity_nonpoly.name 
_pdbx_entity_nonpoly.comp_id 
2 'HEXATANTALUM DODECABROMIDE' TBR 
3 'HEXABROMOPLATINATE(IV)'     6BP 
4 'BROMIDE ION'                BR  
5 'CHLORIDE ION'               CL  
6 'SODIUM ION'                 NA  
7 water                        HOH 
# 
loop_
_entity_poly_seq.entity_id 
_entity_poly_seq.num 
_entity_poly_seq.mon_id 
_entity_poly_seq.hetero 
1 1   LYS n 
1 2   VAL n 
1 3   PHE n 
1 4   GLY n 
1 5   ARG n 
1 6   CYS n 
1 7   GLU n 
1 8   LEU n 
1 9   ALA n 
1 10  ALA n 
1 11  ALA n 
1 12  MET n 
1 13  LYS n 
1 14  ARG n 
1 15  HIS n 
1 16  GLY n 
1 17  LEU n 
1 18  ASP n 
1 19  ASN n 
1 20  TYR n 
1 21  ARG n 
1 22  GLY n 
1 23  TYR n 
1 24  SER n 
1 25  LEU n 
1 26  GLY n 
1 27  ASN n 
1 28  TRP n 
1 29  VAL n 
1 30  CYS n 
1 31  ALA n 
1 32  ALA n 
1 33  LYS n 
1 34  PHE n 
1 35  GLU n 
1 36  SER n 
1 37  ASN n 
1 38  PHE n 
1 39  ASN n 
1 40  THR n 
1 41  GLN n 
1 42  ALA n 
1 43  THR n 
1 44  ASN n 
1 45  ARG n 
1 46  ASN n 
1 47  THR n 
1 48  ASP n 
1 49  GLY n 
1 50  SER n 
1 51  THR n 
1 52  ASP n 
1 53  TYR n 
1 54  GLY n 
1 55  ILE n 
1 56  LEU n 
1 57  GLN n 
1 58  ILE n 
1 59  ASN n 
1 60  SER n 
1 61  ARG n 
1 62  TRP n 
1 63  TRP n 
1 64  CYS n 
1 65  ASN n 
1 66  ASP n 
1 67  GLY n 
1 68  ARG n 
1 69  THR n 
1 70  PRO n 
1 71  GLY n 
1 72  SER n 
1 73  ARG n 
1 74  ASN n 
1 75  LEU n 
1 76  CYS n 
1 77  ASN n 
1 78  ILE n 
1 79  PRO n 
1 80  CYS n 
1 81  SER n 
1 82  ALA n 
1 83  LEU n 
1 84  LEU n 
1 85  SER n 
1 86  SER n 
1 87  ASP n 
1 88  ILE n 
1 89  THR n 
1 90  ALA n 
1 91  SER n 
1 92  VAL n 
1 93  ASN n 
1 94  CYS n 
1 95  ALA n 
1 96  LYS n 
1 97  LYS n 
1 98  ILE n 
1 99  VAL n 
1 100 SER n 
1 101 ASP n 
1 102 GLY n 
1 103 ASN n 
1 104 GLY n 
1 105 MET n 
1 106 ASN n 
1 107 ALA n 
1 108 TRP n 
1 109 VAL n 
1 110 ALA n 
1 111 TRP n 
1 112 ARG n 
1 113 ASN n 
1 114 ARG n 
1 115 CYS n 
1 116 LYS n 
1 117 GLY n 
1 118 THR n 
1 119 ASP n 
1 120 VAL n 
1 121 GLN n 
1 122 ALA n 
1 123 TRP n 
1 124 ILE n 
1 125 ARG n 
1 126 GLY n 
1 127 CYS n 
1 128 ARG n 
1 129 LEU n 
# 
_entity_src_nat.entity_id                  1 
_entity_src_nat.pdbx_src_id                1 
_entity_src_nat.pdbx_alt_source_flag       sample 
_entity_src_nat.pdbx_beg_seq_num           ? 
_entity_src_nat.pdbx_end_seq_num           ? 
_entity_src_nat.common_name                bantam,chickens 
_entity_src_nat.pdbx_organism_scientific   'Gallus gallus' 
_entity_src_nat.pdbx_ncbi_taxonomy_id      9031 
_entity_src_nat.genus                      ? 
_entity_src_nat.species                    ? 
_entity_src_nat.strain                     ? 
_entity_src_nat.tissue                     ? 
_entity_src_nat.tissue_fraction            ? 
_entity_src_nat.pdbx_secretion             ? 
_entity_src_nat.pdbx_fragment              ? 
_entity_src_nat.pdbx_variant               ? 
_entity_src_nat.pdbx_cell_line             ? 
_entity_src_nat.pdbx_atcc                  ? 
_entity_src_nat.pdbx_cellular_location     ? 
_entity_src_nat.pdbx_organ                 ? 
_entity_src_nat.pdbx_organelle             ? 
_entity_src_nat.pdbx_cell                  ? 
_entity_src_nat.pdbx_plasmid_name          ? 
_entity_src_nat.pdbx_plasmid_details       ? 
_entity_src_nat.details                    ? 
# 
loop_
_chem_comp.id 
_chem_comp.type 
_chem_comp.mon_nstd_flag 
_chem_comp.name 
_chem_comp.pdbx_synonyms 
_chem_comp.formula 
_chem_comp.formula_weight 
6BP non-polymer         . 'HEXABROMOPLATINATE(IV)'     ?                       'Br6 Pt -2'      674.502  
ALA 'L-peptide linking' y ALANINE                      ?                       'C3 H7 N O2'     89.093   
ARG 'L-peptide linking' y ARGININE                     ?                       'C6 H15 N4 O2 1' 175.209  
ASN 'L-peptide linking' y ASPARAGINE                   ?                       'C4 H8 N2 O3'    132.118  
ASP 'L-peptide linking' y 'ASPARTIC ACID'              ?                       'C4 H7 N O4'     133.103  
BR  non-polymer         . 'BROMIDE ION'                ?                       'Br -1'          79.904   
CL  non-polymer         . 'CHLORIDE ION'               ?                       'Cl -1'          35.453   
CYS 'L-peptide linking' y CYSTEINE                     ?                       'C3 H7 N O2 S'   121.158  
GLN 'L-peptide linking' y GLUTAMINE                    ?                       'C5 H10 N2 O3'   146.144  
GLU 'L-peptide linking' y 'GLUTAMIC ACID'              ?                       'C5 H9 N O4'     147.129  
GLY 'peptide linking'   y GLYCINE                      ?                       'C2 H5 N O2'     75.067   
HIS 'L-peptide linking' y HISTIDINE                    ?                       'C6 H10 N3 O2 1' 156.162  
HOH non-polymer         . WATER                        ?                       'H2 O'           18.015   
ILE 'L-peptide linking' y ISOLEUCINE                   ?                       'C6 H13 N O2'    131.173  
LEU 'L-peptide linking' y LEUCINE                      ?                       'C6 H13 N O2'    131.173  
LYS 'L-peptide linking' y LYSINE                       ?                       'C6 H15 N2 O2 1' 147.195  
MET 'L-peptide linking' y METHIONINE                   ?                       'C5 H11 N O2 S'  149.211  
NA  non-polymer         . 'SODIUM ION'                 ?                       'Na 1'           22.990   
PHE 'L-peptide linking' y PHENYLALANINE                ?                       'C9 H11 N O2'    165.189  
PRO 'L-peptide linking' y PROLINE                      ?                       'C5 H9 N O2'     115.130  
SER 'L-peptide linking' y SERINE                       ?                       'C3 H7 N O3'     105.093  
TBR non-polymer         . 'HEXATANTALUM DODECABROMIDE' DODECABROMOHEXATANTALUM 'Br12 Ta6'       2044.535 
THR 'L-peptide linking' y THREONINE                    ?                       'C4 H9 N O3'     119.119  
TRP 'L-peptide linking' y TRYPTOPHAN                   ?                       'C11 H12 N2 O2'  204.225  
TYR 'L-peptide linking' y TYROSINE                     ?                       'C9 H11 N O3'    181.189  
VAL 'L-peptide linking' y VALINE                       ?                       'C5 H11 N O2'    117.146  
# 
loop_
_pdbx_poly_seq_scheme.asym_id 
_pdbx_poly_seq_scheme.entity_id 
_pdbx_poly_seq_scheme.seq_id 
_pdbx_poly_seq_scheme.mon_id 
_pdbx_poly_seq_scheme.ndb_seq_num 
_pdbx_poly_seq_scheme.pdb_seq_num 
_pdbx_poly_seq_scheme.auth_seq_num 
_pdbx_poly_seq_scheme.pdb_mon_id 
_pdbx_poly_seq_scheme.auth_mon_id 
_pdbx_poly_seq_scheme.pdb_strand_id 
_pdbx_poly_seq_scheme.pdb_ins_code 
_pdbx_poly_seq_scheme.hetero 
A 1 1   LYS 1   1   1   LYS LYS A . n 
A 1 2   VAL 2   2   2   VAL VAL A . n 
A 1 3   PHE 3   3   3   PHE PHE A . n 
A 1 4   GLY 4   4   4   GLY GLY A . n 
A 1 5   ARG 5   5   5   ARG ARG A . n 
A 1 6   CYS 6   6   6   CYS CYS A . n 
A 1 7   GLU 7   7   7   GLU GLU A . n 
A 1 8   LEU 8   8   8   LEU LEU A . n 
A 1 9   ALA 9   9   9   ALA ALA A . n 
A 1 10  ALA 10  10  10  ALA ALA A . n 
A 1 11  ALA 11  11  11  ALA ALA A . n 
A 1 12  MET 12  12  12  MET MET A . n 
A 1 13  LYS 13  13  13  LYS LYS A . n 
A 1 14  ARG 14  14  14  ARG ARG A . n 
A 1 15  HIS 15  15  15  HIS HIS A . n 
A 1 16  GLY 16  16  16  GLY GLY A . n 
A 1 17  LEU 17  17  17  LEU LEU A . n 
A 1 18  ASP 18  18  18  ASP ASP A . n 
A 1 19  ASN 19  19  19  ASN ASN A . n 
A 1 20  TYR 20  20  20  TYR TYR A . n 
A 1 21  ARG 21  21  21  ARG ARG A . n 
A 1 22  GLY 22  22  22  GLY GLY A . n 
A 1 23  TYR 23  23  23  TYR TYR A . n 
A 1 24  SER 24  24  24  SER SER A . n 
A 1 25  LEU 25  25  25  LEU LEU A . n 
A 1 26  GLY 26  26  26  GLY GLY A . n 
A 1 27  ASN 27  27  27  ASN ASN A . n 
A 1 28  TRP 28  28  28  TRP TRP A . n 
A 1 29  VAL 29  29  29  VAL VAL A . n 
A 1 30  CYS 30  30  30  CYS CYS A . n 
A 1 31  ALA 31  31  31  ALA ALA A . n 
A 1 32  ALA 32  32  32  ALA ALA A . n 
A 1 33  LYS 33  33  33  LYS LYS A . n 
A 1 34  PHE 34  34  34  PHE PHE A . n 
A 1 35  GLU 35  35  35  GLU GLU A . n 
A 1 36  SER 36  36  36  SER SER A . n 
A 1 37  ASN 37  37  37  ASN ASN A . n 
A 1 38  PHE 38  38  38  PHE PHE A . n 
A 1 39  ASN 39  39  39  ASN ASN A . n 
A 1 40  THR 40  40  40  THR THR A . n 
A 1 41  GLN 41  41  41  GLN GLN A . n 
A 1 42  ALA 42  42  42  ALA ALA A . n 
A 1 43  THR 43  43  43  THR THR A . n 
A 1 44  ASN 44  44  44  ASN ASN A . n 
A 1 45  ARG 45  45  45  ARG ARG A . n 
A 1 46  ASN 46  46  46  ASN ASN A . n 
A 1 47  THR 47  47  47  THR THR A . n 
A 1 48  ASP 48  48  48  ASP ASP A . n 
A 1 49  GLY 49  49  49  GLY GLY A . n 
A 1 50  SER 50  50  50  SER SER A . n 
A 1 51  THR 51  51  51  THR THR A . n 
A 1 52  ASP 52  52  52  ASP ASP A . n 
A 1 53  TYR 53  53  53  TYR TYR A . n 
A 1 54  GLY 54  54  54  GLY GLY A . n 
A 1 55  ILE 55  55  55  ILE ILE A . n 
A 1 56  LEU 56  56  56  LEU LEU A . n 
A 1 57  GLN 57  57  57  GLN GLN A . n 
A 1 58  ILE 58  58  58  ILE ILE A . n 
A 1 59  ASN 59  59  59  ASN ASN A . n 
A 1 60  SER 60  60  60  SER SER A . n 
A 1 61  ARG 61  61  61  ARG ARG A . n 
A 1 62  TRP 62  62  62  TRP TRP A . n 
A 1 63  TRP 63  63  63  TRP TRP A . n 
A 1 64  CYS 64  64  64  CYS CYS A . n 
A 1 65  ASN 65  65  65  ASN ASN A . n 
A 1 66  ASP 66  66  66  ASP ASP A . n 
A 1 67  GLY 67  67  67  GLY GLY A . n 
A 1 68  ARG 68  68  68  ARG ARG A . n 
A 1 69  THR 69  69  69  THR THR A . n 
A 1 70  PRO 70  70  70  PRO PRO A . n 
A 1 71  GLY 71  71  71  GLY GLY A . n 
A 1 72  SER 72  72  72  SER SER A . n 
A 1 73  ARG 73  73  73  ARG ARG A . n 
A 1 74  ASN 74  74  74  ASN ASN A . n 
A 1 75  LEU 75  75  75  LEU LEU A . n 
A 1 76  CYS 76  76  76  CYS CYS A . n 
A 1 77  ASN 77  77  77  ASN ASN A . n 
A 1 78  ILE 78  78  78  ILE ILE A . n 
A 1 79  PRO 79  79  79  PRO PRO A . n 
A 1 80  CYS 80  80  80  CYS CYS A . n 
A 1 81  SER 81  81  81  SER SER A . n 
A 1 82  ALA 82  82  82  ALA ALA A . n 
A 1 83  LEU 83  83  83  LEU LEU A . n 
A 1 84  LEU 84  84  84  LEU LEU A . n 
A 1 85  SER 85  85  85  SER SER A . n 
A 1 86  SER 86  86  86  SER SER A . n 
A 1 87  ASP 87  87  87  ASP ASP A . n 
A 1 88  ILE 88  88  88  ILE ILE A . n 
A 1 89  THR 89  89  89  THR THR A . n 
A 1 90  ALA 90  90  90  ALA ALA A . n 
A 1 91  SER 91  91  91  SER SER A . n 
A 1 92  VAL 92  92  92  VAL VAL A . n 
A 1 93  ASN 93  93  93  ASN ASN A . n 
A 1 94  CYS 94  94  94  CYS CYS A . n 
A 1 95  ALA 95  95  95  ALA ALA A . n 
A 1 96  LYS 96  96  96  LYS LYS A . n 
A 1 97  LYS 97  97  97  LYS LYS A . n 
A 1 98  ILE 98  98  98  ILE ILE A . n 
A 1 99  VAL 99  99  99  VAL VAL A . n 
A 1 100 SER 100 100 100 SER SER A . n 
A 1 101 ASP 101 101 101 ASP ASP A . n 
A 1 102 GLY 102 102 102 GLY GLY A . n 
A 1 103 ASN 103 103 103 ASN ASN A . n 
A 1 104 GLY 104 104 104 GLY GLY A . n 
A 1 105 MET 105 105 105 MET MET A . n 
A 1 106 ASN 106 106 106 ASN ASN A . n 
A 1 107 ALA 107 107 107 ALA ALA A . n 
A 1 108 TRP 108 108 108 TRP TRP A . n 
A 1 109 VAL 109 109 109 VAL VAL A . n 
A 1 110 ALA 110 110 110 ALA ALA A . n 
A 1 111 TRP 111 111 111 TRP TRP A . n 
A 1 112 ARG 112 112 112 ARG ARG A . n 
A 1 113 ASN 113 113 113 ASN ASN A . n 
A 1 114 ARG 114 114 114 ARG ARG A . n 
A 1 115 CYS 115 115 115 CYS CYS A . n 
A 1 116 LYS 116 116 116 LYS LYS A . n 
A 1 117 GLY 117 117 117 GLY GLY A . n 
A 1 118 THR 118 118 118 THR THR A . n 
A 1 119 ASP 119 119 119 ASP ASP A . n 
A 1 120 VAL 120 120 120 VAL VAL A . n 
A 1 121 GLN 121 121 121 GLN GLN A . n 
A 1 122 ALA 122 122 122 ALA ALA A . n 
A 1 123 TRP 123 123 123 TRP TRP A . n 
A 1 124 ILE 124 124 124 ILE ILE A . n 
A 1 125 ARG 125 125 125 ARG ARG A . n 
A 1 126 GLY 126 126 126 GLY GLY A . n 
A 1 127 CYS 127 127 127 CYS CYS A . n 
A 1 128 ARG 128 128 128 ARG ARG A . n 
A 1 129 LEU 129 129 129 LEU LEU A . n 
# 
loop_
_pdbx_nonpoly_scheme.asym_id 
_pdbx_nonpoly_scheme.entity_id 
_pdbx_nonpoly_scheme.mon_id 
_pdbx_nonpoly_scheme.ndb_seq_num 
_pdbx_nonpoly_scheme.pdb_seq_num 
_pdbx_nonpoly_scheme.auth_seq_num 
_pdbx_nonpoly_scheme.pdb_mon_id 
_pdbx_nonpoly_scheme.auth_mon_id 
_pdbx_nonpoly_scheme.pdb_strand_id 
_pdbx_nonpoly_scheme.pdb_ins_code 
B 2 TBR 1  201 201 TBR TBR A . 
C 2 TBR 1  202 202 TBR TBR A . 
D 3 6BP 1  203 203 6BP 6BP A . 
E 3 6BP 1  204 204 6BP 6BP A . 
F 4 BR  1  205 208 BR  BR  A . 
G 5 CL  1  206 209 CL  CL  A . 
H 5 CL  1  207 210 CL  CL  A . 
I 5 CL  1  208 211 CL  CL  A . 
J 6 NA  1  209 212 NA  NA  A . 
K 5 CL  1  210 213 CL  CL  A . 
L 5 CL  1  211 214 CL  CL  A . 
M 5 CL  1  212 215 CL  CL  A . 
N 6 NA  1  213 216 NA  NA  A . 
O 5 CL  1  214 219 CL  CL  A . 
P 5 CL  1  215 222 CL  CL  A . 
Q 5 CL  1  216 223 CL  CL  A . 
R 5 CL  1  217 224 CL  CL  A . 
S 5 CL  1  218 225 CL  CL  A . 
T 5 CL  1  219 226 CL  CL  A . 
U 7 HOH 1  301 227 HOH HOH A . 
U 7 HOH 2  302 228 HOH HOH A . 
U 7 HOH 3  303 301 HOH HOH A . 
U 7 HOH 4  304 302 HOH HOH A . 
U 7 HOH 5  305 303 HOH HOH A . 
U 7 HOH 6  306 304 HOH HOH A . 
U 7 HOH 7  307 305 HOH HOH A . 
U 7 HOH 8  308 306 HOH HOH A . 
U 7 HOH 9  309 307 HOH HOH A . 
U 7 HOH 10 310 308 HOH HOH A . 
U 7 HOH 11 311 309 HOH HOH A . 
U 7 HOH 12 312 310 HOH HOH A . 
U 7 HOH 13 313 311 HOH HOH A . 
U 7 HOH 14 314 312 HOH HOH A . 
U 7 HOH 15 315 313 HOH HOH A . 
U 7 HOH 16 316 314 HOH HOH A . 
U 7 HOH 17 317 315 HOH HOH A . 
U 7 HOH 18 318 316 HOH HOH A . 
U 7 HOH 19 319 317 HOH HOH A . 
U 7 HOH 20 320 318 HOH HOH A . 
U 7 HOH 21 321 319 HOH HOH A . 
U 7 HOH 22 322 320 HOH HOH A . 
U 7 HOH 23 323 321 HOH HOH A . 
U 7 HOH 24 324 322 HOH HOH A . 
U 7 HOH 25 325 323 HOH HOH A . 
U 7 HOH 26 326 324 HOH HOH A . 
U 7 HOH 27 327 325 HOH HOH A . 
U 7 HOH 28 328 326 HOH HOH A . 
U 7 HOH 29 329 327 HOH HOH A . 
U 7 HOH 30 330 328 HOH HOH A . 
U 7 HOH 31 331 329 HOH HOH A . 
U 7 HOH 32 332 330 HOH HOH A . 
U 7 HOH 33 333 331 HOH HOH A . 
U 7 HOH 34 334 332 HOH HOH A . 
U 7 HOH 35 335 333 HOH HOH A . 
U 7 HOH 36 336 334 HOH HOH A . 
U 7 HOH 37 337 335 HOH HOH A . 
U 7 HOH 38 338 336 HOH HOH A . 
U 7 HOH 39 339 337 HOH HOH A . 
U 7 HOH 40 340 338 HOH HOH A . 
U 7 HOH 41 341 339 HOH HOH A . 
U 7 HOH 42 342 340 HOH HOH A . 
U 7 HOH 43 343 341 HOH HOH A . 
U 7 HOH 44 344 342 HOH HOH A . 
U 7 HOH 45 345 343 HOH HOH A . 
U 7 HOH 46 346 344 HOH HOH A . 
U 7 HOH 47 347 345 HOH HOH A . 
U 7 HOH 48 348 346 HOH HOH A . 
U 7 HOH 49 349 347 HOH HOH A . 
U 7 HOH 50 350 348 HOH HOH A . 
U 7 HOH 51 351 349 HOH HOH A . 
U 7 HOH 52 352 350 HOH HOH A . 
U 7 HOH 53 353 351 HOH HOH A . 
U 7 HOH 54 354 352 HOH HOH A . 
U 7 HOH 55 355 353 HOH HOH A . 
U 7 HOH 56 356 354 HOH HOH A . 
U 7 HOH 57 357 355 HOH HOH A . 
U 7 HOH 58 358 356 HOH HOH A . 
U 7 HOH 59 359 357 HOH HOH A . 
U 7 HOH 60 360 358 HOH HOH A . 
U 7 HOH 61 361 359 HOH HOH A . 
U 7 HOH 62 362 360 HOH HOH A . 
U 7 HOH 63 363 361 HOH HOH A . 
U 7 HOH 64 364 362 HOH HOH A . 
U 7 HOH 65 365 363 HOH HOH A . 
U 7 HOH 66 366 364 HOH HOH A . 
U 7 HOH 67 367 365 HOH HOH A . 
U 7 HOH 68 368 366 HOH HOH A . 
U 7 HOH 69 369 367 HOH HOH A . 
U 7 HOH 70 370 368 HOH HOH A . 
U 7 HOH 71 371 369 HOH HOH A . 
U 7 HOH 72 372 370 HOH HOH A . 
U 7 HOH 73 373 371 HOH HOH A . 
U 7 HOH 74 374 372 HOH HOH A . 
U 7 HOH 75 375 373 HOH HOH A . 
U 7 HOH 76 376 374 HOH HOH A . 
U 7 HOH 77 377 375 HOH HOH A . 
U 7 HOH 78 378 376 HOH HOH A . 
U 7 HOH 79 379 377 HOH HOH A . 
U 7 HOH 80 380 378 HOH HOH A . 
U 7 HOH 81 381 379 HOH HOH A . 
U 7 HOH 82 382 380 HOH HOH A . 
# 
loop_
_pdbx_unobs_or_zero_occ_atoms.id 
_pdbx_unobs_or_zero_occ_atoms.PDB_model_num 
_pdbx_unobs_or_zero_occ_atoms.polymer_flag 
_pdbx_unobs_or_zero_occ_atoms.occupancy_flag 
_pdbx_unobs_or_zero_occ_atoms.auth_asym_id 
_pdbx_unobs_or_zero_occ_atoms.auth_comp_id 
_pdbx_unobs_or_zero_occ_atoms.auth_seq_id 
_pdbx_unobs_or_zero_occ_atoms.PDB_ins_code 
_pdbx_unobs_or_zero_occ_atoms.auth_atom_id 
_pdbx_unobs_or_zero_occ_atoms.label_alt_id 
_pdbx_unobs_or_zero_occ_atoms.label_asym_id 
_pdbx_unobs_or_zero_occ_atoms.label_comp_id 
_pdbx_unobs_or_zero_occ_atoms.label_seq_id 
_pdbx_unobs_or_zero_occ_atoms.label_atom_id 
1 1 N 1 A TBR 202 ? BR1 ? C TBR 1 BR1 
2 1 N 1 A TBR 202 ? BR3 ? C TBR 1 BR3 
3 1 N 1 A TBR 202 ? BR6 ? C TBR 1 BR6 
4 1 N 1 A 6BP 203 ? BR4 ? D 6BP 1 BR4 
5 1 N 1 A 6BP 204 ? BR4 ? E 6BP 1 BR4 
6 1 N 1 A 6BP 204 ? BR5 ? E 6BP 1 BR5 
# 
loop_
_software.name 
_software.classification 
_software.version 
_software.citation_id 
_software.pdbx_ordinal 
PHASER phasing          .        ? 1 
REFMAC refinement       5.7.0032 ? 2 
SAINT  'data reduction' .        ? 3 
# 
_cell.entry_id           4R6C 
_cell.length_a           79.070 
_cell.length_b           79.070 
_cell.length_c           37.235 
_cell.angle_alpha        90.00 
_cell.angle_beta         90.00 
_cell.angle_gamma        90.00 
_cell.Z_PDB              8 
_cell.pdbx_unique_axis   ? 
_cell.length_a_esd       ? 
_cell.length_b_esd       ? 
_cell.length_c_esd       ? 
_cell.angle_alpha_esd    ? 
_cell.angle_beta_esd     ? 
_cell.angle_gamma_esd    ? 
# 
_symmetry.entry_id                         4R6C 
_symmetry.space_group_name_H-M             'P 43 21 2' 
_symmetry.pdbx_full_space_group_name_H-M   ? 
_symmetry.cell_setting                     ? 
_symmetry.Int_Tables_number                96 
_symmetry.space_group_name_Hall            ? 
# 
_exptl.entry_id          4R6C 
_exptl.method            'X-RAY DIFFRACTION' 
_exptl.crystals_number   ? 
# 
_exptl_crystal.id                    1 
_exptl_crystal.density_meas          ? 
_exptl_crystal.density_Matthews      2.03 
_exptl_crystal.density_percent_sol   39.42 
_exptl_crystal.description           ? 
_exptl_crystal.F_000                 ? 
_exptl_crystal.preparation           ? 
# 
_exptl_crystal_grow.crystal_id      1 
_exptl_crystal_grow.method          Batch 
_exptl_crystal_grow.temp            293 
_exptl_crystal_grow.temp_details    ? 
_exptl_crystal_grow.pH              4.5 
_exptl_crystal_grow.pdbx_pH_range   ? 
_exptl_crystal_grow.pdbx_details    'NaCl; Ta6Br12 2mM. A crystal was soaked in K2PtBr6 10mM., pH 4.5, Batch, temperature 293K' 
# 
_diffrn.id                     1 
_diffrn.ambient_temp           100 
_diffrn.ambient_temp_details   ? 
_diffrn.crystal_id             1 
# 
_diffrn_detector.diffrn_id              1 
_diffrn_detector.detector               CCD 
_diffrn_detector.type                   'APEX II CCD' 
_diffrn_detector.pdbx_collection_date   ? 
_diffrn_detector.details                2010-08-15 
# 
_diffrn_radiation.diffrn_id                        1 
_diffrn_radiation.wavelength_id                    1 
_diffrn_radiation.pdbx_monochromatic_or_laue_m_l   M 
_diffrn_radiation.monochromator                    Graphite 
_diffrn_radiation.pdbx_diffrn_protocol             'SINGLE WAVELENGTH' 
_diffrn_radiation.pdbx_scattering_type             x-ray 
# 
_diffrn_radiation_wavelength.id           1 
_diffrn_radiation_wavelength.wavelength   1.5418 
_diffrn_radiation_wavelength.wt           1.0 
# 
_diffrn_source.diffrn_id                   1 
_diffrn_source.source                      'ROTATING ANODE' 
_diffrn_source.type                        'Cu FINE FOCUS' 
_diffrn_source.pdbx_synchrotron_site       ? 
_diffrn_source.pdbx_synchrotron_beamline   ? 
_diffrn_source.pdbx_wavelength             ? 
_diffrn_source.pdbx_wavelength_list        1.5418 
# 
_reflns.pdbx_diffrn_id               1 
_reflns.pdbx_ordinal                 1 
_reflns.entry_id                     4R6C 
_reflns.observed_criterion_sigma_I   ? 
_reflns.observed_criterion_sigma_F   ? 
_reflns.d_resolution_low             25.02 
_reflns.d_resolution_high            1.70 
_reflns.number_obs                   24843 
_reflns.number_all                   ? 
_reflns.percent_possible_obs         99.97 
_reflns.pdbx_Rmerge_I_obs            0.049 
_reflns.pdbx_Rsym_value              ? 
_reflns.pdbx_netI_over_sigmaI        ? 
_reflns.B_iso_Wilson_estimate        ? 
_reflns.pdbx_redundancy              6.8 
_reflns.R_free_details               ? 
_reflns.limit_h_max                  ? 
_reflns.limit_h_min                  ? 
_reflns.limit_k_max                  ? 
_reflns.limit_k_min                  ? 
_reflns.limit_l_max                  ? 
_reflns.limit_l_min                  ? 
_reflns.observed_criterion_F_max     ? 
_reflns.observed_criterion_F_min     ? 
_reflns.pdbx_chi_squared             ? 
_reflns.pdbx_scaling_rejects         ? 
# 
_refine.pdbx_refine_id                           'X-RAY DIFFRACTION' 
_refine.entry_id                                 4R6C 
_refine.pdbx_diffrn_id                           1 
_refine.pdbx_TLS_residual_ADP_flag               ? 
_refine.ls_number_reflns_obs                     12623 
_refine.ls_number_reflns_all                     ? 
_refine.pdbx_ls_sigma_I                          ? 
_refine.pdbx_ls_sigma_F                          . 
_refine.pdbx_data_cutoff_high_absF               ? 
_refine.pdbx_data_cutoff_low_absF                ? 
_refine.pdbx_data_cutoff_high_rms_absF           ? 
_refine.ls_d_res_low                             22.36 
_refine.ls_d_res_high                            1.70 
_refine.ls_percent_reflns_obs                    98.70 
_refine.ls_R_factor_obs                          0.18260 
_refine.ls_R_factor_all                          ? 
_refine.ls_R_factor_R_work                       0.18002 
_refine.ls_R_factor_R_free                       0.23046 
_refine.ls_R_factor_R_free_error                 ? 
_refine.ls_R_factor_R_free_error_details         ? 
_refine.ls_percent_reflns_R_free                 5.2 
_refine.ls_number_reflns_R_free                  691 
_refine.ls_number_parameters                     ? 
_refine.ls_number_restraints                     ? 
_refine.occupancy_min                            ? 
_refine.occupancy_max                            ? 
_refine.correlation_coeff_Fo_to_Fc               0.955 
_refine.correlation_coeff_Fo_to_Fc_free          0.930 
_refine.B_iso_mean                               19.147 
_refine.aniso_B[1][1]                            -0.00 
_refine.aniso_B[2][2]                            -0.00 
_refine.aniso_B[3][3]                            0.00 
_refine.aniso_B[1][2]                            -0.00 
_refine.aniso_B[1][3]                            -0.00 
_refine.aniso_B[2][3]                            -0.00 
_refine.solvent_model_details                    MASK 
_refine.solvent_model_param_ksol                 ? 
_refine.solvent_model_param_bsol                 ? 
_refine.pdbx_solvent_vdw_probe_radii             1.20 
_refine.pdbx_solvent_ion_probe_radii             0.80 
_refine.pdbx_solvent_shrinkage_radii             0.80 
_refine.pdbx_ls_cross_valid_method               THROUGHOUT 
_refine.details                                  'HYDROGENS HAVE BEEN ADDED IN THE RIDING POSITIONS' 
_refine.pdbx_starting_model                      ? 
_refine.pdbx_method_to_determine_struct          'MOLECULAR REPLACEMENT' 
_refine.pdbx_isotropic_thermal_model             ? 
_refine.pdbx_stereochemistry_target_values       'MAXIMUM LIKELIHOOD' 
_refine.pdbx_stereochem_target_val_spec_case     ? 
_refine.pdbx_R_Free_selection_details            RANDOM 
_refine.pdbx_overall_ESU_R                       0.118 
_refine.pdbx_overall_ESU_R_Free                  0.120 
_refine.overall_SU_ML                            0.076 
_refine.pdbx_overall_phase_error                 ? 
_refine.overall_SU_B                             2.314 
_refine.overall_SU_R_Cruickshank_DPI             ? 
_refine.pdbx_overall_SU_R_free_Cruickshank_DPI   ? 
_refine.pdbx_overall_SU_R_Blow_DPI               ? 
_refine.pdbx_overall_SU_R_free_Blow_DPI          ? 
_refine.ls_redundancy_reflns_obs                 ? 
_refine.B_iso_min                                ? 
_refine.B_iso_max                                ? 
_refine.overall_SU_R_free                        ? 
_refine.ls_wR_factor_R_free                      ? 
_refine.ls_wR_factor_R_work                      ? 
_refine.overall_FOM_free_R_set                   ? 
_refine.overall_FOM_work_R_set                   ? 
# 
_refine_hist.pdbx_refine_id                   'X-RAY DIFFRACTION' 
_refine_hist.cycle_id                         LAST 
_refine_hist.pdbx_number_atoms_protein        1001 
_refine_hist.pdbx_number_atoms_nucleic_acid   0 
_refine_hist.pdbx_number_atoms_ligand         59 
_refine_hist.number_atoms_solvent             82 
_refine_hist.number_atoms_total               1142 
_refine_hist.d_res_high                       1.70 
_refine_hist.d_res_low                        22.36 
# 
loop_
_refine_ls_restr.type 
_refine_ls_restr.dev_ideal 
_refine_ls_restr.dev_ideal_target 
_refine_ls_restr.weight 
_refine_ls_restr.number 
_refine_ls_restr.pdbx_refine_id 
_refine_ls_restr.pdbx_restraint_function 
r_bond_refined_d             0.024  0.020  ? 1092 'X-RAY DIFFRACTION' ? 
r_bond_other_d               0.001  0.020  ? 949  'X-RAY DIFFRACTION' ? 
r_angle_refined_deg          2.229  2.060  ? 1621 'X-RAY DIFFRACTION' ? 
r_angle_other_deg            1.046  3.007  ? 2149 'X-RAY DIFFRACTION' ? 
r_dihedral_angle_1_deg       6.553  5.000  ? 128  'X-RAY DIFFRACTION' ? 
r_dihedral_angle_2_deg       38.156 23.000 ? 50   'X-RAY DIFFRACTION' ? 
r_dihedral_angle_3_deg       13.931 15.000 ? 166  'X-RAY DIFFRACTION' ? 
r_dihedral_angle_4_deg       23.393 15.000 ? 11   'X-RAY DIFFRACTION' ? 
r_chiral_restr               0.153  0.200  ? 144  'X-RAY DIFFRACTION' ? 
r_gen_planes_refined         0.010  0.020  ? 1206 'X-RAY DIFFRACTION' ? 
r_gen_planes_other           0.001  0.020  ? 271  'X-RAY DIFFRACTION' ? 
r_nbd_refined                ?      ?      ? ?    'X-RAY DIFFRACTION' ? 
r_nbd_other                  ?      ?      ? ?    'X-RAY DIFFRACTION' ? 
r_nbtor_refined              ?      ?      ? ?    'X-RAY DIFFRACTION' ? 
r_nbtor_other                ?      ?      ? ?    'X-RAY DIFFRACTION' ? 
r_xyhbond_nbd_refined        ?      ?      ? ?    'X-RAY DIFFRACTION' ? 
r_xyhbond_nbd_other          ?      ?      ? ?    'X-RAY DIFFRACTION' ? 
r_metal_ion_refined          ?      ?      ? ?    'X-RAY DIFFRACTION' ? 
r_metal_ion_other            ?      ?      ? ?    'X-RAY DIFFRACTION' ? 
r_symmetry_vdw_refined       ?      ?      ? ?    'X-RAY DIFFRACTION' ? 
r_symmetry_vdw_other         ?      ?      ? ?    'X-RAY DIFFRACTION' ? 
r_symmetry_hbond_refined     ?      ?      ? ?    'X-RAY DIFFRACTION' ? 
r_symmetry_hbond_other       ?      ?      ? ?    'X-RAY DIFFRACTION' ? 
r_symmetry_metal_ion_refined ?      ?      ? ?    'X-RAY DIFFRACTION' ? 
r_symmetry_metal_ion_other   ?      ?      ? ?    'X-RAY DIFFRACTION' ? 
r_mcbond_it                  1.887  1.586  ? 515  'X-RAY DIFFRACTION' ? 
r_mcbond_other               1.830  1.577  ? 514  'X-RAY DIFFRACTION' ? 
r_mcangle_it                 2.960  2.373  ? 642  'X-RAY DIFFRACTION' ? 
r_mcangle_other              2.889  2.403  ? 643  'X-RAY DIFFRACTION' ? 
r_scbond_it                  3.965  2.114  ? 577  'X-RAY DIFFRACTION' ? 
r_scbond_other               2.949  2.020  ? 510  'X-RAY DIFFRACTION' ? 
r_scangle_it                 ?      ?      ? ?    'X-RAY DIFFRACTION' ? 
r_scangle_other              4.974  2.895  ? 747  'X-RAY DIFFRACTION' ? 
r_long_range_B_refined       7.789  14.746 ? 1313 'X-RAY DIFFRACTION' ? 
r_long_range_B_other         7.545  14.504 ? 1281 'X-RAY DIFFRACTION' ? 
r_rigid_bond_restr           ?      ?      ? ?    'X-RAY DIFFRACTION' ? 
r_sphericity_free            ?      ?      ? ?    'X-RAY DIFFRACTION' ? 
r_sphericity_bonded          ?      ?      ? ?    'X-RAY DIFFRACTION' ? 
# 
_refine_ls_shell.pdbx_refine_id                   'X-RAY DIFFRACTION' 
_refine_ls_shell.pdbx_total_number_of_bins_used   20 
_refine_ls_shell.d_res_high                       1.700 
_refine_ls_shell.d_res_low                        1.744 
_refine_ls_shell.number_reflns_R_work             874 
_refine_ls_shell.R_factor_R_work                  0.214 
_refine_ls_shell.percent_reflns_obs               97.06 
_refine_ls_shell.R_factor_R_free                  0.307 
_refine_ls_shell.R_factor_R_free_error            ? 
_refine_ls_shell.percent_reflns_R_free            ? 
_refine_ls_shell.number_reflns_R_free             52 
_refine_ls_shell.number_reflns_all                ? 
_refine_ls_shell.R_factor_all                     ? 
_refine_ls_shell.redundancy_reflns_obs            ? 
_refine_ls_shell.number_reflns_obs                ? 
# 
_struct.entry_id                  4R6C 
_struct.title                     
;X-ray diffraction in temporally and spatially resolved biomolecular science: the X-ray crystal structure of hen egg white lysozyme cocrystallized with Ta6Br12 and then a crystal soaked in K2PtBr6
;
_struct.pdbx_model_details        ? 
_struct.pdbx_CASP_flag            ? 
_struct.pdbx_model_type_details   ? 
# 
_struct_keywords.entry_id        4R6C 
_struct_keywords.pdbx_keywords   HYDROLASE 
_struct_keywords.text            'Ta6Br12 and PtBr6, hydrolase' 
# 
loop_
_struct_asym.id 
_struct_asym.pdbx_blank_PDB_chainid_flag 
_struct_asym.pdbx_modified 
_struct_asym.entity_id 
_struct_asym.details 
A N N 1 ? 
B N N 2 ? 
C N N 2 ? 
D N N 3 ? 
E N N 3 ? 
F N N 4 ? 
G N N 5 ? 
H N N 5 ? 
I N N 5 ? 
J N N 6 ? 
K N N 5 ? 
L N N 5 ? 
M N N 5 ? 
N N N 6 ? 
O N N 5 ? 
P N N 5 ? 
Q N N 5 ? 
R N N 5 ? 
S N N 5 ? 
T N N 5 ? 
U N N 7 ? 
# 
_struct_ref.id                         1 
_struct_ref.db_name                    UNP 
_struct_ref.db_code                    LYSC_CHICK 
_struct_ref.pdbx_db_accession          P00698 
_struct_ref.entity_id                  1 
_struct_ref.pdbx_seq_one_letter_code   
;KVFGRCELAAAMKRHGLDNYRGYSLGNWVCAAKFESNFNTQATNRNTDGSTDYGILQINSRWWCNDGRTPGSRNLCNIPC
SALLSSDITASVNCAKKIVSDGNGMNAWVAWRNRCKGTDVQAWIRGCRL
;
_struct_ref.pdbx_align_begin           19 
_struct_ref.pdbx_db_isoform            ? 
# 
_struct_ref_seq.align_id                      1 
_struct_ref_seq.ref_id                        1 
_struct_ref_seq.pdbx_PDB_id_code              4R6C 
_struct_ref_seq.pdbx_strand_id                A 
_struct_ref_seq.seq_align_beg                 1 
_struct_ref_seq.pdbx_seq_align_beg_ins_code   ? 
_struct_ref_seq.seq_align_end                 129 
_struct_ref_seq.pdbx_seq_align_end_ins_code   ? 
_struct_ref_seq.pdbx_db_accession             P00698 
_struct_ref_seq.db_align_beg                  19 
_struct_ref_seq.pdbx_db_align_beg_ins_code    ? 
_struct_ref_seq.db_align_end                  147 
_struct_ref_seq.pdbx_db_align_end_ins_code    ? 
_struct_ref_seq.pdbx_auth_seq_align_beg       1 
_struct_ref_seq.pdbx_auth_seq_align_end       129 
# 
_pdbx_struct_assembly.id                   1 
_pdbx_struct_assembly.details              author_and_software_defined_assembly 
_pdbx_struct_assembly.method_details       PISA 
_pdbx_struct_assembly.oligomeric_details   monomeric 
_pdbx_struct_assembly.oligomeric_count     1 
# 
_pdbx_struct_assembly_gen.assembly_id       1 
_pdbx_struct_assembly_gen.oper_expression   1 
_pdbx_struct_assembly_gen.asym_id_list      A,B,C,D,E,F,G,H,I,J,K,L,M,N,O,P,Q,R,S,T,U 
# 
_pdbx_struct_oper_list.id                   1 
_pdbx_struct_oper_list.type                 'identity operation' 
_pdbx_struct_oper_list.name                 1_555 
_pdbx_struct_oper_list.symmetry_operation   x,y,z 
_pdbx_struct_oper_list.matrix[1][1]         1.0000000000 
_pdbx_struct_oper_list.matrix[1][2]         0.0000000000 
_pdbx_struct_oper_list.matrix[1][3]         0.0000000000 
_pdbx_struct_oper_list.vector[1]            0.0000000000 
_pdbx_struct_oper_list.matrix[2][1]         0.0000000000 
_pdbx_struct_oper_list.matrix[2][2]         1.0000000000 
_pdbx_struct_oper_list.matrix[2][3]         0.0000000000 
_pdbx_struct_oper_list.vector[2]            0.0000000000 
_pdbx_struct_oper_list.matrix[3][1]         0.0000000000 
_pdbx_struct_oper_list.matrix[3][2]         0.0000000000 
_pdbx_struct_oper_list.matrix[3][3]         1.0000000000 
_pdbx_struct_oper_list.vector[3]            0.0000000000 
# 
_struct_biol.id        1 
_struct_biol.details   ? 
# 
loop_
_struct_conf.conf_type_id 
_struct_conf.id 
_struct_conf.pdbx_PDB_helix_id 
_struct_conf.beg_label_comp_id 
_struct_conf.beg_label_asym_id 
_struct_conf.beg_label_seq_id 
_struct_conf.pdbx_beg_PDB_ins_code 
_struct_conf.end_label_comp_id 
_struct_conf.end_label_asym_id 
_struct_conf.end_label_seq_id 
_struct_conf.pdbx_end_PDB_ins_code 
_struct_conf.beg_auth_comp_id 
_struct_conf.beg_auth_asym_id 
_struct_conf.beg_auth_seq_id 
_struct_conf.end_auth_comp_id 
_struct_conf.end_auth_asym_id 
_struct_conf.end_auth_seq_id 
_struct_conf.pdbx_PDB_helix_class 
_struct_conf.details 
_struct_conf.pdbx_PDB_helix_length 
HELX_P HELX_P1 1 GLY A 4   ? HIS A 15  ? GLY A 4   HIS A 15  1 ? 12 
HELX_P HELX_P2 2 ASN A 19  ? TYR A 23  ? ASN A 19  TYR A 23  5 ? 5  
HELX_P HELX_P3 3 SER A 24  ? ASN A 37  ? SER A 24  ASN A 37  1 ? 14 
HELX_P HELX_P4 4 PRO A 79  ? SER A 85  ? PRO A 79  SER A 85  5 ? 7  
HELX_P HELX_P5 5 ILE A 88  ? SER A 100 ? ILE A 88  SER A 100 1 ? 13 
HELX_P HELX_P6 6 ASN A 103 ? ALA A 107 ? ASN A 103 ALA A 107 5 ? 5  
HELX_P HELX_P7 7 TRP A 108 ? CYS A 115 ? TRP A 108 CYS A 115 1 ? 8  
HELX_P HELX_P8 8 ASP A 119 ? ARG A 125 ? ASP A 119 ARG A 125 5 ? 7  
# 
_struct_conf_type.id          HELX_P 
_struct_conf_type.criteria    ? 
_struct_conf_type.reference   ? 
# 
loop_
_struct_conn.id 
_struct_conn.conn_type_id 
_struct_conn.pdbx_leaving_atom_flag 
_struct_conn.pdbx_PDB_id 
_struct_conn.ptnr1_label_asym_id 
_struct_conn.ptnr1_label_comp_id 
_struct_conn.ptnr1_label_seq_id 
_struct_conn.ptnr1_label_atom_id 
_struct_conn.pdbx_ptnr1_label_alt_id 
_struct_conn.pdbx_ptnr1_PDB_ins_code 
_struct_conn.pdbx_ptnr1_standard_comp_id 
_struct_conn.ptnr1_symmetry 
_struct_conn.ptnr2_label_asym_id 
_struct_conn.ptnr2_label_comp_id 
_struct_conn.ptnr2_label_seq_id 
_struct_conn.ptnr2_label_atom_id 
_struct_conn.pdbx_ptnr2_label_alt_id 
_struct_conn.pdbx_ptnr2_PDB_ins_code 
_struct_conn.ptnr1_auth_asym_id 
_struct_conn.ptnr1_auth_comp_id 
_struct_conn.ptnr1_auth_seq_id 
_struct_conn.ptnr2_auth_asym_id 
_struct_conn.ptnr2_auth_comp_id 
_struct_conn.ptnr2_auth_seq_id 
_struct_conn.ptnr2_symmetry 
_struct_conn.pdbx_ptnr3_label_atom_id 
_struct_conn.pdbx_ptnr3_label_seq_id 
_struct_conn.pdbx_ptnr3_label_comp_id 
_struct_conn.pdbx_ptnr3_label_asym_id 
_struct_conn.pdbx_ptnr3_label_alt_id 
_struct_conn.pdbx_ptnr3_PDB_ins_code 
_struct_conn.details 
_struct_conn.pdbx_dist_value 
_struct_conn.pdbx_value_order 
_struct_conn.pdbx_role 
disulf1 disulf ? ? A CYS 6  SG  ? ? ? 1_555 A CYS 127 SG ? ? A CYS 6   A CYS 127 1_555 ? ? ? ? ? ? ? 2.001 ? ? 
disulf2 disulf ? ? A CYS 30 SG  ? ? ? 1_555 A CYS 115 SG ? ? A CYS 30  A CYS 115 1_555 ? ? ? ? ? ? ? 2.042 ? ? 
disulf3 disulf ? ? A CYS 64 SG  ? ? ? 1_555 A CYS 80  SG ? ? A CYS 64  A CYS 80  1_555 ? ? ? ? ? ? ? 2.027 ? ? 
disulf4 disulf ? ? A CYS 76 SG  ? ? ? 1_555 A CYS 94  SG ? ? A CYS 76  A CYS 94  1_555 ? ? ? ? ? ? ? 2.032 ? ? 
metalc1 metalc ? ? A SER 60 O   ? ? ? 1_555 J NA  .   NA ? ? A SER 60  A NA  209 1_555 ? ? ? ? ? ? ? 2.324 ? ? 
metalc2 metalc ? ? A CYS 64 O   ? ? ? 1_555 J NA  .   NA ? ? A CYS 64  A NA  209 1_555 ? ? ? ? ? ? ? 2.304 ? ? 
metalc3 metalc ? ? A ASN 65 OD1 ? ? ? 1_555 N NA  .   NA ? ? A ASN 65  A NA  213 1_555 ? ? ? ? ? ? ? 2.307 ? ? 
metalc4 metalc ? ? A SER 72 OG  ? ? ? 1_555 J NA  .   NA ? ? A SER 72  A NA  209 1_555 ? ? ? ? ? ? ? 2.636 ? ? 
metalc5 metalc ? ? A ARG 73 O   ? ? ? 1_555 J NA  .   NA ? ? A ARG 73  A NA  209 1_555 ? ? ? ? ? ? ? 2.330 ? ? 
metalc6 metalc ? ? J NA  .  NA  ? ? ? 1_555 U HOH .   O  ? ? A NA  209 A HOH 309 1_555 ? ? ? ? ? ? ? 2.335 ? ? 
metalc7 metalc ? ? J NA  .  NA  ? ? ? 1_555 U HOH .   O  ? ? A NA  209 A HOH 311 1_555 ? ? ? ? ? ? ? 2.339 ? ? 
metalc8 metalc ? ? N NA  .  NA  ? ? ? 1_555 U HOH .   O  ? ? A NA  213 A HOH 309 1_555 ? ? ? ? ? ? ? 2.380 ? ? 
metalc9 metalc ? ? N NA  .  NA  ? ? ? 1_555 U HOH .   O  ? ? A NA  213 A HOH 311 1_555 ? ? ? ? ? ? ? 2.259 ? ? 
# 
loop_
_struct_conn_type.id 
_struct_conn_type.criteria 
_struct_conn_type.reference 
disulf ? ? 
metalc ? ? 
# 
loop_
_pdbx_struct_conn_angle.id 
_pdbx_struct_conn_angle.ptnr1_label_atom_id 
_pdbx_struct_conn_angle.ptnr1_label_alt_id 
_pdbx_struct_conn_angle.ptnr1_label_asym_id 
_pdbx_struct_conn_angle.ptnr1_label_comp_id 
_pdbx_struct_conn_angle.ptnr1_label_seq_id 
_pdbx_struct_conn_angle.ptnr1_auth_atom_id 
_pdbx_struct_conn_angle.ptnr1_auth_asym_id 
_pdbx_struct_conn_angle.ptnr1_auth_comp_id 
_pdbx_struct_conn_angle.ptnr1_auth_seq_id 
_pdbx_struct_conn_angle.ptnr1_PDB_ins_code 
_pdbx_struct_conn_angle.ptnr1_symmetry 
_pdbx_struct_conn_angle.ptnr2_label_atom_id 
_pdbx_struct_conn_angle.ptnr2_label_alt_id 
_pdbx_struct_conn_angle.ptnr2_label_asym_id 
_pdbx_struct_conn_angle.ptnr2_label_comp_id 
_pdbx_struct_conn_angle.ptnr2_label_seq_id 
_pdbx_struct_conn_angle.ptnr2_auth_atom_id 
_pdbx_struct_conn_angle.ptnr2_auth_asym_id 
_pdbx_struct_conn_angle.ptnr2_auth_comp_id 
_pdbx_struct_conn_angle.ptnr2_auth_seq_id 
_pdbx_struct_conn_angle.ptnr2_PDB_ins_code 
_pdbx_struct_conn_angle.ptnr2_symmetry 
_pdbx_struct_conn_angle.ptnr3_label_atom_id 
_pdbx_struct_conn_angle.ptnr3_label_alt_id 
_pdbx_struct_conn_angle.ptnr3_label_asym_id 
_pdbx_struct_conn_angle.ptnr3_label_comp_id 
_pdbx_struct_conn_angle.ptnr3_label_seq_id 
_pdbx_struct_conn_angle.ptnr3_auth_atom_id 
_pdbx_struct_conn_angle.ptnr3_auth_asym_id 
_pdbx_struct_conn_angle.ptnr3_auth_comp_id 
_pdbx_struct_conn_angle.ptnr3_auth_seq_id 
_pdbx_struct_conn_angle.ptnr3_PDB_ins_code 
_pdbx_struct_conn_angle.ptnr3_symmetry 
_pdbx_struct_conn_angle.value 
_pdbx_struct_conn_angle.value_esd 
1  O   ? A SER 60 ? A SER 60  ? 1_555 NA ? J NA . ? A NA 209 ? 1_555 O  ? A CYS 64 ? A CYS 64  ? 1_555 85.8  ? 
2  O   ? A SER 60 ? A SER 60  ? 1_555 NA ? J NA . ? A NA 209 ? 1_555 OG ? A SER 72 ? A SER 72  ? 1_555 87.1  ? 
3  O   ? A CYS 64 ? A CYS 64  ? 1_555 NA ? J NA . ? A NA 209 ? 1_555 OG ? A SER 72 ? A SER 72  ? 1_555 165.8 ? 
4  O   ? A SER 60 ? A SER 60  ? 1_555 NA ? J NA . ? A NA 209 ? 1_555 O  ? A ARG 73 ? A ARG 73  ? 1_555 95.3  ? 
5  O   ? A CYS 64 ? A CYS 64  ? 1_555 NA ? J NA . ? A NA 209 ? 1_555 O  ? A ARG 73 ? A ARG 73  ? 1_555 93.1  ? 
6  OG  ? A SER 72 ? A SER 72  ? 1_555 NA ? J NA . ? A NA 209 ? 1_555 O  ? A ARG 73 ? A ARG 73  ? 1_555 99.8  ? 
7  O   ? A SER 60 ? A SER 60  ? 1_555 NA ? J NA . ? A NA 209 ? 1_555 O  ? U HOH .  ? A HOH 309 ? 1_555 101.9 ? 
8  O   ? A CYS 64 ? A CYS 64  ? 1_555 NA ? J NA . ? A NA 209 ? 1_555 O  ? U HOH .  ? A HOH 309 ? 1_555 95.2  ? 
9  OG  ? A SER 72 ? A SER 72  ? 1_555 NA ? J NA . ? A NA 209 ? 1_555 O  ? U HOH .  ? A HOH 309 ? 1_555 74.3  ? 
10 O   ? A ARG 73 ? A ARG 73  ? 1_555 NA ? J NA . ? A NA 209 ? 1_555 O  ? U HOH .  ? A HOH 309 ? 1_555 161.4 ? 
11 O   ? A SER 60 ? A SER 60  ? 1_555 NA ? J NA . ? A NA 209 ? 1_555 O  ? U HOH .  ? A HOH 311 ? 1_555 165.7 ? 
12 O   ? A CYS 64 ? A CYS 64  ? 1_555 NA ? J NA . ? A NA 209 ? 1_555 O  ? U HOH .  ? A HOH 311 ? 1_555 108.4 ? 
13 OG  ? A SER 72 ? A SER 72  ? 1_555 NA ? J NA . ? A NA 209 ? 1_555 O  ? U HOH .  ? A HOH 311 ? 1_555 78.7  ? 
14 O   ? A ARG 73 ? A ARG 73  ? 1_555 NA ? J NA . ? A NA 209 ? 1_555 O  ? U HOH .  ? A HOH 311 ? 1_555 85.5  ? 
15 O   ? U HOH .  ? A HOH 309 ? 1_555 NA ? J NA . ? A NA 209 ? 1_555 O  ? U HOH .  ? A HOH 311 ? 1_555 76.1  ? 
16 OD1 ? A ASN 65 ? A ASN 65  ? 1_555 NA ? N NA . ? A NA 213 ? 1_555 O  ? U HOH .  ? A HOH 309 ? 1_555 92.5  ? 
17 OD1 ? A ASN 65 ? A ASN 65  ? 1_555 NA ? N NA . ? A NA 213 ? 1_555 O  ? U HOH .  ? A HOH 311 ? 1_555 81.1  ? 
18 O   ? U HOH .  ? A HOH 309 ? 1_555 NA ? N NA . ? A NA 213 ? 1_555 O  ? U HOH .  ? A HOH 311 ? 1_555 76.7  ? 
# 
loop_
_pdbx_modification_feature.ordinal 
_pdbx_modification_feature.label_comp_id 
_pdbx_modification_feature.label_asym_id 
_pdbx_modification_feature.label_seq_id 
_pdbx_modification_feature.label_alt_id 
_pdbx_modification_feature.modified_residue_label_comp_id 
_pdbx_modification_feature.modified_residue_label_asym_id 
_pdbx_modification_feature.modified_residue_label_seq_id 
_pdbx_modification_feature.modified_residue_label_alt_id 
_pdbx_modification_feature.auth_comp_id 
_pdbx_modification_feature.auth_asym_id 
_pdbx_modification_feature.auth_seq_id 
_pdbx_modification_feature.PDB_ins_code 
_pdbx_modification_feature.symmetry 
_pdbx_modification_feature.modified_residue_auth_comp_id 
_pdbx_modification_feature.modified_residue_auth_asym_id 
_pdbx_modification_feature.modified_residue_auth_seq_id 
_pdbx_modification_feature.modified_residue_PDB_ins_code 
_pdbx_modification_feature.modified_residue_symmetry 
_pdbx_modification_feature.comp_id_linking_atom 
_pdbx_modification_feature.modified_residue_id_linking_atom 
_pdbx_modification_feature.modified_residue_id 
_pdbx_modification_feature.ref_pcm_id 
_pdbx_modification_feature.ref_comp_id 
_pdbx_modification_feature.type 
_pdbx_modification_feature.category 
1 CYS A 6  ? CYS A 127 ? CYS A 6  ? 1_555 CYS A 127 ? 1_555 SG SG . . . None 'Disulfide bridge' 
2 CYS A 30 ? CYS A 115 ? CYS A 30 ? 1_555 CYS A 115 ? 1_555 SG SG . . . None 'Disulfide bridge' 
3 CYS A 64 ? CYS A 80  ? CYS A 64 ? 1_555 CYS A 80  ? 1_555 SG SG . . . None 'Disulfide bridge' 
4 CYS A 76 ? CYS A 94  ? CYS A 76 ? 1_555 CYS A 94  ? 1_555 SG SG . . . None 'Disulfide bridge' 
# 
_struct_sheet.id               A 
_struct_sheet.type             ? 
_struct_sheet.number_strands   3 
_struct_sheet.details          ? 
# 
loop_
_struct_sheet_order.sheet_id 
_struct_sheet_order.range_id_1 
_struct_sheet_order.range_id_2 
_struct_sheet_order.offset 
_struct_sheet_order.sense 
A 1 2 ? anti-parallel 
A 2 3 ? anti-parallel 
# 
loop_
_struct_sheet_range.sheet_id 
_struct_sheet_range.id 
_struct_sheet_range.beg_label_comp_id 
_struct_sheet_range.beg_label_asym_id 
_struct_sheet_range.beg_label_seq_id 
_struct_sheet_range.pdbx_beg_PDB_ins_code 
_struct_sheet_range.end_label_comp_id 
_struct_sheet_range.end_label_asym_id 
_struct_sheet_range.end_label_seq_id 
_struct_sheet_range.pdbx_end_PDB_ins_code 
_struct_sheet_range.beg_auth_comp_id 
_struct_sheet_range.beg_auth_asym_id 
_struct_sheet_range.beg_auth_seq_id 
_struct_sheet_range.end_auth_comp_id 
_struct_sheet_range.end_auth_asym_id 
_struct_sheet_range.end_auth_seq_id 
A 1 THR A 43 ? ARG A 45 ? THR A 43 ARG A 45 
A 2 THR A 51 ? TYR A 53 ? THR A 51 TYR A 53 
A 3 ILE A 58 ? ASN A 59 ? ILE A 58 ASN A 59 
# 
loop_
_pdbx_struct_sheet_hbond.sheet_id 
_pdbx_struct_sheet_hbond.range_id_1 
_pdbx_struct_sheet_hbond.range_id_2 
_pdbx_struct_sheet_hbond.range_1_label_atom_id 
_pdbx_struct_sheet_hbond.range_1_label_comp_id 
_pdbx_struct_sheet_hbond.range_1_label_asym_id 
_pdbx_struct_sheet_hbond.range_1_label_seq_id 
_pdbx_struct_sheet_hbond.range_1_PDB_ins_code 
_pdbx_struct_sheet_hbond.range_1_auth_atom_id 
_pdbx_struct_sheet_hbond.range_1_auth_comp_id 
_pdbx_struct_sheet_hbond.range_1_auth_asym_id 
_pdbx_struct_sheet_hbond.range_1_auth_seq_id 
_pdbx_struct_sheet_hbond.range_2_label_atom_id 
_pdbx_struct_sheet_hbond.range_2_label_comp_id 
_pdbx_struct_sheet_hbond.range_2_label_asym_id 
_pdbx_struct_sheet_hbond.range_2_label_seq_id 
_pdbx_struct_sheet_hbond.range_2_PDB_ins_code 
_pdbx_struct_sheet_hbond.range_2_auth_atom_id 
_pdbx_struct_sheet_hbond.range_2_auth_comp_id 
_pdbx_struct_sheet_hbond.range_2_auth_asym_id 
_pdbx_struct_sheet_hbond.range_2_auth_seq_id 
A 1 2 N ASN A 44 ? N ASN A 44 O ASP A 52 ? O ASP A 52 
A 2 3 N TYR A 53 ? N TYR A 53 O ILE A 58 ? O ILE A 58 
# 
loop_
_struct_site.id 
_struct_site.pdbx_evidence_code 
_struct_site.pdbx_auth_asym_id 
_struct_site.pdbx_auth_comp_id 
_struct_site.pdbx_auth_seq_id 
_struct_site.pdbx_auth_ins_code 
_struct_site.pdbx_num_residues 
_struct_site.details 
AC1 Software A TBR 201 ? 14 'BINDING SITE FOR RESIDUE TBR A 201' 
AC2 Software A TBR 202 ? 8  'BINDING SITE FOR RESIDUE TBR A 202' 
AC3 Software A 6BP 203 ? 5  'BINDING SITE FOR RESIDUE 6BP A 203' 
AC4 Software A 6BP 204 ? 4  'BINDING SITE FOR RESIDUE 6BP A 204' 
AC5 Software A BR  205 ? 4  'BINDING SITE FOR RESIDUE BR A 205'  
AC6 Software A CL  206 ? 2  'BINDING SITE FOR RESIDUE CL A 206'  
AC7 Software A CL  207 ? 7  'BINDING SITE FOR RESIDUE CL A 207'  
AC8 Software A CL  208 ? 7  'BINDING SITE FOR RESIDUE CL A 208'  
AC9 Software A NA  209 ? 7  'BINDING SITE FOR RESIDUE NA A 209'  
BC1 Software A CL  210 ? 1  'BINDING SITE FOR RESIDUE CL A 210'  
BC2 Software A CL  211 ? 5  'BINDING SITE FOR RESIDUE CL A 211'  
BC3 Software A CL  212 ? 4  'BINDING SITE FOR RESIDUE CL A 212'  
BC4 Software A NA  213 ? 6  'BINDING SITE FOR RESIDUE NA A 213'  
BC5 Software A CL  214 ? 1  'BINDING SITE FOR RESIDUE CL A 214'  
BC6 Software A CL  215 ? 4  'BINDING SITE FOR RESIDUE CL A 215'  
BC7 Software A CL  216 ? 4  'BINDING SITE FOR RESIDUE CL A 216'  
BC8 Software A CL  217 ? 3  'BINDING SITE FOR RESIDUE CL A 217'  
BC9 Software A CL  218 ? 6  'BINDING SITE FOR RESIDUE CL A 218'  
CC1 Software A CL  219 ? 1  'BINDING SITE FOR RESIDUE CL A 219'  
# 
loop_
_struct_site_gen.id 
_struct_site_gen.site_id 
_struct_site_gen.pdbx_num_res 
_struct_site_gen.label_comp_id 
_struct_site_gen.label_asym_id 
_struct_site_gen.label_seq_id 
_struct_site_gen.pdbx_auth_ins_code 
_struct_site_gen.auth_comp_id 
_struct_site_gen.auth_asym_id 
_struct_site_gen.auth_seq_id 
_struct_site_gen.label_atom_id 
_struct_site_gen.label_alt_id 
_struct_site_gen.symmetry 
_struct_site_gen.details 
1  AC1 14 LYS A 13  ? LYS A 13  . ? 1_555 ? 
2  AC1 14 ASP A 18  ? ASP A 18  . ? 1_555 ? 
3  AC1 14 ASN A 19  ? ASN A 19  . ? 1_555 ? 
4  AC1 14 LEU A 25  ? LEU A 25  . ? 1_555 ? 
5  AC1 14 ARG A 61  ? ARG A 61  . ? 4_564 ? 
6  AC1 14 PRO A 70  ? PRO A 70  . ? 6_567 ? 
7  AC1 14 PRO A 70  ? PRO A 70  . ? 4_564 ? 
8  AC1 14 GLY A 71  ? GLY A 71  . ? 4_564 ? 
9  AC1 14 GLN A 121 ? GLN A 121 . ? 1_555 ? 
10 AC1 14 ILE A 124 ? ILE A 124 . ? 1_555 ? 
11 AC1 14 LEU A 129 ? LEU A 129 . ? 1_555 ? 
12 AC1 14 BR  F .   ? BR  A 205 . ? 1_555 ? 
13 AC1 14 CL  S .   ? CL  A 218 . ? 8_776 ? 
14 AC1 14 HOH U .   ? HOH A 381 . ? 8_776 ? 
15 AC2 8  TRP A 62  ? TRP A 62  . ? 4_564 ? 
16 AC2 8  ASP A 101 ? ASP A 101 . ? 4_564 ? 
17 AC2 8  ASN A 103 ? ASN A 103 . ? 4_564 ? 
18 AC2 8  ALA A 107 ? ALA A 107 . ? 4_564 ? 
19 AC2 8  ASP A 119 ? ASP A 119 . ? 1_555 ? 
20 AC2 8  GLN A 121 ? GLN A 121 . ? 1_555 ? 
21 AC2 8  ALA A 122 ? ALA A 122 . ? 1_555 ? 
22 AC2 8  ARG A 125 ? ARG A 125 . ? 1_555 ? 
23 AC3 5  LYS A 1   ? LYS A 1   . ? 7_557 ? 
24 AC3 5  GLN A 41  ? GLN A 41  . ? 7_557 ? 
25 AC3 5  ASN A 65  ? ASN A 65  . ? 1_555 ? 
26 AC3 5  PRO A 79  ? PRO A 79  . ? 1_555 ? 
27 AC3 5  HOH U .   ? HOH A 355 . ? 1_555 ? 
28 AC4 4  GLU A 7   ? GLU A 7   . ? 1_555 ? 
29 AC4 4  ARG A 14  ? ARG A 14  . ? 8_776 ? 
30 AC4 4  HOH U .   ? HOH A 357 . ? 8_776 ? 
31 AC4 4  HOH U .   ? HOH A 357 . ? 1_555 ? 
32 AC5 4  PRO A 70  ? PRO A 70  . ? 6_567 ? 
33 AC5 4  TBR B .   ? TBR A 201 . ? 1_555 ? 
34 AC5 4  HOH U .   ? HOH A 380 . ? 6_567 ? 
35 AC5 4  HOH U .   ? HOH A 381 . ? 8_776 ? 
36 AC6 2  TYR A 23  ? TYR A 23  . ? 1_555 ? 
37 AC6 2  ASN A 113 ? ASN A 113 . ? 4_565 ? 
38 AC7 7  GLY A 49  ? GLY A 49  . ? 1_555 ? 
39 AC7 7  SER A 50  ? SER A 50  . ? 1_555 ? 
40 AC7 7  THR A 51  ? THR A 51  . ? 1_555 ? 
41 AC7 7  SER A 60  ? SER A 60  . ? 1_555 ? 
42 AC7 7  ASP A 66  ? ASP A 66  . ? 1_555 ? 
43 AC7 7  ARG A 68  ? ARG A 68  . ? 1_555 ? 
44 AC7 7  THR A 69  ? THR A 69  . ? 1_555 ? 
45 AC8 7  ASN A 65  ? ASN A 65  . ? 1_555 ? 
46 AC8 7  GLY A 67  ? GLY A 67  . ? 1_555 ? 
47 AC8 7  ARG A 68  ? ARG A 68  . ? 1_555 ? 
48 AC8 7  THR A 69  ? THR A 69  . ? 1_555 ? 
49 AC8 7  SER A 72  ? SER A 72  . ? 1_555 ? 
50 AC8 7  NA  N .   ? NA  A 213 . ? 1_555 ? 
51 AC8 7  HOH U .   ? HOH A 309 . ? 1_555 ? 
52 AC9 7  SER A 60  ? SER A 60  . ? 1_555 ? 
53 AC9 7  CYS A 64  ? CYS A 64  . ? 1_555 ? 
54 AC9 7  SER A 72  ? SER A 72  . ? 1_555 ? 
55 AC9 7  ARG A 73  ? ARG A 73  . ? 1_555 ? 
56 AC9 7  NA  N .   ? NA  A 213 . ? 1_555 ? 
57 AC9 7  HOH U .   ? HOH A 309 . ? 1_555 ? 
58 AC9 7  HOH U .   ? HOH A 311 . ? 1_555 ? 
59 BC1 1  PHE A 38  ? PHE A 38  . ? 1_555 ? 
60 BC2 5  ALA A 42  ? ALA A 42  . ? 7_557 ? 
61 BC2 5  ARG A 68  ? ARG A 68  . ? 1_555 ? 
62 BC2 5  CL  P .   ? CL  A 215 . ? 1_555 ? 
63 BC2 5  HOH U .   ? HOH A 315 . ? 7_557 ? 
64 BC2 5  HOH U .   ? HOH A 316 . ? 7_557 ? 
65 BC3 4  SER A 24  ? SER A 24  . ? 1_555 ? 
66 BC3 4  GLY A 26  ? GLY A 26  . ? 1_555 ? 
67 BC3 4  GLN A 121 ? GLN A 121 . ? 1_555 ? 
68 BC3 4  ILE A 124 ? ILE A 124 . ? 1_555 ? 
69 BC4 6  ASN A 65  ? ASN A 65  . ? 1_555 ? 
70 BC4 6  SER A 72  ? SER A 72  . ? 1_555 ? 
71 BC4 6  CL  I .   ? CL  A 208 . ? 1_555 ? 
72 BC4 6  NA  J .   ? NA  A 209 . ? 1_555 ? 
73 BC4 6  HOH U .   ? HOH A 309 . ? 1_555 ? 
74 BC4 6  HOH U .   ? HOH A 311 . ? 1_555 ? 
75 BC5 1  GLY A 71  ? GLY A 71  . ? 1_555 ? 
76 BC6 4  THR A 43  ? THR A 43  . ? 7_557 ? 
77 BC6 4  ARG A 45  ? ARG A 45  . ? 1_555 ? 
78 BC6 4  ARG A 68  ? ARG A 68  . ? 1_555 ? 
79 BC6 4  CL  L .   ? CL  A 211 . ? 1_555 ? 
80 BC7 4  VAL A 99  ? VAL A 99  . ? 1_555 ? 
81 BC7 4  SER A 100 ? SER A 100 . ? 1_555 ? 
82 BC7 4  GLY A 102 ? GLY A 102 . ? 1_555 ? 
83 BC7 4  GLY A 104 ? GLY A 104 . ? 1_555 ? 
84 BC8 3  ILE A 58  ? ILE A 58  . ? 1_555 ? 
85 BC8 3  ASN A 59  ? ASN A 59  . ? 1_555 ? 
86 BC8 3  HOH U .   ? HOH A 302 . ? 1_555 ? 
87 BC9 6  LYS A 13  ? LYS A 13  . ? 8_776 ? 
88 BC9 6  LEU A 129 ? LEU A 129 . ? 1_555 ? 
89 BC9 6  TBR B .   ? TBR A 201 . ? 8_776 ? 
90 BC9 6  HOH U .   ? HOH A 365 . ? 1_555 ? 
91 BC9 6  HOH U .   ? HOH A 380 . ? 4_564 ? 
92 BC9 6  HOH U .   ? HOH A 381 . ? 1_555 ? 
93 CC1 1  ILE A 88  ? ILE A 88  . ? 1_555 ? 
# 
_pdbx_entry_details.entry_id                   4R6C 
_pdbx_entry_details.compound_details           ? 
_pdbx_entry_details.source_details             ? 
_pdbx_entry_details.nonpolymer_details         ? 
_pdbx_entry_details.sequence_details           ? 
_pdbx_entry_details.has_ligand_of_interest     ? 
_pdbx_entry_details.has_protein_modification   Y 
# 
loop_
_pdbx_validate_close_contact.id 
_pdbx_validate_close_contact.PDB_model_num 
_pdbx_validate_close_contact.auth_atom_id_1 
_pdbx_validate_close_contact.auth_asym_id_1 
_pdbx_validate_close_contact.auth_comp_id_1 
_pdbx_validate_close_contact.auth_seq_id_1 
_pdbx_validate_close_contact.PDB_ins_code_1 
_pdbx_validate_close_contact.label_alt_id_1 
_pdbx_validate_close_contact.auth_atom_id_2 
_pdbx_validate_close_contact.auth_asym_id_2 
_pdbx_validate_close_contact.auth_comp_id_2 
_pdbx_validate_close_contact.auth_seq_id_2 
_pdbx_validate_close_contact.PDB_ins_code_2 
_pdbx_validate_close_contact.label_alt_id_2 
_pdbx_validate_close_contact.dist 
1 1 OD2 A ASP 18  ? ? TA4 A TBR 201 ? ? 2.04 
2 1 CL  A CL  217 ? ? O   A HOH 302 ? ? 2.11 
# 
loop_
_pdbx_validate_rmsd_angle.id 
_pdbx_validate_rmsd_angle.PDB_model_num 
_pdbx_validate_rmsd_angle.auth_atom_id_1 
_pdbx_validate_rmsd_angle.auth_asym_id_1 
_pdbx_validate_rmsd_angle.auth_comp_id_1 
_pdbx_validate_rmsd_angle.auth_seq_id_1 
_pdbx_validate_rmsd_angle.PDB_ins_code_1 
_pdbx_validate_rmsd_angle.label_alt_id_1 
_pdbx_validate_rmsd_angle.auth_atom_id_2 
_pdbx_validate_rmsd_angle.auth_asym_id_2 
_pdbx_validate_rmsd_angle.auth_comp_id_2 
_pdbx_validate_rmsd_angle.auth_seq_id_2 
_pdbx_validate_rmsd_angle.PDB_ins_code_2 
_pdbx_validate_rmsd_angle.label_alt_id_2 
_pdbx_validate_rmsd_angle.auth_atom_id_3 
_pdbx_validate_rmsd_angle.auth_asym_id_3 
_pdbx_validate_rmsd_angle.auth_comp_id_3 
_pdbx_validate_rmsd_angle.auth_seq_id_3 
_pdbx_validate_rmsd_angle.PDB_ins_code_3 
_pdbx_validate_rmsd_angle.label_alt_id_3 
_pdbx_validate_rmsd_angle.angle_value 
_pdbx_validate_rmsd_angle.angle_target_value 
_pdbx_validate_rmsd_angle.angle_deviation 
_pdbx_validate_rmsd_angle.angle_standard_deviation 
_pdbx_validate_rmsd_angle.linker_flag 
1 1 CB A LEU 17 ? ? CG A LEU 17 ? ? CD1 A LEU 17 ? ? 121.57 111.00 10.57 1.70 N 
2 1 CB A ASP 18 ? ? CG A ASP 18 ? ? OD1 A ASP 18 ? ? 125.49 118.30 7.19  0.90 N 
# 
_pdbx_validate_torsion.id              1 
_pdbx_validate_torsion.PDB_model_num   1 
_pdbx_validate_torsion.auth_comp_id    ASN 
_pdbx_validate_torsion.auth_asym_id    A 
_pdbx_validate_torsion.auth_seq_id     19 
_pdbx_validate_torsion.PDB_ins_code    ? 
_pdbx_validate_torsion.label_alt_id    ? 
_pdbx_validate_torsion.phi             59.02 
_pdbx_validate_torsion.psi             17.58 
# 
loop_
_pdbx_struct_special_symmetry.id 
_pdbx_struct_special_symmetry.PDB_model_num 
_pdbx_struct_special_symmetry.auth_asym_id 
_pdbx_struct_special_symmetry.auth_comp_id 
_pdbx_struct_special_symmetry.auth_seq_id 
_pdbx_struct_special_symmetry.PDB_ins_code 
_pdbx_struct_special_symmetry.label_asym_id 
_pdbx_struct_special_symmetry.label_comp_id 
_pdbx_struct_special_symmetry.label_seq_id 
1 1 A 6BP 204 ? E 6BP . 
2 1 A 6BP 204 ? E 6BP . 
3 1 A 6BP 204 ? E 6BP . 
4 1 A CL  214 ? O CL  . 
# 
loop_
_chem_comp_atom.comp_id 
_chem_comp_atom.atom_id 
_chem_comp_atom.type_symbol 
_chem_comp_atom.pdbx_aromatic_flag 
_chem_comp_atom.pdbx_stereo_config 
_chem_comp_atom.pdbx_ordinal 
6BP PT   PT N N 1   
6BP BR1  BR N N 2   
6BP BR2  BR N N 3   
6BP BR3  BR N N 4   
6BP BR4  BR N N 5   
6BP BR5  BR N N 6   
6BP BR6  BR N N 7   
ALA N    N  N N 8   
ALA CA   C  N S 9   
ALA C    C  N N 10  
ALA O    O  N N 11  
ALA CB   C  N N 12  
ALA OXT  O  N N 13  
ALA H    H  N N 14  
ALA H2   H  N N 15  
ALA HA   H  N N 16  
ALA HB1  H  N N 17  
ALA HB2  H  N N 18  
ALA HB3  H  N N 19  
ALA HXT  H  N N 20  
ARG N    N  N N 21  
ARG CA   C  N S 22  
ARG C    C  N N 23  
ARG O    O  N N 24  
ARG CB   C  N N 25  
ARG CG   C  N N 26  
ARG CD   C  N N 27  
ARG NE   N  N N 28  
ARG CZ   C  N N 29  
ARG NH1  N  N N 30  
ARG NH2  N  N N 31  
ARG OXT  O  N N 32  
ARG H    H  N N 33  
ARG H2   H  N N 34  
ARG HA   H  N N 35  
ARG HB2  H  N N 36  
ARG HB3  H  N N 37  
ARG HG2  H  N N 38  
ARG HG3  H  N N 39  
ARG HD2  H  N N 40  
ARG HD3  H  N N 41  
ARG HE   H  N N 42  
ARG HH11 H  N N 43  
ARG HH12 H  N N 44  
ARG HH21 H  N N 45  
ARG HH22 H  N N 46  
ARG HXT  H  N N 47  
ASN N    N  N N 48  
ASN CA   C  N S 49  
ASN C    C  N N 50  
ASN O    O  N N 51  
ASN CB   C  N N 52  
ASN CG   C  N N 53  
ASN OD1  O  N N 54  
ASN ND2  N  N N 55  
ASN OXT  O  N N 56  
ASN H    H  N N 57  
ASN H2   H  N N 58  
ASN HA   H  N N 59  
ASN HB2  H  N N 60  
ASN HB3  H  N N 61  
ASN HD21 H  N N 62  
ASN HD22 H  N N 63  
ASN HXT  H  N N 64  
ASP N    N  N N 65  
ASP CA   C  N S 66  
ASP C    C  N N 67  
ASP O    O  N N 68  
ASP CB   C  N N 69  
ASP CG   C  N N 70  
ASP OD1  O  N N 71  
ASP OD2  O  N N 72  
ASP OXT  O  N N 73  
ASP H    H  N N 74  
ASP H2   H  N N 75  
ASP HA   H  N N 76  
ASP HB2  H  N N 77  
ASP HB3  H  N N 78  
ASP HD2  H  N N 79  
ASP HXT  H  N N 80  
BR  BR   BR N N 81  
CL  CL   CL N N 82  
CYS N    N  N N 83  
CYS CA   C  N R 84  
CYS C    C  N N 85  
CYS O    O  N N 86  
CYS CB   C  N N 87  
CYS SG   S  N N 88  
CYS OXT  O  N N 89  
CYS H    H  N N 90  
CYS H2   H  N N 91  
CYS HA   H  N N 92  
CYS HB2  H  N N 93  
CYS HB3  H  N N 94  
CYS HG   H  N N 95  
CYS HXT  H  N N 96  
GLN N    N  N N 97  
GLN CA   C  N S 98  
GLN C    C  N N 99  
GLN O    O  N N 100 
GLN CB   C  N N 101 
GLN CG   C  N N 102 
GLN CD   C  N N 103 
GLN OE1  O  N N 104 
GLN NE2  N  N N 105 
GLN OXT  O  N N 106 
GLN H    H  N N 107 
GLN H2   H  N N 108 
GLN HA   H  N N 109 
GLN HB2  H  N N 110 
GLN HB3  H  N N 111 
GLN HG2  H  N N 112 
GLN HG3  H  N N 113 
GLN HE21 H  N N 114 
GLN HE22 H  N N 115 
GLN HXT  H  N N 116 
GLU N    N  N N 117 
GLU CA   C  N S 118 
GLU C    C  N N 119 
GLU O    O  N N 120 
GLU CB   C  N N 121 
GLU CG   C  N N 122 
GLU CD   C  N N 123 
GLU OE1  O  N N 124 
GLU OE2  O  N N 125 
GLU OXT  O  N N 126 
GLU H    H  N N 127 
GLU H2   H  N N 128 
GLU HA   H  N N 129 
GLU HB2  H  N N 130 
GLU HB3  H  N N 131 
GLU HG2  H  N N 132 
GLU HG3  H  N N 133 
GLU HE2  H  N N 134 
GLU HXT  H  N N 135 
GLY N    N  N N 136 
GLY CA   C  N N 137 
GLY C    C  N N 138 
GLY O    O  N N 139 
GLY OXT  O  N N 140 
GLY H    H  N N 141 
GLY H2   H  N N 142 
GLY HA2  H  N N 143 
GLY HA3  H  N N 144 
GLY HXT  H  N N 145 
HIS N    N  N N 146 
HIS CA   C  N S 147 
HIS C    C  N N 148 
HIS O    O  N N 149 
HIS CB   C  N N 150 
HIS CG   C  Y N 151 
HIS ND1  N  Y N 152 
HIS CD2  C  Y N 153 
HIS CE1  C  Y N 154 
HIS NE2  N  Y N 155 
HIS OXT  O  N N 156 
HIS H    H  N N 157 
HIS H2   H  N N 158 
HIS HA   H  N N 159 
HIS HB2  H  N N 160 
HIS HB3  H  N N 161 
HIS HD1  H  N N 162 
HIS HD2  H  N N 163 
HIS HE1  H  N N 164 
HIS HE2  H  N N 165 
HIS HXT  H  N N 166 
HOH O    O  N N 167 
HOH H1   H  N N 168 
HOH H2   H  N N 169 
ILE N    N  N N 170 
ILE CA   C  N S 171 
ILE C    C  N N 172 
ILE O    O  N N 173 
ILE CB   C  N S 174 
ILE CG1  C  N N 175 
ILE CG2  C  N N 176 
ILE CD1  C  N N 177 
ILE OXT  O  N N 178 
ILE H    H  N N 179 
ILE H2   H  N N 180 
ILE HA   H  N N 181 
ILE HB   H  N N 182 
ILE HG12 H  N N 183 
ILE HG13 H  N N 184 
ILE HG21 H  N N 185 
ILE HG22 H  N N 186 
ILE HG23 H  N N 187 
ILE HD11 H  N N 188 
ILE HD12 H  N N 189 
ILE HD13 H  N N 190 
ILE HXT  H  N N 191 
LEU N    N  N N 192 
LEU CA   C  N S 193 
LEU C    C  N N 194 
LEU O    O  N N 195 
LEU CB   C  N N 196 
LEU CG   C  N N 197 
LEU CD1  C  N N 198 
LEU CD2  C  N N 199 
LEU OXT  O  N N 200 
LEU H    H  N N 201 
LEU H2   H  N N 202 
LEU HA   H  N N 203 
LEU HB2  H  N N 204 
LEU HB3  H  N N 205 
LEU HG   H  N N 206 
LEU HD11 H  N N 207 
LEU HD12 H  N N 208 
LEU HD13 H  N N 209 
LEU HD21 H  N N 210 
LEU HD22 H  N N 211 
LEU HD23 H  N N 212 
LEU HXT  H  N N 213 
LYS N    N  N N 214 
LYS CA   C  N S 215 
LYS C    C  N N 216 
LYS O    O  N N 217 
LYS CB   C  N N 218 
LYS CG   C  N N 219 
LYS CD   C  N N 220 
LYS CE   C  N N 221 
LYS NZ   N  N N 222 
LYS OXT  O  N N 223 
LYS H    H  N N 224 
LYS H2   H  N N 225 
LYS HA   H  N N 226 
LYS HB2  H  N N 227 
LYS HB3  H  N N 228 
LYS HG2  H  N N 229 
LYS HG3  H  N N 230 
LYS HD2  H  N N 231 
LYS HD3  H  N N 232 
LYS HE2  H  N N 233 
LYS HE3  H  N N 234 
LYS HZ1  H  N N 235 
LYS HZ2  H  N N 236 
LYS HZ3  H  N N 237 
LYS HXT  H  N N 238 
MET N    N  N N 239 
MET CA   C  N S 240 
MET C    C  N N 241 
MET O    O  N N 242 
MET CB   C  N N 243 
MET CG   C  N N 244 
MET SD   S  N N 245 
MET CE   C  N N 246 
MET OXT  O  N N 247 
MET H    H  N N 248 
MET H2   H  N N 249 
MET HA   H  N N 250 
MET HB2  H  N N 251 
MET HB3  H  N N 252 
MET HG2  H  N N 253 
MET HG3  H  N N 254 
MET HE1  H  N N 255 
MET HE2  H  N N 256 
MET HE3  H  N N 257 
MET HXT  H  N N 258 
NA  NA   NA N N 259 
PHE N    N  N N 260 
PHE CA   C  N S 261 
PHE C    C  N N 262 
PHE O    O  N N 263 
PHE CB   C  N N 264 
PHE CG   C  Y N 265 
PHE CD1  C  Y N 266 
PHE CD2  C  Y N 267 
PHE CE1  C  Y N 268 
PHE CE2  C  Y N 269 
PHE CZ   C  Y N 270 
PHE OXT  O  N N 271 
PHE H    H  N N 272 
PHE H2   H  N N 273 
PHE HA   H  N N 274 
PHE HB2  H  N N 275 
PHE HB3  H  N N 276 
PHE HD1  H  N N 277 
PHE HD2  H  N N 278 
PHE HE1  H  N N 279 
PHE HE2  H  N N 280 
PHE HZ   H  N N 281 
PHE HXT  H  N N 282 
PRO N    N  N N 283 
PRO CA   C  N S 284 
PRO C    C  N N 285 
PRO O    O  N N 286 
PRO CB   C  N N 287 
PRO CG   C  N N 288 
PRO CD   C  N N 289 
PRO OXT  O  N N 290 
PRO H    H  N N 291 
PRO HA   H  N N 292 
PRO HB2  H  N N 293 
PRO HB3  H  N N 294 
PRO HG2  H  N N 295 
PRO HG3  H  N N 296 
PRO HD2  H  N N 297 
PRO HD3  H  N N 298 
PRO HXT  H  N N 299 
SER N    N  N N 300 
SER CA   C  N S 301 
SER C    C  N N 302 
SER O    O  N N 303 
SER CB   C  N N 304 
SER OG   O  N N 305 
SER OXT  O  N N 306 
SER H    H  N N 307 
SER H2   H  N N 308 
SER HA   H  N N 309 
SER HB2  H  N N 310 
SER HB3  H  N N 311 
SER HG   H  N N 312 
SER HXT  H  N N 313 
TBR TA1  TA N N 314 
TBR TA2  TA N N 315 
TBR TA3  TA N N 316 
TBR TA4  TA N N 317 
TBR TA5  TA N N 318 
TBR TA6  TA N N 319 
TBR BR1  BR N N 320 
TBR BR2  BR N N 321 
TBR BR3  BR N N 322 
TBR BR4  BR N N 323 
TBR BR5  BR N N 324 
TBR BR6  BR N N 325 
TBR BR7  BR N N 326 
TBR BR8  BR N N 327 
TBR BR9  BR N N 328 
TBR BRA  BR N N 329 
TBR BRB  BR N N 330 
TBR BRC  BR N N 331 
THR N    N  N N 332 
THR CA   C  N S 333 
THR C    C  N N 334 
THR O    O  N N 335 
THR CB   C  N R 336 
THR OG1  O  N N 337 
THR CG2  C  N N 338 
THR OXT  O  N N 339 
THR H    H  N N 340 
THR H2   H  N N 341 
THR HA   H  N N 342 
THR HB   H  N N 343 
THR HG1  H  N N 344 
THR HG21 H  N N 345 
THR HG22 H  N N 346 
THR HG23 H  N N 347 
THR HXT  H  N N 348 
TRP N    N  N N 349 
TRP CA   C  N S 350 
TRP C    C  N N 351 
TRP O    O  N N 352 
TRP CB   C  N N 353 
TRP CG   C  Y N 354 
TRP CD1  C  Y N 355 
TRP CD2  C  Y N 356 
TRP NE1  N  Y N 357 
TRP CE2  C  Y N 358 
TRP CE3  C  Y N 359 
TRP CZ2  C  Y N 360 
TRP CZ3  C  Y N 361 
TRP CH2  C  Y N 362 
TRP OXT  O  N N 363 
TRP H    H  N N 364 
TRP H2   H  N N 365 
TRP HA   H  N N 366 
TRP HB2  H  N N 367 
TRP HB3  H  N N 368 
TRP HD1  H  N N 369 
TRP HE1  H  N N 370 
TRP HE3  H  N N 371 
TRP HZ2  H  N N 372 
TRP HZ3  H  N N 373 
TRP HH2  H  N N 374 
TRP HXT  H  N N 375 
TYR N    N  N N 376 
TYR CA   C  N S 377 
TYR C    C  N N 378 
TYR O    O  N N 379 
TYR CB   C  N N 380 
TYR CG   C  Y N 381 
TYR CD1  C  Y N 382 
TYR CD2  C  Y N 383 
TYR CE1  C  Y N 384 
TYR CE2  C  Y N 385 
TYR CZ   C  Y N 386 
TYR OH   O  N N 387 
TYR OXT  O  N N 388 
TYR H    H  N N 389 
TYR H2   H  N N 390 
TYR HA   H  N N 391 
TYR HB2  H  N N 392 
TYR HB3  H  N N 393 
TYR HD1  H  N N 394 
TYR HD2  H  N N 395 
TYR HE1  H  N N 396 
TYR HE2  H  N N 397 
TYR HH   H  N N 398 
TYR HXT  H  N N 399 
VAL N    N  N N 400 
VAL CA   C  N S 401 
VAL C    C  N N 402 
VAL O    O  N N 403 
VAL CB   C  N N 404 
VAL CG1  C  N N 405 
VAL CG2  C  N N 406 
VAL OXT  O  N N 407 
VAL H    H  N N 408 
VAL H2   H  N N 409 
VAL HA   H  N N 410 
VAL HB   H  N N 411 
VAL HG11 H  N N 412 
VAL HG12 H  N N 413 
VAL HG13 H  N N 414 
VAL HG21 H  N N 415 
VAL HG22 H  N N 416 
VAL HG23 H  N N 417 
VAL HXT  H  N N 418 
# 
loop_
_chem_comp_bond.comp_id 
_chem_comp_bond.atom_id_1 
_chem_comp_bond.atom_id_2 
_chem_comp_bond.value_order 
_chem_comp_bond.pdbx_aromatic_flag 
_chem_comp_bond.pdbx_stereo_config 
_chem_comp_bond.pdbx_ordinal 
6BP PT  BR1  sing N N 1   
6BP PT  BR2  sing N N 2   
6BP PT  BR3  sing N N 3   
6BP PT  BR4  sing N N 4   
6BP PT  BR5  sing N N 5   
6BP PT  BR6  sing N N 6   
ALA N   CA   sing N N 7   
ALA N   H    sing N N 8   
ALA N   H2   sing N N 9   
ALA CA  C    sing N N 10  
ALA CA  CB   sing N N 11  
ALA CA  HA   sing N N 12  
ALA C   O    doub N N 13  
ALA C   OXT  sing N N 14  
ALA CB  HB1  sing N N 15  
ALA CB  HB2  sing N N 16  
ALA CB  HB3  sing N N 17  
ALA OXT HXT  sing N N 18  
ARG N   CA   sing N N 19  
ARG N   H    sing N N 20  
ARG N   H2   sing N N 21  
ARG CA  C    sing N N 22  
ARG CA  CB   sing N N 23  
ARG CA  HA   sing N N 24  
ARG C   O    doub N N 25  
ARG C   OXT  sing N N 26  
ARG CB  CG   sing N N 27  
ARG CB  HB2  sing N N 28  
ARG CB  HB3  sing N N 29  
ARG CG  CD   sing N N 30  
ARG CG  HG2  sing N N 31  
ARG CG  HG3  sing N N 32  
ARG CD  NE   sing N N 33  
ARG CD  HD2  sing N N 34  
ARG CD  HD3  sing N N 35  
ARG NE  CZ   sing N N 36  
ARG NE  HE   sing N N 37  
ARG CZ  NH1  sing N N 38  
ARG CZ  NH2  doub N N 39  
ARG NH1 HH11 sing N N 40  
ARG NH1 HH12 sing N N 41  
ARG NH2 HH21 sing N N 42  
ARG NH2 HH22 sing N N 43  
ARG OXT HXT  sing N N 44  
ASN N   CA   sing N N 45  
ASN N   H    sing N N 46  
ASN N   H2   sing N N 47  
ASN CA  C    sing N N 48  
ASN CA  CB   sing N N 49  
ASN CA  HA   sing N N 50  
ASN C   O    doub N N 51  
ASN C   OXT  sing N N 52  
ASN CB  CG   sing N N 53  
ASN CB  HB2  sing N N 54  
ASN CB  HB3  sing N N 55  
ASN CG  OD1  doub N N 56  
ASN CG  ND2  sing N N 57  
ASN ND2 HD21 sing N N 58  
ASN ND2 HD22 sing N N 59  
ASN OXT HXT  sing N N 60  
ASP N   CA   sing N N 61  
ASP N   H    sing N N 62  
ASP N   H2   sing N N 63  
ASP CA  C    sing N N 64  
ASP CA  CB   sing N N 65  
ASP CA  HA   sing N N 66  
ASP C   O    doub N N 67  
ASP C   OXT  sing N N 68  
ASP CB  CG   sing N N 69  
ASP CB  HB2  sing N N 70  
ASP CB  HB3  sing N N 71  
ASP CG  OD1  doub N N 72  
ASP CG  OD2  sing N N 73  
ASP OD2 HD2  sing N N 74  
ASP OXT HXT  sing N N 75  
CYS N   CA   sing N N 76  
CYS N   H    sing N N 77  
CYS N   H2   sing N N 78  
CYS CA  C    sing N N 79  
CYS CA  CB   sing N N 80  
CYS CA  HA   sing N N 81  
CYS C   O    doub N N 82  
CYS C   OXT  sing N N 83  
CYS CB  SG   sing N N 84  
CYS CB  HB2  sing N N 85  
CYS CB  HB3  sing N N 86  
CYS SG  HG   sing N N 87  
CYS OXT HXT  sing N N 88  
GLN N   CA   sing N N 89  
GLN N   H    sing N N 90  
GLN N   H2   sing N N 91  
GLN CA  C    sing N N 92  
GLN CA  CB   sing N N 93  
GLN CA  HA   sing N N 94  
GLN C   O    doub N N 95  
GLN C   OXT  sing N N 96  
GLN CB  CG   sing N N 97  
GLN CB  HB2  sing N N 98  
GLN CB  HB3  sing N N 99  
GLN CG  CD   sing N N 100 
GLN CG  HG2  sing N N 101 
GLN CG  HG3  sing N N 102 
GLN CD  OE1  doub N N 103 
GLN CD  NE2  sing N N 104 
GLN NE2 HE21 sing N N 105 
GLN NE2 HE22 sing N N 106 
GLN OXT HXT  sing N N 107 
GLU N   CA   sing N N 108 
GLU N   H    sing N N 109 
GLU N   H2   sing N N 110 
GLU CA  C    sing N N 111 
GLU CA  CB   sing N N 112 
GLU CA  HA   sing N N 113 
GLU C   O    doub N N 114 
GLU C   OXT  sing N N 115 
GLU CB  CG   sing N N 116 
GLU CB  HB2  sing N N 117 
GLU CB  HB3  sing N N 118 
GLU CG  CD   sing N N 119 
GLU CG  HG2  sing N N 120 
GLU CG  HG3  sing N N 121 
GLU CD  OE1  doub N N 122 
GLU CD  OE2  sing N N 123 
GLU OE2 HE2  sing N N 124 
GLU OXT HXT  sing N N 125 
GLY N   CA   sing N N 126 
GLY N   H    sing N N 127 
GLY N   H2   sing N N 128 
GLY CA  C    sing N N 129 
GLY CA  HA2  sing N N 130 
GLY CA  HA3  sing N N 131 
GLY C   O    doub N N 132 
GLY C   OXT  sing N N 133 
GLY OXT HXT  sing N N 134 
HIS N   CA   sing N N 135 
HIS N   H    sing N N 136 
HIS N   H2   sing N N 137 
HIS CA  C    sing N N 138 
HIS CA  CB   sing N N 139 
HIS CA  HA   sing N N 140 
HIS C   O    doub N N 141 
HIS C   OXT  sing N N 142 
HIS CB  CG   sing N N 143 
HIS CB  HB2  sing N N 144 
HIS CB  HB3  sing N N 145 
HIS CG  ND1  sing Y N 146 
HIS CG  CD2  doub Y N 147 
HIS ND1 CE1  doub Y N 148 
HIS ND1 HD1  sing N N 149 
HIS CD2 NE2  sing Y N 150 
HIS CD2 HD2  sing N N 151 
HIS CE1 NE2  sing Y N 152 
HIS CE1 HE1  sing N N 153 
HIS NE2 HE2  sing N N 154 
HIS OXT HXT  sing N N 155 
HOH O   H1   sing N N 156 
HOH O   H2   sing N N 157 
ILE N   CA   sing N N 158 
ILE N   H    sing N N 159 
ILE N   H2   sing N N 160 
ILE CA  C    sing N N 161 
ILE CA  CB   sing N N 162 
ILE CA  HA   sing N N 163 
ILE C   O    doub N N 164 
ILE C   OXT  sing N N 165 
ILE CB  CG1  sing N N 166 
ILE CB  CG2  sing N N 167 
ILE CB  HB   sing N N 168 
ILE CG1 CD1  sing N N 169 
ILE CG1 HG12 sing N N 170 
ILE CG1 HG13 sing N N 171 
ILE CG2 HG21 sing N N 172 
ILE CG2 HG22 sing N N 173 
ILE CG2 HG23 sing N N 174 
ILE CD1 HD11 sing N N 175 
ILE CD1 HD12 sing N N 176 
ILE CD1 HD13 sing N N 177 
ILE OXT HXT  sing N N 178 
LEU N   CA   sing N N 179 
LEU N   H    sing N N 180 
LEU N   H2   sing N N 181 
LEU CA  C    sing N N 182 
LEU CA  CB   sing N N 183 
LEU CA  HA   sing N N 184 
LEU C   O    doub N N 185 
LEU C   OXT  sing N N 186 
LEU CB  CG   sing N N 187 
LEU CB  HB2  sing N N 188 
LEU CB  HB3  sing N N 189 
LEU CG  CD1  sing N N 190 
LEU CG  CD2  sing N N 191 
LEU CG  HG   sing N N 192 
LEU CD1 HD11 sing N N 193 
LEU CD1 HD12 sing N N 194 
LEU CD1 HD13 sing N N 195 
LEU CD2 HD21 sing N N 196 
LEU CD2 HD22 sing N N 197 
LEU CD2 HD23 sing N N 198 
LEU OXT HXT  sing N N 199 
LYS N   CA   sing N N 200 
LYS N   H    sing N N 201 
LYS N   H2   sing N N 202 
LYS CA  C    sing N N 203 
LYS CA  CB   sing N N 204 
LYS CA  HA   sing N N 205 
LYS C   O    doub N N 206 
LYS C   OXT  sing N N 207 
LYS CB  CG   sing N N 208 
LYS CB  HB2  sing N N 209 
LYS CB  HB3  sing N N 210 
LYS CG  CD   sing N N 211 
LYS CG  HG2  sing N N 212 
LYS CG  HG3  sing N N 213 
LYS CD  CE   sing N N 214 
LYS CD  HD2  sing N N 215 
LYS CD  HD3  sing N N 216 
LYS CE  NZ   sing N N 217 
LYS CE  HE2  sing N N 218 
LYS CE  HE3  sing N N 219 
LYS NZ  HZ1  sing N N 220 
LYS NZ  HZ2  sing N N 221 
LYS NZ  HZ3  sing N N 222 
LYS OXT HXT  sing N N 223 
MET N   CA   sing N N 224 
MET N   H    sing N N 225 
MET N   H2   sing N N 226 
MET CA  C    sing N N 227 
MET CA  CB   sing N N 228 
MET CA  HA   sing N N 229 
MET C   O    doub N N 230 
MET C   OXT  sing N N 231 
MET CB  CG   sing N N 232 
MET CB  HB2  sing N N 233 
MET CB  HB3  sing N N 234 
MET CG  SD   sing N N 235 
MET CG  HG2  sing N N 236 
MET CG  HG3  sing N N 237 
MET SD  CE   sing N N 238 
MET CE  HE1  sing N N 239 
MET CE  HE2  sing N N 240 
MET CE  HE3  sing N N 241 
MET OXT HXT  sing N N 242 
PHE N   CA   sing N N 243 
PHE N   H    sing N N 244 
PHE N   H2   sing N N 245 
PHE CA  C    sing N N 246 
PHE CA  CB   sing N N 247 
PHE CA  HA   sing N N 248 
PHE C   O    doub N N 249 
PHE C   OXT  sing N N 250 
PHE CB  CG   sing N N 251 
PHE CB  HB2  sing N N 252 
PHE CB  HB3  sing N N 253 
PHE CG  CD1  doub Y N 254 
PHE CG  CD2  sing Y N 255 
PHE CD1 CE1  sing Y N 256 
PHE CD1 HD1  sing N N 257 
PHE CD2 CE2  doub Y N 258 
PHE CD2 HD2  sing N N 259 
PHE CE1 CZ   doub Y N 260 
PHE CE1 HE1  sing N N 261 
PHE CE2 CZ   sing Y N 262 
PHE CE2 HE2  sing N N 263 
PHE CZ  HZ   sing N N 264 
PHE OXT HXT  sing N N 265 
PRO N   CA   sing N N 266 
PRO N   CD   sing N N 267 
PRO N   H    sing N N 268 
PRO CA  C    sing N N 269 
PRO CA  CB   sing N N 270 
PRO CA  HA   sing N N 271 
PRO C   O    doub N N 272 
PRO C   OXT  sing N N 273 
PRO CB  CG   sing N N 274 
PRO CB  HB2  sing N N 275 
PRO CB  HB3  sing N N 276 
PRO CG  CD   sing N N 277 
PRO CG  HG2  sing N N 278 
PRO CG  HG3  sing N N 279 
PRO CD  HD2  sing N N 280 
PRO CD  HD3  sing N N 281 
PRO OXT HXT  sing N N 282 
SER N   CA   sing N N 283 
SER N   H    sing N N 284 
SER N   H2   sing N N 285 
SER CA  C    sing N N 286 
SER CA  CB   sing N N 287 
SER CA  HA   sing N N 288 
SER C   O    doub N N 289 
SER C   OXT  sing N N 290 
SER CB  OG   sing N N 291 
SER CB  HB2  sing N N 292 
SER CB  HB3  sing N N 293 
SER OG  HG   sing N N 294 
SER OXT HXT  sing N N 295 
TBR TA1 TA2  sing N N 296 
TBR TA1 TA3  sing N N 297 
TBR TA1 TA5  sing N N 298 
TBR TA1 TA6  sing N N 299 
TBR TA1 BR1  sing N N 300 
TBR TA1 BR2  sing N N 301 
TBR TA1 BR3  sing N N 302 
TBR TA1 BR4  sing N N 303 
TBR TA2 TA3  sing N N 304 
TBR TA2 TA4  sing N N 305 
TBR TA2 TA6  sing N N 306 
TBR TA2 BR1  sing N N 307 
TBR TA2 BR5  sing N N 308 
TBR TA2 BR9  sing N N 309 
TBR TA2 BRC  sing N N 310 
TBR TA3 TA4  sing N N 311 
TBR TA3 TA5  sing N N 312 
TBR TA3 BR2  sing N N 313 
TBR TA3 BR5  sing N N 314 
TBR TA3 BRA  sing N N 315 
TBR TA3 BR6  sing N N 316 
TBR TA4 TA5  sing N N 317 
TBR TA4 TA6  sing N N 318 
TBR TA4 BR7  sing N N 319 
TBR TA4 BR8  sing N N 320 
TBR TA4 BR9  sing N N 321 
TBR TA4 BRA  sing N N 322 
TBR TA5 TA6  sing N N 323 
TBR TA5 BR3  sing N N 324 
TBR TA5 BR6  sing N N 325 
TBR TA5 BR7  sing N N 326 
TBR TA5 BRB  sing N N 327 
TBR TA6 BR4  sing N N 328 
TBR TA6 BR8  sing N N 329 
TBR TA6 BRB  sing N N 330 
TBR TA6 BRC  sing N N 331 
THR N   CA   sing N N 332 
THR N   H    sing N N 333 
THR N   H2   sing N N 334 
THR CA  C    sing N N 335 
THR CA  CB   sing N N 336 
THR CA  HA   sing N N 337 
THR C   O    doub N N 338 
THR C   OXT  sing N N 339 
THR CB  OG1  sing N N 340 
THR CB  CG2  sing N N 341 
THR CB  HB   sing N N 342 
THR OG1 HG1  sing N N 343 
THR CG2 HG21 sing N N 344 
THR CG2 HG22 sing N N 345 
THR CG2 HG23 sing N N 346 
THR OXT HXT  sing N N 347 
TRP N   CA   sing N N 348 
TRP N   H    sing N N 349 
TRP N   H2   sing N N 350 
TRP CA  C    sing N N 351 
TRP CA  CB   sing N N 352 
TRP CA  HA   sing N N 353 
TRP C   O    doub N N 354 
TRP C   OXT  sing N N 355 
TRP CB  CG   sing N N 356 
TRP CB  HB2  sing N N 357 
TRP CB  HB3  sing N N 358 
TRP CG  CD1  doub Y N 359 
TRP CG  CD2  sing Y N 360 
TRP CD1 NE1  sing Y N 361 
TRP CD1 HD1  sing N N 362 
TRP CD2 CE2  doub Y N 363 
TRP CD2 CE3  sing Y N 364 
TRP NE1 CE2  sing Y N 365 
TRP NE1 HE1  sing N N 366 
TRP CE2 CZ2  sing Y N 367 
TRP CE3 CZ3  doub Y N 368 
TRP CE3 HE3  sing N N 369 
TRP CZ2 CH2  doub Y N 370 
TRP CZ2 HZ2  sing N N 371 
TRP CZ3 CH2  sing Y N 372 
TRP CZ3 HZ3  sing N N 373 
TRP CH2 HH2  sing N N 374 
TRP OXT HXT  sing N N 375 
TYR N   CA   sing N N 376 
TYR N   H    sing N N 377 
TYR N   H2   sing N N 378 
TYR CA  C    sing N N 379 
TYR CA  CB   sing N N 380 
TYR CA  HA   sing N N 381 
TYR C   O    doub N N 382 
TYR C   OXT  sing N N 383 
TYR CB  CG   sing N N 384 
TYR CB  HB2  sing N N 385 
TYR CB  HB3  sing N N 386 
TYR CG  CD1  doub Y N 387 
TYR CG  CD2  sing Y N 388 
TYR CD1 CE1  sing Y N 389 
TYR CD1 HD1  sing N N 390 
TYR CD2 CE2  doub Y N 391 
TYR CD2 HD2  sing N N 392 
TYR CE1 CZ   doub Y N 393 
TYR CE1 HE1  sing N N 394 
TYR CE2 CZ   sing Y N 395 
TYR CE2 HE2  sing N N 396 
TYR CZ  OH   sing N N 397 
TYR OH  HH   sing N N 398 
TYR OXT HXT  sing N N 399 
VAL N   CA   sing N N 400 
VAL N   H    sing N N 401 
VAL N   H2   sing N N 402 
VAL CA  C    sing N N 403 
VAL CA  CB   sing N N 404 
VAL CA  HA   sing N N 405 
VAL C   O    doub N N 406 
VAL C   OXT  sing N N 407 
VAL CB  CG1  sing N N 408 
VAL CB  CG2  sing N N 409 
VAL CB  HB   sing N N 410 
VAL CG1 HG11 sing N N 411 
VAL CG1 HG12 sing N N 412 
VAL CG1 HG13 sing N N 413 
VAL CG2 HG21 sing N N 414 
VAL CG2 HG22 sing N N 415 
VAL CG2 HG23 sing N N 416 
VAL OXT HXT  sing N N 417 
# 
_atom_sites.entry_id                    4R6C 
_atom_sites.fract_transf_matrix[1][1]   -0.00586657 
_atom_sites.fract_transf_matrix[1][2]   0.00399673 
_atom_sites.fract_transf_matrix[1][3]   0.01046690 
_atom_sites.fract_transf_matrix[2][1]   -0.00327579 
_atom_sites.fract_transf_matrix[2][2]   -0.01191055 
_atom_sites.fract_transf_matrix[2][3]   0.00271194 
_atom_sites.fract_transf_matrix[3][1]   0.02275219 
_atom_sites.fract_transf_matrix[3][2]   -0.00308572 
_atom_sites.fract_transf_matrix[3][3]   0.01393058 
_atom_sites.fract_transf_vector[1]      1.006785 
_atom_sites.fract_transf_vector[2]      0.744009 
_atom_sites.fract_transf_vector[3]      1.006567 
# 
loop_
_atom_type.symbol 
BR 
C  
CL 
N  
NA 
O  
PT 
S  
TA 
# 
loop_
_atom_site.group_PDB 
_atom_site.id 
_atom_site.type_symbol 
_atom_site.label_atom_id 
_atom_site.label_alt_id 
_atom_site.label_comp_id 
_atom_site.label_asym_id 
_atom_site.label_entity_id 
_atom_site.label_seq_id 
_atom_site.pdbx_PDB_ins_code 
_atom_site.Cartn_x 
_atom_site.Cartn_y 
_atom_site.Cartn_z 
_atom_site.occupancy 
_atom_site.B_iso_or_equiv 
_atom_site.pdbx_formal_charge 
_atom_site.auth_seq_id 
_atom_site.auth_comp_id 
_atom_site.auth_asym_id 
_atom_site.auth_atom_id 
_atom_site.pdbx_PDB_model_num 
ATOM   1    N  N   . LYS A 1 1   ? -8.377  -9.798  -5.312  1.00 12.87 ? 1   LYS A N   1 
ATOM   2    C  CA  . LYS A 1 1   ? -9.696  -9.135  -5.240  1.00 14.51 ? 1   LYS A CA  1 
ATOM   3    C  C   . LYS A 1 1   ? -9.450  -7.724  -5.723  1.00 13.23 ? 1   LYS A C   1 
ATOM   4    O  O   . LYS A 1 1   ? -8.443  -7.130  -5.311  1.00 13.40 ? 1   LYS A O   1 
ATOM   5    C  CB  . LYS A 1 1   ? -10.158 -9.139  -3.780  1.00 15.49 ? 1   LYS A CB  1 
ATOM   6    C  CG  . LYS A 1 1   ? -11.359 -8.239  -3.512  1.00 16.46 ? 1   LYS A CG  1 
ATOM   7    C  CD  . LYS A 1 1   ? -11.673 -8.237  -2.065  1.00 17.95 ? 1   LYS A CD  1 
ATOM   8    C  CE  . LYS A 1 1   ? -12.758 -7.222  -1.900  1.00 21.13 ? 1   LYS A CE  1 
ATOM   9    N  NZ  . LYS A 1 1   ? -13.591 -7.701  -0.802  1.00 26.01 ? 1   LYS A NZ  1 
ATOM   10   N  N   . VAL A 1 2   ? -10.379 -7.195  -6.550  1.00 15.58 ? 2   VAL A N   1 
ATOM   11   C  CA  . VAL A 1 2   ? -10.368 -5.823  -6.996  1.00 15.48 ? 2   VAL A CA  1 
ATOM   12   C  C   . VAL A 1 2   ? -11.400 -5.126  -6.146  1.00 15.64 ? 2   VAL A C   1 
ATOM   13   O  O   . VAL A 1 2   ? -12.624 -5.401  -6.272  1.00 15.28 ? 2   VAL A O   1 
ATOM   14   C  CB  . VAL A 1 2   ? -10.643 -5.649  -8.528  1.00 17.38 ? 2   VAL A CB  1 
ATOM   15   C  CG1 . VAL A 1 2   ? -10.755 -4.156  -8.913  1.00 18.53 ? 2   VAL A CG1 1 
ATOM   16   C  CG2 . VAL A 1 2   ? -9.580  -6.290  -9.412  1.00 16.44 ? 2   VAL A CG2 1 
ATOM   17   N  N   . PHE A 1 3   ? -10.944 -4.245  -5.273  1.00 14.48 ? 3   PHE A N   1 
ATOM   18   C  CA  . PHE A 1 3   ? -11.833 -3.432  -4.441  1.00 14.56 ? 3   PHE A CA  1 
ATOM   19   C  C   . PHE A 1 3   ? -12.502 -2.332  -5.199  1.00 16.00 ? 3   PHE A C   1 
ATOM   20   O  O   . PHE A 1 3   ? -11.898 -1.687  -6.099  1.00 15.99 ? 3   PHE A O   1 
ATOM   21   C  CB  . PHE A 1 3   ? -11.064 -2.788  -3.296  1.00 14.36 ? 3   PHE A CB  1 
ATOM   22   C  CG  . PHE A 1 3   ? -10.803 -3.727  -2.147  1.00 13.55 ? 3   PHE A CG  1 
ATOM   23   C  CD1 . PHE A 1 3   ? -9.812  -4.729  -2.215  1.00 14.26 ? 3   PHE A CD1 1 
ATOM   24   C  CD2 . PHE A 1 3   ? -11.523 -3.615  -0.999  1.00 14.00 ? 3   PHE A CD2 1 
ATOM   25   C  CE1 . PHE A 1 3   ? -9.573  -5.539  -1.132  1.00 15.82 ? 3   PHE A CE1 1 
ATOM   26   C  CE2 . PHE A 1 3   ? -11.296 -4.441  0.134   1.00 15.79 ? 3   PHE A CE2 1 
ATOM   27   C  CZ  . PHE A 1 3   ? -10.311 -5.394  0.078   1.00 16.84 ? 3   PHE A CZ  1 
ATOM   28   N  N   . GLY A 1 4   ? -13.737 -2.019  -4.723  1.00 16.65 ? 4   GLY A N   1 
ATOM   29   C  CA  . GLY A 1 4   ? -14.356 -0.760  -5.026  1.00 16.21 ? 4   GLY A CA  1 
ATOM   30   C  C   . GLY A 1 4   ? -13.674 0.377   -4.262  1.00 15.60 ? 4   GLY A C   1 
ATOM   31   O  O   . GLY A 1 4   ? -13.074 0.149   -3.213  1.00 13.63 ? 4   GLY A O   1 
ATOM   32   N  N   . ARG A 1 5   ? -13.753 1.608   -4.770  1.00 16.36 ? 5   ARG A N   1 
ATOM   33   C  CA  . ARG A 1 5   ? -13.158 2.747   -4.075  1.00 17.41 ? 5   ARG A CA  1 
ATOM   34   C  C   . ARG A 1 5   ? -13.629 2.868   -2.594  1.00 15.58 ? 5   ARG A C   1 
ATOM   35   O  O   . ARG A 1 5   ? -12.837 2.874   -1.637  1.00 14.95 ? 5   ARG A O   1 
ATOM   36   C  CB  . ARG A 1 5   ? -13.360 4.039   -4.921  1.00 18.72 ? 5   ARG A CB  1 
ATOM   37   C  CG  . ARG A 1 5   ? -12.852 5.337   -4.317  1.00 19.59 ? 5   ARG A CG  1 
ATOM   38   C  CD  . ARG A 1 5   ? -13.236 6.486   -5.273  1.00 21.05 ? 5   ARG A CD  1 
ATOM   39   N  NE  . ARG A 1 5   ? -14.684 6.777   -5.481  1.00 22.61 ? 5   ARG A NE  1 
ATOM   40   C  CZ  . ARG A 1 5   ? -15.465 7.484   -4.659  1.00 21.93 ? 5   ARG A CZ  1 
ATOM   41   N  NH1 . ARG A 1 5   ? -15.009 7.983   -3.517  1.00 23.79 ? 5   ARG A NH1 1 
ATOM   42   N  NH2 . ARG A 1 5   ? -16.760 7.700   -4.993  1.00 22.37 ? 5   ARG A NH2 1 
ATOM   43   N  N   . CYS A 1 6   ? -14.936 2.966   -2.369  1.00 16.73 ? 6   CYS A N   1 
ATOM   44   C  CA  . CYS A 1 6   ? -15.432 3.129   -1.003  1.00 17.12 ? 6   CYS A CA  1 
ATOM   45   C  C   . CYS A 1 6   ? -15.280 1.843   -0.211  1.00 15.67 ? 6   CYS A C   1 
ATOM   46   O  O   . CYS A 1 6   ? -15.194 1.845   1.019   1.00 15.84 ? 6   CYS A O   1 
ATOM   47   C  CB  . CYS A 1 6   ? -16.900 3.645   -0.996  1.00 19.03 ? 6   CYS A CB  1 
ATOM   48   S  SG  . CYS A 1 6   ? -17.127 5.261   -1.711  1.00 20.32 ? 6   CYS A SG  1 
ATOM   49   N  N   . GLU A 1 7   ? -15.259 0.701   -0.898  1.00 17.60 ? 7   GLU A N   1 
ATOM   50   C  CA  . GLU A 1 7   ? -15.123 -0.517  -0.225  1.00 15.78 ? 7   GLU A CA  1 
ATOM   51   C  C   . GLU A 1 7   ? -13.708 -0.541  0.403   1.00 15.02 ? 7   GLU A C   1 
ATOM   52   O  O   . GLU A 1 7   ? -13.521 -0.882  1.539   1.00 14.14 ? 7   GLU A O   1 
ATOM   53   C  CB  . GLU A 1 7   ? -15.178 -1.701  -1.167  1.00 16.79 ? 7   GLU A CB  1 
ATOM   54   C  CG  . GLU A 1 7   ? -15.216 -3.023  -0.478  1.00 16.77 ? 7   GLU A CG  1 
ATOM   55   C  CD  . GLU A 1 7   ? -15.140 -4.181  -1.475  1.00 18.34 ? 7   GLU A CD  1 
ATOM   56   O  OE1 . GLU A 1 7   ? -14.936 -3.973  -2.691  1.00 17.11 ? 7   GLU A OE1 1 
ATOM   57   O  OE2 . GLU A 1 7   ? -15.192 -5.370  -1.028  1.00 19.39 ? 7   GLU A OE2 1 
ATOM   58   N  N   . LEU A 1 8   ? -12.715 -0.208  -0.412  1.00 14.22 ? 8   LEU A N   1 
ATOM   59   C  CA  . LEU A 1 8   ? -11.339 -0.101  0.137   1.00 14.04 ? 8   LEU A CA  1 
ATOM   60   C  C   . LEU A 1 8   ? -11.167 0.943   1.228   1.00 14.56 ? 8   LEU A C   1 
ATOM   61   O  O   . LEU A 1 8   ? -10.501 0.736   2.238   1.00 12.59 ? 8   LEU A O   1 
ATOM   62   C  CB  . LEU A 1 8   ? -10.352 0.108   -1.029  1.00 14.65 ? 8   LEU A CB  1 
ATOM   63   C  CG  . LEU A 1 8   ? -8.903  0.131   -0.566  1.00 15.59 ? 8   LEU A CG  1 
ATOM   64   C  CD1 . LEU A 1 8   ? -8.571  -1.233  0.015   1.00 14.99 ? 8   LEU A CD1 1 
ATOM   65   C  CD2 . LEU A 1 8   ? -7.994  0.484   -1.746  1.00 16.64 ? 8   LEU A CD2 1 
ATOM   66   N  N   . ALA A 1 9   ? -11.734 2.116   1.035   1.00 13.91 ? 9   ALA A N   1 
ATOM   67   C  CA  . ALA A 1 9   ? -11.698 3.137   2.061   1.00 14.23 ? 9   ALA A CA  1 
ATOM   68   C  C   . ALA A 1 9   ? -12.241 2.588   3.405   1.00 14.22 ? 9   ALA A C   1 
ATOM   69   O  O   . ALA A 1 9   ? -11.620 2.748   4.421   1.00 13.13 ? 9   ALA A O   1 
ATOM   70   C  CB  . ALA A 1 9   ? -12.421 4.373   1.568   1.00 14.28 ? 9   ALA A CB  1 
ATOM   71   N  N   . ALA A 1 10  ? -13.384 1.895   3.390   1.00 15.01 ? 10  ALA A N   1 
ATOM   72   C  CA  . ALA A 1 10  ? -13.903 1.278   4.617   1.00 16.42 ? 10  ALA A CA  1 
ATOM   73   C  C   . ALA A 1 10  ? -12.927 0.283   5.215   1.00 15.90 ? 10  ALA A C   1 
ATOM   74   O  O   . ALA A 1 10  ? -12.754 0.204   6.428   1.00 17.75 ? 10  ALA A O   1 
ATOM   75   C  CB  . ALA A 1 10  ? -15.219 0.578   4.334   1.00 18.16 ? 10  ALA A CB  1 
ATOM   76   N  N   . ALA A 1 11  ? -12.391 -0.604  4.402   1.00 15.87 ? 11  ALA A N   1 
ATOM   77   C  CA  . ALA A 1 11  ? -11.419 -1.595  4.883   1.00 15.77 ? 11  ALA A CA  1 
ATOM   78   C  C   . ALA A 1 11  ? -10.206 -0.938  5.502   1.00 16.32 ? 11  ALA A C   1 
ATOM   79   O  O   . ALA A 1 11  ? -9.755  -1.366  6.543   1.00 15.54 ? 11  ALA A O   1 
ATOM   80   C  CB  . ALA A 1 11  ? -10.952 -2.488  3.755   1.00 16.35 ? 11  ALA A CB  1 
ATOM   81   N  N   . MET A 1 12  ? -9.685  0.123   4.883   1.00 14.91 ? 12  MET A N   1 
ATOM   82   C  CA  . MET A 1 12  ? -8.472  0.755   5.383   1.00 14.76 ? 12  MET A CA  1 
ATOM   83   C  C   . MET A 1 12  ? -8.751  1.435   6.688   1.00 16.27 ? 12  MET A C   1 
ATOM   84   O  O   . MET A 1 12  ? -7.940  1.363   7.609   1.00 17.61 ? 12  MET A O   1 
ATOM   85   C  CB  . MET A 1 12  ? -7.969  1.771   4.302   1.00 14.61 ? 12  MET A CB  1 
ATOM   86   C  CG  . MET A 1 12  ? -7.306  1.094   3.096   1.00 15.98 ? 12  MET A CG  1 
ATOM   87   S  SD  . MET A 1 12  ? -6.814  2.365   1.923   1.00 15.60 ? 12  MET A SD  1 
ATOM   88   C  CE  . MET A 1 12  ? -5.418  1.538   1.100   1.00 14.89 ? 12  MET A CE  1 
ATOM   89   N  N   . LYS A 1 13  ? -9.945  2.071   6.775   1.00 17.70 ? 13  LYS A N   1 
ATOM   90   C  CA  . LYS A 1 13  ? -10.361 2.726   8.023   1.00 18.72 ? 13  LYS A CA  1 
ATOM   91   C  C   . LYS A 1 13  ? -10.504 1.695   9.149   1.00 17.49 ? 13  LYS A C   1 
ATOM   92   O  O   . LYS A 1 13  ? -10.077 1.916   10.289  1.00 18.21 ? 13  LYS A O   1 
ATOM   93   C  CB  . LYS A 1 13  ? -11.637 3.501   7.774   1.00 21.40 ? 13  LYS A CB  1 
ATOM   94   C  CG  . LYS A 1 13  ? -12.155 4.300   8.963   1.00 25.63 ? 13  LYS A CG  1 
ATOM   95   C  CD  . LYS A 1 13  ? -13.500 4.931   8.666   1.00 31.65 ? 13  LYS A CD  1 
ATOM   96   C  CE  . LYS A 1 13  ? -13.946 5.762   9.860   1.00 37.88 ? 13  LYS A CE  1 
ATOM   97   N  NZ  . LYS A 1 13  ? -15.430 6.090   9.957   1.00 37.29 ? 13  LYS A NZ  1 
ATOM   98   N  N   . ARG A 1 14  ? -11.126 0.551   8.846   1.00 18.34 ? 14  ARG A N   1 
ATOM   99   C  CA  . ARG A 1 14  ? -11.356 -0.424  9.857   1.00 22.16 ? 14  ARG A CA  1 
ATOM   100  C  C   . ARG A 1 14  ? -10.052 -0.927  10.397  1.00 21.29 ? 14  ARG A C   1 
ATOM   101  O  O   . ARG A 1 14  ? -9.962  -1.196  11.553  1.00 22.24 ? 14  ARG A O   1 
ATOM   102  C  CB  . ARG A 1 14  ? -12.167 -1.599  9.317   1.00 22.46 ? 14  ARG A CB  1 
ATOM   103  C  CG  . ARG A 1 14  ? -12.384 -2.698  10.313  1.00 27.54 ? 14  ARG A CG  1 
ATOM   104  C  CD  . ARG A 1 14  ? -13.087 -3.920  9.747   1.00 28.85 ? 14  ARG A CD  1 
ATOM   105  N  NE  . ARG A 1 14  ? -12.642 -5.000  10.608  1.00 37.37 ? 14  ARG A NE  1 
ATOM   106  C  CZ  . ARG A 1 14  ? -12.011 -6.094  10.201  1.00 33.24 ? 14  ARG A CZ  1 
ATOM   107  N  NH1 . ARG A 1 14  ? -11.847 -6.363  8.904   1.00 35.65 ? 14  ARG A NH1 1 
ATOM   108  N  NH2 . ARG A 1 14  ? -11.634 -6.965  11.114  1.00 40.18 ? 14  ARG A NH2 1 
ATOM   109  N  N   . HIS A 1 15  ? -9.012  -0.991  9.540   1.00 20.48 ? 15  HIS A N   1 
ATOM   110  C  CA  . HIS A 1 15  ? -7.704  -1.488  9.925   1.00 19.80 ? 15  HIS A CA  1 
ATOM   111  C  C   . HIS A 1 15  ? -6.765  -0.368  10.397  1.00 18.45 ? 15  HIS A C   1 
ATOM   112  O  O   . HIS A 1 15  ? -5.559  -0.612  10.551  1.00 15.36 ? 15  HIS A O   1 
ATOM   113  C  CB  . HIS A 1 15  ? -7.052  -2.203  8.766   1.00 20.64 ? 15  HIS A CB  1 
ATOM   114  C  CG  . HIS A 1 15  ? -7.604  -3.562  8.481   1.00 23.74 ? 15  HIS A CG  1 
ATOM   115  N  ND1 . HIS A 1 15  ? -8.663  -3.777  7.637   1.00 24.28 ? 15  HIS A ND1 1 
ATOM   116  C  CD2 . HIS A 1 15  ? -7.170  -4.786  8.857   1.00 25.10 ? 15  HIS A CD2 1 
ATOM   117  C  CE1 . HIS A 1 15  ? -8.883  -5.076  7.524   1.00 24.99 ? 15  HIS A CE1 1 
ATOM   118  N  NE2 . HIS A 1 15  ? -7.980  -5.706  8.256   1.00 23.64 ? 15  HIS A NE2 1 
ATOM   119  N  N   . GLY A 1 16  ? -7.299  0.797   10.706  1.00 16.87 ? 16  GLY A N   1 
ATOM   120  C  CA  . GLY A 1 16  ? -6.570  1.855   11.372  1.00 15.74 ? 16  GLY A CA  1 
ATOM   121  C  C   . GLY A 1 16  ? -5.635  2.761   10.572  1.00 15.07 ? 16  GLY A C   1 
ATOM   122  O  O   . GLY A 1 16  ? -4.768  3.422   11.117  1.00 15.48 ? 16  GLY A O   1 
ATOM   123  N  N   . LEU A 1 17  ? -5.867  2.845   9.278   1.00 16.49 ? 17  LEU A N   1 
ATOM   124  C  CA  . LEU A 1 17  ? -5.031  3.636   8.430   1.00 18.09 ? 17  LEU A CA  1 
ATOM   125  C  C   . LEU A 1 17  ? -5.453  5.105   8.404   1.00 17.18 ? 17  LEU A C   1 
ATOM   126  O  O   . LEU A 1 17  ? -4.679  5.962   7.952   1.00 16.57 ? 17  LEU A O   1 
ATOM   127  C  CB  . LEU A 1 17  ? -5.139  3.041   7.034   1.00 18.05 ? 17  LEU A CB  1 
ATOM   128  C  CG  . LEU A 1 17  ? -3.883  2.691   6.327   1.00 18.69 ? 17  LEU A CG  1 
ATOM   129  C  CD1 . LEU A 1 17  ? -2.612  2.371   7.082   1.00 16.27 ? 17  LEU A CD1 1 
ATOM   130  C  CD2 . LEU A 1 17  ? -4.119  1.793   5.156   1.00 19.60 ? 17  LEU A CD2 1 
ATOM   131  N  N   . ASP A 1 18  ? -6.687  5.436   8.819   1.00 18.88 ? 18  ASP A N   1 
ATOM   132  C  CA  . ASP A 1 18  ? -7.161  6.795   8.655   1.00 18.96 ? 18  ASP A CA  1 
ATOM   133  C  C   . ASP A 1 18  ? -6.492  7.719   9.652   1.00 18.89 ? 18  ASP A C   1 
ATOM   134  O  O   . ASP A 1 18  ? -6.607  7.516   10.882  1.00 20.79 ? 18  ASP A O   1 
ATOM   135  C  CB  . ASP A 1 18  ? -8.679  6.916   8.748   1.00 20.63 ? 18  ASP A CB  1 
ATOM   136  C  CG  . ASP A 1 18  ? -9.187  8.368   8.418   1.00 23.33 ? 18  ASP A CG  1 
ATOM   137  O  OD1 . ASP A 1 18  ? -8.482  9.307   7.828   1.00 26.45 ? 18  ASP A OD1 1 
ATOM   138  O  OD2 . ASP A 1 18  ? -10.378 8.591   8.845   1.00 25.98 ? 18  ASP A OD2 1 
ATOM   139  N  N   . ASN A 1 19  ? -5.790  8.741   9.146   1.00 16.15 ? 19  ASN A N   1 
ATOM   140  C  CA  . ASN A 1 19  ? -4.807  9.498   9.922   1.00 18.84 ? 19  ASN A CA  1 
ATOM   141  C  C   . ASN A 1 19  ? -3.618  8.798   10.542  1.00 15.70 ? 19  ASN A C   1 
ATOM   142  O  O   . ASN A 1 19  ? -2.947  9.357   11.412  1.00 14.75 ? 19  ASN A O   1 
ATOM   143  C  CB  . ASN A 1 19  ? -5.477  10.414  10.915  1.00 24.07 ? 19  ASN A CB  1 
ATOM   144  C  CG  . ASN A 1 19  ? -5.825  11.686  10.256  1.00 33.16 ? 19  ASN A CG  1 
ATOM   145  O  OD1 . ASN A 1 19  ? -4.939  12.373  9.729   1.00 40.36 ? 19  ASN A OD1 1 
ATOM   146  N  ND2 . ASN A 1 19  ? -7.106  11.973  10.166  1.00 42.14 ? 19  ASN A ND2 1 
ATOM   147  N  N   . TYR A 1 20  ? -3.311  7.584   10.064  1.00 14.94 ? 20  TYR A N   1 
ATOM   148  C  CA  . TYR A 1 20  ? -2.093  6.878   10.532  1.00 12.55 ? 20  TYR A CA  1 
ATOM   149  C  C   . TYR A 1 20  ? -0.841  7.683   10.146  1.00 14.38 ? 20  TYR A C   1 
ATOM   150  O  O   . TYR A 1 20  ? -0.676  8.047   8.961   1.00 11.99 ? 20  TYR A O   1 
ATOM   151  C  CB  . TYR A 1 20  ? -1.976  5.471   9.995   1.00 14.20 ? 20  TYR A CB  1 
ATOM   152  C  CG  . TYR A 1 20  ? -0.914  4.665   10.720  1.00 14.52 ? 20  TYR A CG  1 
ATOM   153  C  CD1 . TYR A 1 20  ? 0.411   4.673   10.314  1.00 13.79 ? 20  TYR A CD1 1 
ATOM   154  C  CD2 . TYR A 1 20  ? -1.215  3.945   11.890  1.00 13.47 ? 20  TYR A CD2 1 
ATOM   155  C  CE1 . TYR A 1 20  ? 1.371   3.938   10.978  1.00 14.48 ? 20  TYR A CE1 1 
ATOM   156  C  CE2 . TYR A 1 20  ? -0.257  3.292   12.574  1.00 16.71 ? 20  TYR A CE2 1 
ATOM   157  C  CZ  . TYR A 1 20  ? 1.017   3.238   12.131  1.00 17.13 ? 20  TYR A CZ  1 
ATOM   158  O  OH  . TYR A 1 20  ? 1.950   2.530   12.830  1.00 18.52 ? 20  TYR A OH  1 
ATOM   159  N  N   . ARG A 1 21  ? 0.004   7.974   11.124  1.00 14.94 ? 21  ARG A N   1 
ATOM   160  C  CA  . ARG A 1 21  ? 1.133   8.916   10.951  1.00 15.90 ? 21  ARG A CA  1 
ATOM   161  C  C   . ARG A 1 21  ? 0.714   10.223  10.284  1.00 14.36 ? 21  ARG A C   1 
ATOM   162  O  O   . ARG A 1 21  ? 1.504   10.865  9.601   1.00 13.40 ? 21  ARG A O   1 
ATOM   163  C  CB  . ARG A 1 21  ? 2.275   8.287   10.230  1.00 17.94 ? 21  ARG A CB  1 
ATOM   164  C  CG  . ARG A 1 21  ? 2.968   7.154   10.950  1.00 23.63 ? 21  ARG A CG  1 
ATOM   165  C  CD  . ARG A 1 21  ? 3.955   7.673   11.993  1.00 28.51 ? 21  ARG A CD  1 
ATOM   166  N  NE  . ARG A 1 21  ? 4.417   6.629   12.933  1.00 35.35 ? 21  ARG A NE  1 
ATOM   167  C  CZ  . ARG A 1 21  ? 5.632   6.611   13.526  1.00 40.06 ? 21  ARG A CZ  1 
ATOM   168  N  NH1 . ARG A 1 21  ? 6.546   7.576   13.290  1.00 39.84 ? 21  ARG A NH1 1 
ATOM   169  N  NH2 . ARG A 1 21  ? 5.955   5.607   14.349  1.00 41.20 ? 21  ARG A NH2 1 
ATOM   170  N  N   . GLY A 1 22  ? -0.512  10.667  10.551  1.00 13.30 ? 22  GLY A N   1 
ATOM   171  C  CA  . GLY A 1 22  ? -0.983  11.925  10.015  1.00 14.38 ? 22  GLY A CA  1 
ATOM   172  C  C   . GLY A 1 22  ? -1.564  11.936  8.631   1.00 13.12 ? 22  GLY A C   1 
ATOM   173  O  O   . GLY A 1 22  ? -1.916  12.972  8.119   1.00 15.76 ? 22  GLY A O   1 
ATOM   174  N  N   . TYR A 1 23  ? -1.660  10.781  7.999   1.00 11.33 ? 23  TYR A N   1 
ATOM   175  C  CA  . TYR A 1 23  ? -2.164  10.729  6.624   1.00 11.29 ? 23  TYR A CA  1 
ATOM   176  C  C   . TYR A 1 23  ? -3.584  10.320  6.590   1.00 12.39 ? 23  TYR A C   1 
ATOM   177  O  O   . TYR A 1 23  ? -3.929  9.208   6.986   1.00 13.55 ? 23  TYR A O   1 
ATOM   178  C  CB  . TYR A 1 23  ? -1.324  9.820   5.722   1.00 10.20 ? 23  TYR A CB  1 
ATOM   179  C  CG  . TYR A 1 23  ? 0.067   10.302  5.575   1.00 10.03 ? 23  TYR A CG  1 
ATOM   180  C  CD1 . TYR A 1 23  ? 1.117   9.909   6.478   1.00 9.83  ? 23  TYR A CD1 1 
ATOM   181  C  CD2 . TYR A 1 23  ? 0.398   11.050  4.492   1.00 9.92  ? 23  TYR A CD2 1 
ATOM   182  C  CE1 . TYR A 1 23  ? 2.428   10.360  6.300   1.00 10.47 ? 23  TYR A CE1 1 
ATOM   183  C  CE2 . TYR A 1 23  ? 1.721   11.524  4.305   1.00 9.63  ? 23  TYR A CE2 1 
ATOM   184  C  CZ  . TYR A 1 23  ? 2.729   11.176  5.144   1.00 10.11 ? 23  TYR A CZ  1 
ATOM   185  O  OH  . TYR A 1 23  ? 3.986   11.647  4.901   1.00 10.99 ? 23  TYR A OH  1 
ATOM   186  N  N   . SER A 1 24  ? -4.415  11.235  6.100   1.00 14.74 ? 24  SER A N   1 
ATOM   187  C  CA  . SER A 1 24  ? -5.842  10.996  6.029   1.00 13.77 ? 24  SER A CA  1 
ATOM   188  C  C   . SER A 1 24  ? -6.157  9.912   5.054   1.00 13.80 ? 24  SER A C   1 
ATOM   189  O  O   . SER A 1 24  ? -5.387  9.622   4.085   1.00 12.75 ? 24  SER A O   1 
ATOM   190  C  CB  . SER A 1 24  ? -6.520  12.268  5.602   1.00 15.37 ? 24  SER A CB  1 
ATOM   191  O  OG  . SER A 1 24  ? -6.105  12.703  4.303   1.00 16.49 ? 24  SER A OG  1 
ATOM   192  N  N   . LEU A 1 25  ? -7.285  9.271   5.305   1.00 13.35 ? 25  LEU A N   1 
ATOM   193  C  CA  . LEU A 1 25  ? -7.710  8.197   4.400   1.00 13.58 ? 25  LEU A CA  1 
ATOM   194  C  C   . LEU A 1 25  ? -7.560  8.439   2.912   1.00 14.27 ? 25  LEU A C   1 
ATOM   195  O  O   . LEU A 1 25  ? -7.176  7.493   2.200   1.00 14.37 ? 25  LEU A O   1 
ATOM   196  C  CB  . LEU A 1 25  ? -9.140  7.805   4.721   1.00 15.21 ? 25  LEU A CB  1 
ATOM   197  C  CG  . LEU A 1 25  ? -9.629  6.419   4.401   1.00 16.25 ? 25  LEU A CG  1 
ATOM   198  C  CD1 . LEU A 1 25  ? -8.708  5.288   4.900   1.00 18.74 ? 25  LEU A CD1 1 
ATOM   199  C  CD2 . LEU A 1 25  ? -11.079 6.299   5.021   1.00 19.70 ? 25  LEU A CD2 1 
ATOM   200  N  N   . GLY A 1 26  ? -7.954  9.606   2.397   1.00 12.58 ? 26  GLY A N   1 
ATOM   201  C  CA  . GLY A 1 26  ? -7.832  9.928   0.983   1.00 12.88 ? 26  GLY A CA  1 
ATOM   202  C  C   . GLY A 1 26  ? -6.460  9.632   0.449   1.00 10.52 ? 26  GLY A C   1 
ATOM   203  O  O   . GLY A 1 26  ? -6.334  9.217   -0.658  1.00 11.09 ? 26  GLY A O   1 
ATOM   204  N  N   . ASN A 1 27  ? -5.459  9.884   1.260   1.00 10.21 ? 27  ASN A N   1 
ATOM   205  C  CA  . ASN A 1 27  ? -4.079  9.678   0.811   1.00 10.82 ? 27  ASN A CA  1 
ATOM   206  C  C   . ASN A 1 27  ? -3.794  8.200   0.531   1.00 10.03 ? 27  ASN A C   1 
ATOM   207  O  O   . ASN A 1 27  ? -3.132  7.898   -0.414  1.00 10.21 ? 27  ASN A O   1 
ATOM   208  C  CB  . ASN A 1 27  ? -3.103  10.137  1.883   1.00 10.11 ? 27  ASN A CB  1 
ATOM   209  C  CG  . ASN A 1 27  ? -2.960  11.664  1.906   1.00 10.90 ? 27  ASN A CG  1 
ATOM   210  O  OD1 . ASN A 1 27  ? -2.330  12.225  1.024   1.00 11.20 ? 27  ASN A OD1 1 
ATOM   211  N  ND2 . ASN A 1 27  ? -3.570  12.337  2.919   1.00 11.67 ? 27  ASN A ND2 1 
ATOM   212  N  N   . TRP A 1 28  ? -4.345  7.325   1.364   1.00 10.97 ? 28  TRP A N   1 
ATOM   213  C  CA  . TRP A 1 28  ? -4.101  5.908   1.283   1.00 10.62 ? 28  TRP A CA  1 
ATOM   214  C  C   . TRP A 1 28  ? -4.901  5.384   0.117   1.00 10.28 ? 28  TRP A C   1 
ATOM   215  O  O   . TRP A 1 28  ? -4.421  4.561   -0.622  1.00 10.75 ? 28  TRP A O   1 
ATOM   216  C  CB  . TRP A 1 28  ? -4.480  5.162   2.607   1.00 10.79 ? 28  TRP A CB  1 
ATOM   217  C  CG  . TRP A 1 28  ? -3.659  5.569   3.746   1.00 9.89  ? 28  TRP A CG  1 
ATOM   218  C  CD1 . TRP A 1 28  ? -3.954  6.477   4.729   1.00 10.34 ? 28  TRP A CD1 1 
ATOM   219  C  CD2 . TRP A 1 28  ? -2.316  5.165   3.960   1.00 11.46 ? 28  TRP A CD2 1 
ATOM   220  N  NE1 . TRP A 1 28  ? -2.896  6.586   5.622   1.00 11.18 ? 28  TRP A NE1 1 
ATOM   221  C  CE2 . TRP A 1 28  ? -1.859  5.796   5.153   1.00 9.73  ? 28  TRP A CE2 1 
ATOM   222  C  CE3 . TRP A 1 28  ? -1.455  4.271   3.274   1.00 10.12 ? 28  TRP A CE3 1 
ATOM   223  C  CZ2 . TRP A 1 28  ? -0.588  5.569   5.656   1.00 10.59 ? 28  TRP A CZ2 1 
ATOM   224  C  CZ3 . TRP A 1 28  ? -0.225  4.083   3.780   1.00 11.50 ? 28  TRP A CZ3 1 
ATOM   225  C  CH2 . TRP A 1 28  ? 0.193   4.741   4.979   1.00 11.29 ? 28  TRP A CH2 1 
ATOM   226  N  N   . VAL A 1 29  ? -6.134  5.855   -0.065  1.00 10.22 ? 29  VAL A N   1 
ATOM   227  C  CA  . VAL A 1 29  ? -6.943  5.402   -1.190  1.00 10.59 ? 29  VAL A CA  1 
ATOM   228  C  C   . VAL A 1 29  ? -6.338  5.819   -2.516  1.00 9.91  ? 29  VAL A C   1 
ATOM   229  O  O   . VAL A 1 29  ? -6.241  5.042   -3.432  1.00 12.64 ? 29  VAL A O   1 
ATOM   230  C  CB  . VAL A 1 29  ? -8.450  5.824   -1.051  1.00 11.43 ? 29  VAL A CB  1 
ATOM   231  C  CG1 . VAL A 1 29  ? -9.237  5.541   -2.351  1.00 12.60 ? 29  VAL A CG1 1 
ATOM   232  C  CG2 . VAL A 1 29  ? -8.991  5.171   0.228   1.00 12.10 ? 29  VAL A CG2 1 
ATOM   233  N  N   . CYS A 1 30  ? -5.906  7.075   -2.604  1.00 9.08  ? 30  CYS A N   1 
ATOM   234  C  CA  . CYS A 1 30  ? -5.241  7.623   -3.779  1.00 9.04  ? 30  CYS A CA  1 
ATOM   235  C  C   . CYS A 1 30  ? -3.958  6.756   -4.127  1.00 8.44  ? 30  CYS A C   1 
ATOM   236  O  O   . CYS A 1 30  ? -3.710  6.427   -5.266  1.00 7.77  ? 30  CYS A O   1 
ATOM   237  C  CB  . CYS A 1 30  ? -4.849  9.104   -3.471  1.00 9.29  ? 30  CYS A CB  1 
ATOM   238  S  SG  . CYS A 1 30  ? -4.140  9.916   -4.948  1.00 10.68 ? 30  CYS A SG  1 
ATOM   239  N  N   . ALA A 1 31  ? -3.125  6.514   -3.111  1.00 9.01  ? 31  ALA A N   1 
ATOM   240  C  CA  . ALA A 1 31  ? -1.907  5.697   -3.295  1.00 9.14  ? 31  ALA A CA  1 
ATOM   241  C  C   . ALA A 1 31  ? -2.289  4.375   -3.852  1.00 8.89  ? 31  ALA A C   1 
ATOM   242  O  O   . ALA A 1 31  ? -1.697  3.910   -4.798  1.00 9.10  ? 31  ALA A O   1 
ATOM   243  C  CB  . ALA A 1 31  ? -1.138  5.528   -2.018  1.00 9.41  ? 31  ALA A CB  1 
ATOM   244  N  N   . ALA A 1 32  ? -3.245  3.686   -3.269  1.00 9.75  ? 32  ALA A N   1 
ATOM   245  C  CA  . ALA A 1 32  ? -3.677  2.401   -3.792  1.00 9.19  ? 32  ALA A CA  1 
ATOM   246  C  C   . ALA A 1 32  ? -4.214  2.434   -5.217  1.00 8.77  ? 32  ALA A C   1 
ATOM   247  O  O   . ALA A 1 32  ? -3.957  1.550   -5.998  1.00 8.82  ? 32  ALA A O   1 
ATOM   248  C  CB  . ALA A 1 32  ? -4.721  1.827   -2.845  1.00 9.51  ? 32  ALA A CB  1 
ATOM   249  N  N   . LYS A 1 33  ? -4.970  3.500   -5.556  1.00 9.75  ? 33  LYS A N   1 
ATOM   250  C  CA  . LYS A 1 33  ? -5.498  3.649   -6.940  1.00 10.72 ? 33  LYS A CA  1 
ATOM   251  C  C   . LYS A 1 33  ? -4.377  3.619   -7.932  1.00 10.07 ? 33  LYS A C   1 
ATOM   252  O  O   . LYS A 1 33  ? -4.358  2.873   -8.876  1.00 10.53 ? 33  LYS A O   1 
ATOM   253  C  CB  . LYS A 1 33  ? -6.303  4.946   -7.048  1.00 12.18 ? 33  LYS A CB  1 
ATOM   254  C  CG  . LYS A 1 33  ? -6.701  5.267   -8.480  1.00 13.83 ? 33  LYS A CG  1 
ATOM   255  C  CD  . LYS A 1 33  ? -7.653  4.295   -9.153  1.00 16.99 ? 33  LYS A CD  1 
ATOM   256  C  CE  . LYS A 1 33  ? -7.958  4.784   -10.559 1.00 19.75 ? 33  LYS A CE  1 
ATOM   257  N  NZ  . LYS A 1 33  ? -8.934  3.822   -11.149 1.00 22.37 ? 33  LYS A NZ  1 
ATOM   258  N  N   . PHE A 1 34  ? -3.380  4.420   -7.713  1.00 10.99 ? 34  PHE A N   1 
ATOM   259  C  CA  . PHE A 1 34  ? -2.271  4.512   -8.685  1.00 11.03 ? 34  PHE A CA  1 
ATOM   260  C  C   . PHE A 1 34  ? -1.208  3.428   -8.592  1.00 11.99 ? 34  PHE A C   1 
ATOM   261  O  O   . PHE A 1 34  ? -0.493  3.155   -9.568  1.00 10.87 ? 34  PHE A O   1 
ATOM   262  C  CB  . PHE A 1 34  ? -1.720  5.906   -8.579  1.00 11.41 ? 34  PHE A CB  1 
ATOM   263  C  CG  . PHE A 1 34  ? -2.699  6.957   -9.029  1.00 13.19 ? 34  PHE A CG  1 
ATOM   264  C  CD1 . PHE A 1 34  ? -3.338  6.846   -10.257 1.00 12.84 ? 34  PHE A CD1 1 
ATOM   265  C  CD2 . PHE A 1 34  ? -2.953  8.080   -8.232  1.00 14.85 ? 34  PHE A CD2 1 
ATOM   266  C  CE1 . PHE A 1 34  ? -4.232  7.828   -10.698 1.00 14.23 ? 34  PHE A CE1 1 
ATOM   267  C  CE2 . PHE A 1 34  ? -3.833  9.065   -8.659  1.00 16.47 ? 34  PHE A CE2 1 
ATOM   268  C  CZ  . PHE A 1 34  ? -4.484  8.927   -9.873  1.00 15.97 ? 34  PHE A CZ  1 
ATOM   269  N  N   . GLU A 1 35  ? -1.084  2.815   -7.413  1.00 11.60 ? 35  GLU A N   1 
ATOM   270  C  CA  . GLU A 1 35  ? -0.167  1.655   -7.293  1.00 11.53 ? 35  GLU A CA  1 
ATOM   271  C  C   . GLU A 1 35  ? -0.685  0.416   -7.930  1.00 10.62 ? 35  GLU A C   1 
ATOM   272  O  O   . GLU A 1 35  ? 0.022   -0.266  -8.618  1.00 9.33  ? 35  GLU A O   1 
ATOM   273  C  CB  . GLU A 1 35  ? 0.228   1.390   -5.820  1.00 11.82 ? 35  GLU A CB  1 
ATOM   274  C  CG  . GLU A 1 35  ? 0.998   2.537   -5.167  1.00 12.12 ? 35  GLU A CG  1 
ATOM   275  C  CD  . GLU A 1 35  ? 2.436   2.677   -5.658  1.00 10.99 ? 35  GLU A CD  1 
ATOM   276  O  OE1 . GLU A 1 35  ? 2.879   1.821   -6.490  1.00 10.66 ? 35  GLU A OE1 1 
ATOM   277  O  OE2 . GLU A 1 35  ? 3.111   3.672   -5.262  1.00 11.12 ? 35  GLU A OE2 1 
ATOM   278  N  N   . SER A 1 36  ? -1.968  0.117   -7.799  1.00 10.21 ? 36  SER A N   1 
ATOM   279  C  CA  . SER A 1 36  ? -2.480  -1.184  -8.105  1.00 10.65 ? 36  SER A CA  1 
ATOM   280  C  C   . SER A 1 36  ? -3.851  -1.170  -8.722  1.00 10.29 ? 36  SER A C   1 
ATOM   281  O  O   . SER A 1 36  ? -4.376  -2.291  -9.009  1.00 10.72 ? 36  SER A O   1 
ATOM   282  C  CB  . SER A 1 36  ? -2.651  -1.933  -6.820  1.00 10.28 ? 36  SER A CB  1 
ATOM   283  O  OG  . SER A 1 36  ? -3.687  -1.478  -5.964  1.00 9.68  ? 36  SER A OG  1 
ATOM   284  N  N   . ASN A 1 37  ? -4.421  0.022   -8.925  1.00 11.69 ? 37  ASN A N   1 
ATOM   285  C  CA  . ASN A 1 37  ? -5.844  0.160   -9.354  1.00 12.66 ? 37  ASN A CA  1 
ATOM   286  C  C   . ASN A 1 37  ? -6.726  -0.682  -8.460  1.00 11.26 ? 37  ASN A C   1 
ATOM   287  O  O   . ASN A 1 37  ? -7.709  -1.265  -8.963  1.00 12.78 ? 37  ASN A O   1 
ATOM   288  C  CB  . ASN A 1 37  ? -6.008  -0.244  -10.823 1.00 15.61 ? 37  ASN A CB  1 
ATOM   289  C  CG  . ASN A 1 37  ? -7.170  0.417   -11.456 1.00 19.34 ? 37  ASN A CG  1 
ATOM   290  O  OD1 . ASN A 1 37  ? -7.672  1.394   -10.923 1.00 19.89 ? 37  ASN A OD1 1 
ATOM   291  N  ND2 . ASN A 1 37  ? -7.631  -0.126  -12.562 1.00 24.75 ? 37  ASN A ND2 1 
ATOM   292  N  N   . PHE A 1 38  ? -6.445  -0.699  -7.159  1.00 10.14 ? 38  PHE A N   1 
ATOM   293  C  CA  . PHE A 1 38  ? -7.259  -1.372  -6.136  1.00 11.04 ? 38  PHE A CA  1 
ATOM   294  C  C   . PHE A 1 38  ? -7.324  -2.900  -6.264  1.00 11.06 ? 38  PHE A C   1 
ATOM   295  O  O   . PHE A 1 38  ? -8.230  -3.536  -5.705  1.00 13.09 ? 38  PHE A O   1 
ATOM   296  C  CB  . PHE A 1 38  ? -8.730  -0.825  -6.084  1.00 11.54 ? 38  PHE A CB  1 
ATOM   297  C  CG  . PHE A 1 38  ? -8.859  0.644   -5.974  1.00 11.86 ? 38  PHE A CG  1 
ATOM   298  C  CD1 . PHE A 1 38  ? -8.049  1.379   -5.096  1.00 11.99 ? 38  PHE A CD1 1 
ATOM   299  C  CD2 . PHE A 1 38  ? -9.949  1.246   -6.592  1.00 14.37 ? 38  PHE A CD2 1 
ATOM   300  C  CE1 . PHE A 1 38  ? -8.274  2.751   -4.919  1.00 13.83 ? 38  PHE A CE1 1 
ATOM   301  C  CE2 . PHE A 1 38  ? -10.184 2.604   -6.428  1.00 15.08 ? 38  PHE A CE2 1 
ATOM   302  C  CZ  . PHE A 1 38  ? -9.341  3.353   -5.593  1.00 13.06 ? 38  PHE A CZ  1 
ATOM   303  N  N   . ASN A 1 39  ? -6.326  -3.508  -6.957  1.00 11.53 ? 39  ASN A N   1 
ATOM   304  C  CA  . ASN A 1 39  ? -6.218  -4.927  -7.151  1.00 10.61 ? 39  ASN A CA  1 
ATOM   305  C  C   . ASN A 1 39  ? -5.203  -5.522  -6.228  1.00 11.38 ? 39  ASN A C   1 
ATOM   306  O  O   . ASN A 1 39  ? -4.006  -5.291  -6.404  1.00 10.51 ? 39  ASN A O   1 
ATOM   307  C  CB  . ASN A 1 39  ? -5.795  -5.190  -8.610  1.00 10.76 ? 39  ASN A CB  1 
ATOM   308  C  CG  . ASN A 1 39  ? -5.775  -6.651  -8.967  1.00 11.81 ? 39  ASN A CG  1 
ATOM   309  O  OD1 . ASN A 1 39  ? -6.120  -7.497  -8.184  1.00 10.01 ? 39  ASN A OD1 1 
ATOM   310  N  ND2 . ASN A 1 39  ? -5.352  -6.946  -10.186 1.00 13.98 ? 39  ASN A ND2 1 
ATOM   311  N  N   . THR A 1 40  ? -5.649  -6.354  -5.292  1.00 10.86 ? 40  THR A N   1 
ATOM   312  C  CA  . THR A 1 40  ? -4.770  -6.977  -4.343  1.00 10.91 ? 40  THR A CA  1 
ATOM   313  C  C   . THR A 1 40  ? -3.765  -7.893  -5.023  1.00 10.76 ? 40  THR A C   1 
ATOM   314  O  O   . THR A 1 40  ? -2.673  -8.102  -4.478  1.00 10.55 ? 40  THR A O   1 
ATOM   315  C  CB  . THR A 1 40  ? -5.452  -7.808  -3.238  1.00 11.59 ? 40  THR A CB  1 
ATOM   316  O  OG1 . THR A 1 40  ? -5.996  -9.023  -3.779  1.00 10.51 ? 40  THR A OG1 1 
ATOM   317  C  CG2 . THR A 1 40  ? -6.538  -7.026  -2.461  1.00 11.49 ? 40  THR A CG2 1 
ATOM   318  N  N   . GLN A 1 41  ? -4.053  -8.399  -6.223  1.00 11.26 ? 41  GLN A N   1 
ATOM   319  C  CA  . GLN A 1 41  ? -3.140  -9.336  -6.869  1.00 10.85 ? 41  GLN A CA  1 
ATOM   320  C  C   . GLN A 1 41  ? -2.080  -8.687  -7.761  1.00 11.74 ? 41  GLN A C   1 
ATOM   321  O  O   . GLN A 1 41  ? -1.367  -9.375  -8.439  1.00 11.90 ? 41  GLN A O   1 
ATOM   322  C  CB  . GLN A 1 41  ? -3.930  -10.416 -7.630  1.00 11.59 ? 41  GLN A CB  1 
ATOM   323  C  CG  . GLN A 1 41  ? -4.730  -11.300 -6.718  1.00 11.77 ? 41  GLN A CG  1 
ATOM   324  C  CD  . GLN A 1 41  ? -5.248  -12.524 -7.426  1.00 13.31 ? 41  GLN A CD  1 
ATOM   325  O  OE1 . GLN A 1 41  ? -4.478  -13.470 -7.650  1.00 13.40 ? 41  GLN A OE1 1 
ATOM   326  N  NE2 . GLN A 1 41  ? -6.452  -12.441 -7.953  1.00 13.24 ? 41  GLN A NE2 1 
ATOM   327  N  N   . ALA A 1 42  ? -2.024  -7.373  -7.782  1.00 9.92  ? 42  ALA A N   1 
ATOM   328  C  CA  . ALA A 1 42  ? -1.088  -6.671  -8.626  1.00 10.31 ? 42  ALA A CA  1 
ATOM   329  C  C   . ALA A 1 42  ? 0.359   -7.017  -8.204  1.00 9.54  ? 42  ALA A C   1 
ATOM   330  O  O   . ALA A 1 42  ? 0.687   -6.978  -7.011  1.00 11.11 ? 42  ALA A O   1 
ATOM   331  C  CB  . ALA A 1 42  ? -1.279  -5.167  -8.443  1.00 9.77  ? 42  ALA A CB  1 
ATOM   332  N  N   . THR A 1 43  ? 1.208   -7.216  -9.211  1.00 10.67 ? 43  THR A N   1 
ATOM   333  C  CA  . THR A 1 43  ? 2.646   -7.407  -9.019  1.00 11.55 ? 43  THR A CA  1 
ATOM   334  C  C   . THR A 1 43  ? 3.385   -6.661  -10.104 1.00 13.20 ? 43  THR A C   1 
ATOM   335  O  O   . THR A 1 43  ? 2.840   -6.425  -11.214 1.00 14.98 ? 43  THR A O   1 
ATOM   336  C  CB  . THR A 1 43  ? 3.072   -8.887  -9.084  1.00 11.42 ? 43  THR A CB  1 
ATOM   337  O  OG1 . THR A 1 43  ? 2.707   -9.447  -10.358 1.00 13.43 ? 43  THR A OG1 1 
ATOM   338  C  CG2 . THR A 1 43  ? 2.497   -9.683  -8.011  1.00 12.18 ? 43  THR A CG2 1 
ATOM   339  N  N   . ASN A 1 44  ? 4.581   -6.170  -9.772  1.00 12.97 ? 44  ASN A N   1 
ATOM   340  C  CA  . ASN A 1 44  ? 5.429   -5.560  -10.801 1.00 14.93 ? 44  ASN A CA  1 
ATOM   341  C  C   . ASN A 1 44  ? 6.880   -5.798  -10.456 1.00 14.06 ? 44  ASN A C   1 
ATOM   342  O  O   . ASN A 1 44  ? 7.311   -5.497  -9.316  1.00 15.70 ? 44  ASN A O   1 
ATOM   343  C  CB  . ASN A 1 44  ? 5.124   -4.083  -10.893 1.00 17.49 ? 44  ASN A CB  1 
ATOM   344  C  CG  . ASN A 1 44  ? 3.791   -3.824  -11.652 1.00 21.68 ? 44  ASN A CG  1 
ATOM   345  O  OD1 . ASN A 1 44  ? 3.666   -4.023  -12.894 1.00 19.76 ? 44  ASN A OD1 1 
ATOM   346  N  ND2 . ASN A 1 44  ? 2.766   -3.444  -10.890 1.00 22.74 ? 44  ASN A ND2 1 
ATOM   347  N  N   . ARG A 1 45  ? 7.610   -6.242  -11.477 1.00 14.62 ? 45  ARG A N   1 
ATOM   348  C  CA  . ARG A 1 45  ? 9.039   -6.477  -11.343 1.00 16.14 ? 45  ARG A CA  1 
ATOM   349  C  C   . ARG A 1 45  ? 9.798   -5.217  -11.562 1.00 16.52 ? 45  ARG A C   1 
ATOM   350  O  O   . ARG A 1 45  ? 9.533   -4.486  -12.536 1.00 16.97 ? 45  ARG A O   1 
ATOM   351  C  CB  . ARG A 1 45  ? 9.471   -7.532  -12.346 1.00 16.17 ? 45  ARG A CB  1 
ATOM   352  C  CG  . ARG A 1 45  ? 10.930  -7.935  -12.407 1.00 19.12 ? 45  ARG A CG  1 
ATOM   353  C  CD  . ARG A 1 45  ? 11.476  -8.619  -11.208 1.00 19.05 ? 45  ARG A CD  1 
ATOM   354  N  NE  . ARG A 1 45  ? 10.588  -9.512  -10.505 1.00 19.78 ? 45  ARG A NE  1 
ATOM   355  C  CZ  . ARG A 1 45  ? 10.029  -10.665 -10.948 1.00 21.60 ? 45  ARG A CZ  1 
ATOM   356  N  NH1 . ARG A 1 45  ? 10.375  -11.224 -12.124 1.00 23.27 ? 45  ARG A NH1 1 
ATOM   357  N  NH2 . ARG A 1 45  ? 9.197   -11.347 -10.107 1.00 17.07 ? 45  ARG A NH2 1 
ATOM   358  N  N   . ASN A 1 46  ? 10.779  -4.984  -10.682 1.00 18.63 ? 46  ASN A N   1 
ATOM   359  C  CA  . ASN A 1 46  ? 11.715  -3.824  -10.770 1.00 20.46 ? 46  ASN A CA  1 
ATOM   360  C  C   . ASN A 1 46  ? 13.003  -4.206  -11.471 1.00 21.96 ? 46  ASN A C   1 
ATOM   361  O  O   . ASN A 1 46  ? 13.356  -5.394  -11.565 1.00 19.34 ? 46  ASN A O   1 
ATOM   362  C  CB  . ASN A 1 46  ? 12.030  -3.245  -9.388  1.00 21.25 ? 46  ASN A CB  1 
ATOM   363  C  CG  . ASN A 1 46  ? 10.780  -2.945  -8.562  1.00 22.36 ? 46  ASN A CG  1 
ATOM   364  O  OD1 . ASN A 1 46  ? 10.607  -3.430  -7.456  1.00 24.69 ? 46  ASN A OD1 1 
ATOM   365  N  ND2 . ASN A 1 46  ? 9.854   -2.249  -9.162  1.00 25.85 ? 46  ASN A ND2 1 
ATOM   366  N  N   . THR A 1 47  ? 13.695  -3.196  -12.006 1.00 25.32 ? 47  THR A N   1 
ATOM   367  C  CA  . THR A 1 47  ? 14.973  -3.445  -12.677 1.00 28.38 ? 47  THR A CA  1 
ATOM   368  C  C   . THR A 1 47  ? 15.969  -4.157  -11.798 1.00 26.90 ? 47  THR A C   1 
ATOM   369  O  O   . THR A 1 47  ? 16.708  -4.985  -12.282 1.00 30.19 ? 47  THR A O   1 
ATOM   370  C  CB  . THR A 1 47  ? 15.624  -2.151  -13.160 1.00 30.41 ? 47  THR A CB  1 
ATOM   371  O  OG1 . THR A 1 47  ? 15.753  -1.251  -12.046 1.00 40.76 ? 47  THR A OG1 1 
ATOM   372  C  CG2 . THR A 1 47  ? 14.773  -1.515  -14.187 1.00 30.65 ? 47  THR A CG2 1 
ATOM   373  N  N   . ASP A 1 48  ? 15.973  -3.846  -10.512 1.00 25.74 ? 48  ASP A N   1 
ATOM   374  C  CA  . ASP A 1 48  ? 16.945  -4.411  -9.565  1.00 25.10 ? 48  ASP A CA  1 
ATOM   375  C  C   . ASP A 1 48  ? 16.667  -5.895  -9.164  1.00 25.24 ? 48  ASP A C   1 
ATOM   376  O  O   . ASP A 1 48  ? 17.295  -6.390  -8.231  1.00 27.37 ? 48  ASP A O   1 
ATOM   377  C  CB  . ASP A 1 48  ? 17.059  -3.492  -8.328  1.00 28.01 ? 48  ASP A CB  1 
ATOM   378  C  CG  . ASP A 1 48  ? 15.751  -3.455  -7.425  1.00 28.64 ? 48  ASP A CG  1 
ATOM   379  O  OD1 . ASP A 1 48  ? 14.862  -4.305  -7.592  1.00 24.17 ? 48  ASP A OD1 1 
ATOM   380  O  OD2 . ASP A 1 48  ? 15.624  -2.578  -6.559  1.00 29.62 ? 48  ASP A OD2 1 
ATOM   381  N  N   . GLY A 1 49  ? 15.670  -6.529  -9.791  1.00 22.87 ? 49  GLY A N   1 
ATOM   382  C  CA  . GLY A 1 49  ? 15.216  -7.910  -9.499  1.00 22.87 ? 49  GLY A CA  1 
ATOM   383  C  C   . GLY A 1 49  ? 14.162  -8.039  -8.425  1.00 21.11 ? 49  GLY A C   1 
ATOM   384  O  O   . GLY A 1 49  ? 13.676  -9.160  -8.153  1.00 23.24 ? 49  GLY A O   1 
ATOM   385  N  N   . SER A 1 50  ? 13.938  -6.959  -7.664  1.00 18.32 ? 50  SER A N   1 
ATOM   386  C  CA  . SER A 1 50  ? 12.932  -7.015  -6.622  1.00 16.29 ? 50  SER A CA  1 
ATOM   387  C  C   . SER A 1 50  ? 11.561  -6.946  -7.298  1.00 14.29 ? 50  SER A C   1 
ATOM   388  O  O   . SER A 1 50  ? 11.462  -6.648  -8.488  1.00 14.58 ? 50  SER A O   1 
ATOM   389  C  CB  . SER A 1 50  ? 13.125  -5.909  -5.653  1.00 15.62 ? 50  SER A CB  1 
ATOM   390  O  OG  . SER A 1 50  ? 12.829  -4.669  -6.227  1.00 16.82 ? 50  SER A OG  1 
ATOM   391  N  N   . THR A 1 51  ? 10.512  -7.222  -6.519  1.00 11.78 ? 51  THR A N   1 
ATOM   392  C  CA  . THR A 1 51  ? 9.164   -7.186  -7.057  1.00 10.64 ? 51  THR A CA  1 
ATOM   393  C  C   . THR A 1 51  ? 8.310   -6.453  -6.026  1.00 10.11 ? 51  THR A C   1 
ATOM   394  O  O   . THR A 1 51  ? 8.535   -6.602  -4.791  1.00 11.59 ? 51  THR A O   1 
ATOM   395  C  CB  . THR A 1 51  ? 8.629   -8.610  -7.223  1.00 9.93  ? 51  THR A CB  1 
ATOM   396  O  OG1 . THR A 1 51  ? 9.477   -9.314  -8.091  1.00 11.04 ? 51  THR A OG1 1 
ATOM   397  C  CG2 . THR A 1 51  ? 7.206   -8.712  -7.815  1.00 9.83  ? 51  THR A CG2 1 
ATOM   398  N  N   . ASP A 1 52  ? 7.295   -5.740  -6.516  1.00 10.29 ? 52  ASP A N   1 
ATOM   399  C  CA  . ASP A 1 52  ? 6.303   -5.017  -5.703  1.00 10.98 ? 52  ASP A CA  1 
ATOM   400  C  C   . ASP A 1 52  ? 4.990   -5.850  -5.727  1.00 9.23  ? 52  ASP A C   1 
ATOM   401  O  O   . ASP A 1 52  ? 4.555   -6.409  -6.751  1.00 10.17 ? 52  ASP A O   1 
ATOM   402  C  CB  . ASP A 1 52  ? 5.993   -3.652  -6.309  1.00 12.16 ? 52  ASP A CB  1 
ATOM   403  C  CG  . ASP A 1 52  ? 7.245   -2.749  -6.371  1.00 16.64 ? 52  ASP A CG  1 
ATOM   404  O  OD1 . ASP A 1 52  ? 8.073   -2.884  -5.473  1.00 16.38 ? 52  ASP A OD1 1 
ATOM   405  O  OD2 . ASP A 1 52  ? 7.359   -1.955  -7.276  1.00 23.08 ? 52  ASP A OD2 1 
ATOM   406  N  N   . TYR A 1 53  ? 4.332   -5.842  -4.564  1.00 9.75  ? 53  TYR A N   1 
ATOM   407  C  CA  . TYR A 1 53  ? 3.172   -6.691  -4.332  1.00 9.68  ? 53  TYR A CA  1 
ATOM   408  C  C   . TYR A 1 53  ? 2.004   -5.979  -3.694  1.00 9.02  ? 53  TYR A C   1 
ATOM   409  O  O   . TYR A 1 53  ? 2.127   -5.269  -2.692  1.00 10.00 ? 53  TYR A O   1 
ATOM   410  C  CB  . TYR A 1 53  ? 3.570   -7.809  -3.370  1.00 9.08  ? 53  TYR A CB  1 
ATOM   411  C  CG  . TYR A 1 53  ? 4.635   -8.751  -3.933  1.00 9.95  ? 53  TYR A CG  1 
ATOM   412  C  CD1 . TYR A 1 53  ? 5.997   -8.476  -3.801  1.00 10.56 ? 53  TYR A CD1 1 
ATOM   413  C  CD2 . TYR A 1 53  ? 4.256   -9.958  -4.561  1.00 10.18 ? 53  TYR A CD2 1 
ATOM   414  C  CE1 . TYR A 1 53  ? 6.937   -9.340  -4.294  1.00 10.52 ? 53  TYR A CE1 1 
ATOM   415  C  CE2 . TYR A 1 53  ? 5.214   -10.815 -5.130  1.00 9.58  ? 53  TYR A CE2 1 
ATOM   416  C  CZ  . TYR A 1 53  ? 6.574   -10.497 -4.923  1.00 10.16 ? 53  TYR A CZ  1 
ATOM   417  O  OH  . TYR A 1 53  ? 7.507   -11.327 -5.467  1.00 11.85 ? 53  TYR A OH  1 
ATOM   418  N  N   . GLY A 1 54  ? 0.834   -6.242  -4.256  1.00 9.32  ? 54  GLY A N   1 
ATOM   419  C  CA  . GLY A 1 54  ? -0.380  -5.901  -3.527  1.00 9.94  ? 54  GLY A CA  1 
ATOM   420  C  C   . GLY A 1 54  ? -0.899  -4.509  -3.823  1.00 10.35 ? 54  GLY A C   1 
ATOM   421  O  O   . GLY A 1 54  ? -0.426  -3.814  -4.709  1.00 10.59 ? 54  GLY A O   1 
ATOM   422  N  N   . ILE A 1 55  ? -1.925  -4.149  -3.087  1.00 11.88 ? 55  ILE A N   1 
ATOM   423  C  CA  . ILE A 1 55  ? -2.585  -2.855  -3.250  1.00 12.44 ? 55  ILE A CA  1 
ATOM   424  C  C   . ILE A 1 55  ? -1.729  -1.649  -3.138  1.00 11.69 ? 55  ILE A C   1 
ATOM   425  O  O   . ILE A 1 55  ? -1.975  -0.634  -3.799  1.00 11.79 ? 55  ILE A O   1 
ATOM   426  C  CB  . ILE A 1 55  ? -3.798  -2.630  -2.273  1.00 15.95 ? 55  ILE A CB  1 
ATOM   427  C  CG1 . ILE A 1 55  ? -3.462  -2.873  -0.810  1.00 16.11 ? 55  ILE A CG1 1 
ATOM   428  C  CG2 . ILE A 1 55  ? -4.999  -3.316  -2.880  1.00 17.22 ? 55  ILE A CG2 1 
ATOM   429  C  CD1 . ILE A 1 55  ? -4.372  -2.233  0.203   1.00 19.59 ? 55  ILE A CD1 1 
ATOM   430  N  N   . LEU A 1 56  ? -0.721  -1.749  -2.302  1.00 11.12 ? 56  LEU A N   1 
ATOM   431  C  CA  . LEU A 1 56  ? 0.236   -0.662  -2.144  1.00 10.62 ? 56  LEU A CA  1 
ATOM   432  C  C   . LEU A 1 56  ? 1.650   -1.017  -2.647  1.00 9.97  ? 56  LEU A C   1 
ATOM   433  O  O   . LEU A 1 56  ? 2.599   -0.315  -2.319  1.00 11.15 ? 56  LEU A O   1 
ATOM   434  C  CB  . LEU A 1 56  ? 0.298   -0.210  -0.690  1.00 10.36 ? 56  LEU A CB  1 
ATOM   435  C  CG  . LEU A 1 56  ? -0.980  0.484   -0.121  1.00 11.92 ? 56  LEU A CG  1 
ATOM   436  C  CD1 . LEU A 1 56  ? -1.036  0.526   1.437   1.00 13.70 ? 56  LEU A CD1 1 
ATOM   437  C  CD2 . LEU A 1 56  ? -1.101  1.883   -0.754  1.00 13.13 ? 56  LEU A CD2 1 
ATOM   438  N  N   . GLN A 1 57  ? 1.748   -2.078  -3.456  1.00 9.55  ? 57  GLN A N   1 
ATOM   439  C  CA  . GLN A 1 57  ? 2.937   -2.371  -4.201  1.00 9.20  ? 57  GLN A CA  1 
ATOM   440  C  C   . GLN A 1 57  ? 4.176   -2.298  -3.328  1.00 10.89 ? 57  GLN A C   1 
ATOM   441  O  O   . GLN A 1 57  ? 5.158   -1.529  -3.612  1.00 12.29 ? 57  GLN A O   1 
ATOM   442  C  CB  . GLN A 1 57  ? 3.036   -1.430  -5.414  1.00 9.50  ? 57  GLN A CB  1 
ATOM   443  C  CG  . GLN A 1 57  ? 2.042   -1.743  -6.494  1.00 9.01  ? 57  GLN A CG  1 
ATOM   444  C  CD  . GLN A 1 57  ? 2.338   -3.071  -7.189  1.00 8.98  ? 57  GLN A CD  1 
ATOM   445  O  OE1 . GLN A 1 57  ? 3.159   -3.106  -8.141  1.00 10.78 ? 57  GLN A OE1 1 
ATOM   446  N  NE2 . GLN A 1 57  ? 1.721   -4.152  -6.757  1.00 9.82  ? 57  GLN A NE2 1 
ATOM   447  N  N   . ILE A 1 58  ? 4.147   -3.118  -2.284  1.00 10.11 ? 58  ILE A N   1 
ATOM   448  C  CA  . ILE A 1 58  ? 5.258   -3.195  -1.353  1.00 11.37 ? 58  ILE A CA  1 
ATOM   449  C  C   . ILE A 1 58  ? 6.381   -4.065  -1.933  1.00 12.56 ? 58  ILE A C   1 
ATOM   450  O  O   . ILE A 1 58  ? 6.128   -5.226  -2.335  1.00 10.91 ? 58  ILE A O   1 
ATOM   451  C  CB  . ILE A 1 58  ? 4.702   -3.683  -0.014  1.00 11.79 ? 58  ILE A CB  1 
ATOM   452  C  CG1 . ILE A 1 58  ? 3.793   -2.579  0.587   1.00 12.27 ? 58  ILE A CG1 1 
ATOM   453  C  CG2 . ILE A 1 58  ? 5.799   -4.153  0.981   1.00 13.20 ? 58  ILE A CG2 1 
ATOM   454  C  CD1 . ILE A 1 58  ? 2.949   -3.018  1.731   1.00 12.34 ? 58  ILE A CD1 1 
ATOM   455  N  N   . ASN A 1 59  ? 7.632   -3.615  -1.709  1.00 12.41 ? 59  ASN A N   1 
ATOM   456  C  CA  . ASN A 1 59  ? 8.729   -4.125  -2.434  1.00 13.40 ? 59  ASN A CA  1 
ATOM   457  C  C   . ASN A 1 59  ? 9.498   -5.143  -1.617  1.00 12.78 ? 59  ASN A C   1 
ATOM   458  O  O   . ASN A 1 59  ? 9.648   -4.983  -0.386  1.00 14.92 ? 59  ASN A O   1 
ATOM   459  C  CB  . ASN A 1 59  ? 9.629   -2.966  -2.860  1.00 15.64 ? 59  ASN A CB  1 
ATOM   460  C  CG  . ASN A 1 59  ? 10.768  -3.421  -3.791  1.00 18.25 ? 59  ASN A CG  1 
ATOM   461  O  OD1 . ASN A 1 59  ? 10.587  -3.608  -5.015  1.00 23.68 ? 59  ASN A OD1 1 
ATOM   462  N  ND2 . ASN A 1 59  ? 11.901  -3.626  -3.234  1.00 20.55 ? 59  ASN A ND2 1 
ATOM   463  N  N   . SER A 1 60  ? 9.941   -6.193  -2.308  1.00 13.46 ? 60  SER A N   1 
ATOM   464  C  CA  . SER A 1 60  ? 10.605  -7.353  -1.688  1.00 13.26 ? 60  SER A CA  1 
ATOM   465  C  C   . SER A 1 60  ? 12.051  -7.105  -1.203  1.00 15.76 ? 60  SER A C   1 
ATOM   466  O  O   . SER A 1 60  ? 12.625  -7.954  -0.554  1.00 17.11 ? 60  SER A O   1 
ATOM   467  C  CB  . SER A 1 60  ? 10.606  -8.515  -2.692  1.00 13.01 ? 60  SER A CB  1 
ATOM   468  O  OG  . SER A 1 60  ? 11.376  -8.237  -3.861  1.00 13.17 ? 60  SER A OG  1 
ATOM   469  N  N   . ARG A 1 61  ? 12.651  -6.006  -1.601  1.00 16.53 ? 61  ARG A N   1 
ATOM   470  C  CA  . ARG A 1 61  ? 14.056  -5.698  -1.207  1.00 21.49 ? 61  ARG A CA  1 
ATOM   471  C  C   . ARG A 1 61  ? 14.135  -5.462  0.278   1.00 22.95 ? 61  ARG A C   1 
ATOM   472  O  O   . ARG A 1 61  ? 15.022  -5.946  0.936   1.00 23.54 ? 61  ARG A O   1 
ATOM   473  C  CB  . ARG A 1 61  ? 14.637  -4.525  -1.986  1.00 26.07 ? 61  ARG A CB  1 
ATOM   474  C  CG  . ARG A 1 61  ? 16.177  -4.377  -1.953  1.00 36.31 ? 61  ARG A CG  1 
ATOM   475  C  CD  . ARG A 1 61  ? 16.645  -3.309  -2.970  1.00 43.57 ? 61  ARG A CD  1 
ATOM   476  N  NE  . ARG A 1 61  ? 17.888  -3.672  -3.686  1.00 54.56 ? 61  ARG A NE  1 
ATOM   477  C  CZ  . ARG A 1 61  ? 18.564  -2.865  -4.533  1.00 57.95 ? 61  ARG A CZ  1 
ATOM   478  N  NH1 . ARG A 1 61  ? 18.149  -1.626  -4.815  1.00 55.93 ? 61  ARG A NH1 1 
ATOM   479  N  NH2 . ARG A 1 61  ? 19.672  -3.308  -5.126  1.00 63.21 ? 61  ARG A NH2 1 
ATOM   480  N  N   . TRP A 1 62  ? 13.174  -4.759  0.833   1.00 20.69 ? 62  TRP A N   1 
ATOM   481  C  CA  . TRP A 1 62  ? 13.210  -4.484  2.229   1.00 24.31 ? 62  TRP A CA  1 
ATOM   482  C  C   . TRP A 1 62  ? 12.147  -5.180  3.044   1.00 19.27 ? 62  TRP A C   1 
ATOM   483  O  O   . TRP A 1 62  ? 12.353  -5.485  4.207   1.00 16.80 ? 62  TRP A O   1 
ATOM   484  C  CB  . TRP A 1 62  ? 13.139  -2.977  2.428   1.00 31.25 ? 62  TRP A CB  1 
ATOM   485  C  CG  . TRP A 1 62  ? 14.445  -2.356  2.119   1.00 43.86 ? 62  TRP A CG  1 
ATOM   486  C  CD1 . TRP A 1 62  ? 14.968  -2.100  0.885   1.00 53.46 ? 62  TRP A CD1 1 
ATOM   487  C  CD2 . TRP A 1 62  ? 15.410  -1.897  3.073   1.00 64.09 ? 62  TRP A CD2 1 
ATOM   488  N  NE1 . TRP A 1 62  ? 16.198  -1.484  1.011   1.00 67.23 ? 62  TRP A NE1 1 
ATOM   489  C  CE2 . TRP A 1 62  ? 16.493  -1.352  2.348   1.00 71.27 ? 62  TRP A CE2 1 
ATOM   490  C  CE3 . TRP A 1 62  ? 15.456  -1.870  4.477   1.00 68.95 ? 62  TRP A CE3 1 
ATOM   491  C  CZ2 . TRP A 1 62  ? 17.624  -0.803  2.990   1.00 77.20 ? 62  TRP A CZ2 1 
ATOM   492  C  CZ3 . TRP A 1 62  ? 16.580  -1.316  5.111   1.00 70.43 ? 62  TRP A CZ3 1 
ATOM   493  C  CH2 . TRP A 1 62  ? 17.643  -0.794  4.366   1.00 75.42 ? 62  TRP A CH2 1 
ATOM   494  N  N   . TRP A 1 63  ? 10.966  -5.416  2.485   1.00 16.05 ? 63  TRP A N   1 
ATOM   495  C  CA  . TRP A 1 63  ? 9.768   -5.515  3.339   1.00 14.27 ? 63  TRP A CA  1 
ATOM   496  C  C   . TRP A 1 63  ? 9.104   -6.893  3.414   1.00 12.82 ? 63  TRP A C   1 
ATOM   497  O  O   . TRP A 1 63  ? 8.487   -7.218  4.383   1.00 12.52 ? 63  TRP A O   1 
ATOM   498  C  CB  . TRP A 1 63  ? 8.684   -4.517  2.882   1.00 14.22 ? 63  TRP A CB  1 
ATOM   499  C  CG  . TRP A 1 63  ? 9.146   -3.121  2.914   1.00 15.07 ? 63  TRP A CG  1 
ATOM   500  C  CD1 . TRP A 1 63  ? 9.514   -2.382  1.862   1.00 15.18 ? 63  TRP A CD1 1 
ATOM   501  C  CD2 . TRP A 1 63  ? 9.489   -2.375  4.081   1.00 15.02 ? 63  TRP A CD2 1 
ATOM   502  N  NE1 . TRP A 1 63  ? 10.000  -1.177  2.292   1.00 17.15 ? 63  TRP A NE1 1 
ATOM   503  C  CE2 . TRP A 1 63  ? 10.021  -1.169  3.657   1.00 15.43 ? 63  TRP A CE2 1 
ATOM   504  C  CE3 . TRP A 1 63  ? 9.409   -2.636  5.444   1.00 17.01 ? 63  TRP A CE3 1 
ATOM   505  C  CZ2 . TRP A 1 63  ? 10.444  -0.159  4.577   1.00 16.24 ? 63  TRP A CZ2 1 
ATOM   506  C  CZ3 . TRP A 1 63  ? 9.836   -1.627  6.344   1.00 17.45 ? 63  TRP A CZ3 1 
ATOM   507  C  CH2 . TRP A 1 63  ? 10.334  -0.428  5.878   1.00 16.32 ? 63  TRP A CH2 1 
ATOM   508  N  N   . CYS A 1 64  ? 9.335   -7.773  2.453   1.00 13.18 ? 64  CYS A N   1 
ATOM   509  C  CA  . CYS A 1 64  ? 8.729   -9.122  2.500   1.00 13.22 ? 64  CYS A CA  1 
ATOM   510  C  C   . CYS A 1 64  ? 9.662   -10.080 1.816   1.00 13.09 ? 64  CYS A C   1 
ATOM   511  O  O   . CYS A 1 64  ? 10.555  -9.679  1.078   1.00 14.55 ? 64  CYS A O   1 
ATOM   512  C  CB  . CYS A 1 64  ? 7.354   -9.160  1.844   1.00 13.87 ? 64  CYS A CB  1 
ATOM   513  S  SG  . CYS A 1 64  ? 7.285   -8.703  0.063   1.00 13.30 ? 64  CYS A SG  1 
ATOM   514  N  N   . ASN A 1 65  ? 9.473   -11.360 2.096   1.00 14.18 ? 65  ASN A N   1 
ATOM   515  C  CA  . ASN A 1 65  ? 10.211  -12.439 1.455   1.00 16.87 ? 65  ASN A CA  1 
ATOM   516  C  C   . ASN A 1 65  ? 9.475   -13.135 0.304   1.00 12.53 ? 65  ASN A C   1 
ATOM   517  O  O   . ASN A 1 65  ? 8.380   -13.692 0.505   1.00 12.83 ? 65  ASN A O   1 
ATOM   518  C  CB  . ASN A 1 65  ? 10.549  -13.553 2.430   1.00 18.47 ? 65  ASN A CB  1 
ATOM   519  C  CG  . ASN A 1 65  ? 11.433  -14.612 1.758   1.00 20.68 ? 65  ASN A CG  1 
ATOM   520  O  OD1 . ASN A 1 65  ? 12.497  -14.298 1.259   1.00 22.00 ? 65  ASN A OD1 1 
ATOM   521  N  ND2 . ASN A 1 65  ? 10.930  -15.852 1.666   1.00 26.44 ? 65  ASN A ND2 1 
ATOM   522  N  N   . ASP A 1 66  ? 10.139  -13.129 -0.830  1.00 12.39 ? 66  ASP A N   1 
ATOM   523  C  CA  . ASP A 1 66  ? 9.584   -13.832 -1.999  1.00 13.43 ? 66  ASP A CA  1 
ATOM   524  C  C   . ASP A 1 66  ? 10.524  -14.930 -2.491  1.00 13.69 ? 66  ASP A C   1 
ATOM   525  O  O   . ASP A 1 66  ? 10.289  -15.547 -3.540  1.00 14.12 ? 66  ASP A O   1 
ATOM   526  C  CB  . ASP A 1 66  ? 9.189   -12.893 -3.128  1.00 12.53 ? 66  ASP A CB  1 
ATOM   527  C  CG  . ASP A 1 66  ? 10.357  -12.128 -3.781  1.00 12.02 ? 66  ASP A CG  1 
ATOM   528  O  OD1 . ASP A 1 66  ? 11.578  -12.390 -3.527  1.00 14.94 ? 66  ASP A OD1 1 
ATOM   529  O  OD2 . ASP A 1 66  ? 10.053  -11.257 -4.639  1.00 11.98 ? 66  ASP A OD2 1 
ATOM   530  N  N   . GLY A 1 67  ? 11.641  -15.089 -1.825  1.00 14.06 ? 67  GLY A N   1 
ATOM   531  C  CA  . GLY A 1 67  ? 12.527  -16.210 -2.104  1.00 14.77 ? 67  GLY A CA  1 
ATOM   532  C  C   . GLY A 1 67  ? 13.423  -15.950 -3.284  1.00 16.01 ? 67  GLY A C   1 
ATOM   533  O  O   . GLY A 1 67  ? 14.277  -16.808 -3.608  1.00 20.32 ? 67  GLY A O   1 
ATOM   534  N  N   . ARG A 1 68  ? 13.252  -14.827 -3.945  1.00 16.94 ? 68  ARG A N   1 
ATOM   535  C  CA  . ARG A 1 68  ? 13.987  -14.482 -5.153  1.00 18.88 ? 68  ARG A CA  1 
ATOM   536  C  C   . ARG A 1 68  ? 14.594  -13.076 -5.201  1.00 18.91 ? 68  ARG A C   1 
ATOM   537  O  O   . ARG A 1 68  ? 14.782  -12.506 -6.290  1.00 23.23 ? 68  ARG A O   1 
ATOM   538  C  CB  . ARG A 1 68  ? 13.099  -14.698 -6.376  1.00 20.05 ? 68  ARG A CB  1 
ATOM   539  C  CG  . ARG A 1 68  ? 11.776  -13.952 -6.422  1.00 20.97 ? 68  ARG A CG  1 
ATOM   540  C  CD  . ARG A 1 68  ? 11.225  -13.597 -7.823  1.00 23.48 ? 68  ARG A CD  1 
ATOM   541  N  NE  . ARG A 1 68  ? 11.990  -12.497 -8.468  1.00 24.49 ? 68  ARG A NE  1 
ATOM   542  C  CZ  . ARG A 1 68  ? 12.612  -12.558 -9.662  1.00 27.61 ? 68  ARG A CZ  1 
ATOM   543  N  NH1 . ARG A 1 68  ? 12.522  -13.664 -10.391 1.00 30.56 ? 68  ARG A NH1 1 
ATOM   544  N  NH2 . ARG A 1 68  ? 13.318  -11.528 -10.148 1.00 22.76 ? 68  ARG A NH2 1 
ATOM   545  N  N   . THR A 1 69  ? 14.894  -12.475 -4.070  1.00 17.58 ? 69  THR A N   1 
ATOM   546  C  CA  . THR A 1 69  ? 15.447  -11.085 -4.095  1.00 18.25 ? 69  THR A CA  1 
ATOM   547  C  C   . THR A 1 69  ? 16.722  -11.144 -3.232  1.00 22.49 ? 69  THR A C   1 
ATOM   548  O  O   . THR A 1 69  ? 16.663  -10.923 -2.035  1.00 22.58 ? 69  THR A O   1 
ATOM   549  C  CB  . THR A 1 69  ? 14.467  -10.075 -3.484  1.00 17.73 ? 69  THR A CB  1 
ATOM   550  O  OG1 . THR A 1 69  ? 13.166  -10.229 -4.128  1.00 15.22 ? 69  THR A OG1 1 
ATOM   551  C  CG2 . THR A 1 69  ? 14.986  -8.626  -3.673  1.00 16.90 ? 69  THR A CG2 1 
ATOM   552  N  N   . PRO A 1 70  ? 17.811  -11.578 -3.832  1.00 29.18 ? 70  PRO A N   1 
ATOM   553  C  CA  . PRO A 1 70  ? 19.058  -11.794 -3.113  1.00 33.43 ? 70  PRO A CA  1 
ATOM   554  C  C   . PRO A 1 70  ? 19.463  -10.661 -2.215  1.00 36.48 ? 70  PRO A C   1 
ATOM   555  O  O   . PRO A 1 70  ? 19.494  -9.509  -2.625  1.00 40.97 ? 70  PRO A O   1 
ATOM   556  C  CB  . PRO A 1 70  ? 20.082  -11.948 -4.254  1.00 34.24 ? 70  PRO A CB  1 
ATOM   557  C  CG  . PRO A 1 70  ? 19.321  -12.689 -5.261  1.00 34.09 ? 70  PRO A CG  1 
ATOM   558  C  CD  . PRO A 1 70  ? 17.934  -12.033 -5.226  1.00 30.02 ? 70  PRO A CD  1 
ATOM   559  N  N   . GLY A 1 71  ? 19.767  -11.022 -0.973  1.00 42.72 ? 71  GLY A N   1 
ATOM   560  C  CA  . GLY A 1 71  ? 20.340  -10.100 -0.002  1.00 45.10 ? 71  GLY A CA  1 
ATOM   561  C  C   . GLY A 1 71  ? 19.354  -9.027  0.366   1.00 45.36 ? 71  GLY A C   1 
ATOM   562  O  O   . GLY A 1 71  ? 19.732  -7.860  0.509   1.00 52.80 ? 71  GLY A O   1 
ATOM   563  N  N   . SER A 1 72  ? 18.086  -9.449  0.483   1.00 39.10 ? 72  SER A N   1 
ATOM   564  C  CA  . SER A 1 72  ? 17.004  -8.617  0.921   1.00 35.14 ? 72  SER A CA  1 
ATOM   565  C  C   . SER A 1 72  ? 16.557  -8.936  2.333   1.00 29.41 ? 72  SER A C   1 
ATOM   566  O  O   . SER A 1 72  ? 16.806  -9.989  2.912   1.00 31.34 ? 72  SER A O   1 
ATOM   567  C  CB  . SER A 1 72  ? 15.782  -8.724  -0.012  1.00 34.02 ? 72  SER A CB  1 
ATOM   568  O  OG  . SER A 1 72  ? 15.301  -10.041 -0.095  1.00 31.63 ? 72  SER A OG  1 
ATOM   569  N  N   . ARG A 1 73  ? 15.868  -7.963  2.870   1.00 28.35 ? 73  ARG A N   1 
ATOM   570  C  CA  . ARG A 1 73  ? 15.289  -8.088  4.144   1.00 25.62 ? 73  ARG A CA  1 
ATOM   571  C  C   . ARG A 1 73  ? 13.821  -8.476  3.932   1.00 24.03 ? 73  ARG A C   1 
ATOM   572  O  O   . ARG A 1 73  ? 13.256  -8.596  2.766   1.00 27.01 ? 73  ARG A O   1 
ATOM   573  C  CB  . ARG A 1 73  ? 15.429  -6.771  4.889   1.00 30.27 ? 73  ARG A CB  1 
ATOM   574  C  CG  . ARG A 1 73  ? 16.757  -6.032  4.649   1.00 36.33 ? 73  ARG A CG  1 
ATOM   575  C  CD  . ARG A 1 73  ? 17.787  -6.371  5.700   1.00 44.24 ? 73  ARG A CD  1 
ATOM   576  N  NE  . ARG A 1 73  ? 17.466  -5.930  7.081   1.00 52.04 ? 73  ARG A NE  1 
ATOM   577  C  CZ  . ARG A 1 73  ? 17.438  -4.664  7.534   1.00 60.71 ? 73  ARG A CZ  1 
ATOM   578  N  NH1 . ARG A 1 73  ? 17.653  -3.614  6.730   1.00 62.86 ? 73  ARG A NH1 1 
ATOM   579  N  NH2 . ARG A 1 73  ? 17.165  -4.436  8.822   1.00 63.97 ? 73  ARG A NH2 1 
ATOM   580  N  N   . ASN A 1 74  ? 13.247  -8.695  5.072   1.00 20.61 ? 74  ASN A N   1 
ATOM   581  C  CA  . ASN A 1 74  ? 11.880  -9.053  5.256   1.00 16.86 ? 74  ASN A CA  1 
ATOM   582  C  C   . ASN A 1 74  ? 11.456  -8.394  6.565   1.00 15.48 ? 74  ASN A C   1 
ATOM   583  O  O   . ASN A 1 74  ? 11.005  -9.043  7.540   1.00 15.08 ? 74  ASN A O   1 
ATOM   584  C  CB  . ASN A 1 74  ? 11.734  -10.574 5.266   1.00 16.77 ? 74  ASN A CB  1 
ATOM   585  C  CG  . ASN A 1 74  ? 10.327  -11.022 5.575   1.00 16.38 ? 74  ASN A CG  1 
ATOM   586  O  OD1 . ASN A 1 74  ? 9.369   -10.227 5.468   1.00 18.95 ? 74  ASN A OD1 1 
ATOM   587  N  ND2 . ASN A 1 74  ? 10.173  -12.279 6.031   1.00 17.36 ? 74  ASN A ND2 1 
ATOM   588  N  N   . LEU A 1 75  ? 11.470  -7.057  6.516   1.00 18.40 ? 75  LEU A N   1 
ATOM   589  C  CA  . LEU A 1 75  ? 11.122  -6.283  7.703   1.00 21.54 ? 75  LEU A CA  1 
ATOM   590  C  C   . LEU A 1 75  ? 9.718   -6.443  8.172   1.00 18.75 ? 75  LEU A C   1 
ATOM   591  O  O   . LEU A 1 75  ? 9.441   -6.284  9.409   1.00 20.95 ? 75  LEU A O   1 
ATOM   592  C  CB  . LEU A 1 75  ? 11.419  -4.807  7.485   1.00 23.52 ? 75  LEU A CB  1 
ATOM   593  C  CG  . LEU A 1 75  ? 12.899  -4.488  7.327   1.00 24.87 ? 75  LEU A CG  1 
ATOM   594  C  CD1 . LEU A 1 75  ? 13.238  -3.064  6.928   1.00 24.99 ? 75  LEU A CD1 1 
ATOM   595  C  CD2 . LEU A 1 75  ? 13.597  -4.817  8.661   1.00 26.13 ? 75  LEU A CD2 1 
ATOM   596  N  N   . CYS A 1 76  ? 8.795   -6.767  7.275   1.00 18.20 ? 76  CYS A N   1 
ATOM   597  C  CA  . CYS A 1 76  ? 7.407   -6.994  7.694   1.00 16.06 ? 76  CYS A CA  1 
ATOM   598  C  C   . CYS A 1 76  ? 7.106   -8.401  8.185   1.00 16.65 ? 76  CYS A C   1 
ATOM   599  O  O   . CYS A 1 76  ? 6.003   -8.691  8.666   1.00 16.55 ? 76  CYS A O   1 
ATOM   600  C  CB  . CYS A 1 76  ? 6.403   -6.587  6.594   1.00 13.90 ? 76  CYS A CB  1 
ATOM   601  S  SG  . CYS A 1 76  ? 6.408   -4.801  6.383   1.00 14.53 ? 76  CYS A SG  1 
ATOM   602  N  N   . ASN A 1 77  ? 8.131   -9.239  8.086   1.00 16.94 ? 77  ASN A N   1 
ATOM   603  C  CA  . ASN A 1 77  ? 8.054   -10.613 8.518   1.00 18.96 ? 77  ASN A CA  1 
ATOM   604  C  C   . ASN A 1 77  ? 6.961   -11.425 7.960   1.00 17.41 ? 77  ASN A C   1 
ATOM   605  O  O   . ASN A 1 77  ? 6.258   -12.102 8.661   1.00 16.40 ? 77  ASN A O   1 
ATOM   606  C  CB  . ASN A 1 77  ? 8.014   -10.692 10.011  1.00 22.91 ? 77  ASN A CB  1 
ATOM   607  C  CG  . ASN A 1 77  ? 9.088   -11.571 10.489  1.00 32.08 ? 77  ASN A CG  1 
ATOM   608  O  OD1 . ASN A 1 77  ? 8.882   -12.755 10.589  1.00 36.42 ? 77  ASN A OD1 1 
ATOM   609  N  ND2 . ASN A 1 77  ? 10.313  -11.020 10.597  1.00 36.12 ? 77  ASN A ND2 1 
ATOM   610  N  N   . ILE A 1 78  ? 6.850   -11.348 6.635   1.00 16.67 ? 78  ILE A N   1 
ATOM   611  C  CA  . ILE A 1 78  ? 5.809   -12.008 5.930   1.00 15.52 ? 78  ILE A CA  1 
ATOM   612  C  C   . ILE A 1 78  ? 6.290   -12.553 4.594   1.00 14.10 ? 78  ILE A C   1 
ATOM   613  O  O   . ILE A 1 78  ? 7.142   -11.985 3.970   1.00 13.16 ? 78  ILE A O   1 
ATOM   614  C  CB  . ILE A 1 78  ? 4.636   -11.030 5.617   1.00 17.67 ? 78  ILE A CB  1 
ATOM   615  C  CG1 . ILE A 1 78  ? 5.125   -9.723  4.963   1.00 18.38 ? 78  ILE A CG1 1 
ATOM   616  C  CG2 . ILE A 1 78  ? 3.840   -10.750 6.858   1.00 19.10 ? 78  ILE A CG2 1 
ATOM   617  C  CD1 . ILE A 1 78  ? 3.998   -8.959  4.296   1.00 19.02 ? 78  ILE A CD1 1 
ATOM   618  N  N   . PRO A 1 79  ? 5.621   -13.612 4.097   1.00 14.64 ? 79  PRO A N   1 
ATOM   619  C  CA  . PRO A 1 79  ? 5.880   -13.885 2.648   1.00 15.16 ? 79  PRO A CA  1 
ATOM   620  C  C   . PRO A 1 79  ? 5.182   -12.832 1.783   1.00 11.78 ? 79  PRO A C   1 
ATOM   621  O  O   . PRO A 1 79  ? 4.117   -12.341 2.182   1.00 14.12 ? 79  PRO A O   1 
ATOM   622  C  CB  . PRO A 1 79  ? 5.174   -15.218 2.428   1.00 15.40 ? 79  PRO A CB  1 
ATOM   623  C  CG  . PRO A 1 79  ? 4.113   -15.303 3.478   1.00 16.56 ? 79  PRO A CG  1 
ATOM   624  C  CD  . PRO A 1 79  ? 4.600   -14.504 4.676   1.00 15.55 ? 79  PRO A CD  1 
ATOM   625  N  N   . CYS A 1 80  ? 5.820   -12.406 0.703   1.00 11.52 ? 80  CYS A N   1 
ATOM   626  C  CA  . CYS A 1 80  ? 5.180   -11.382 -0.199  1.00 10.54 ? 80  CYS A CA  1 
ATOM   627  C  C   . CYS A 1 80  ? 3.786   -11.763 -0.651  1.00 12.41 ? 80  CYS A C   1 
ATOM   628  O  O   . CYS A 1 80  ? 2.929   -10.909 -0.908  1.00 11.86 ? 80  CYS A O   1 
ATOM   629  C  CB  . CYS A 1 80  ? 6.112   -11.091 -1.377  1.00 11.18 ? 80  CYS A CB  1 
ATOM   630  S  SG  . CYS A 1 80  ? 7.737   -10.440 -0.880  1.00 11.72 ? 80  CYS A SG  1 
ATOM   631  N  N   . SER A 1 81  ? 3.574   -13.059 -0.790  1.00 11.91 ? 81  SER A N   1 
ATOM   632  C  CA  . SER A 1 81  ? 2.268   -13.589 -1.183  1.00 11.59 ? 81  SER A CA  1 
ATOM   633  C  C   . SER A 1 81  ? 1.142   -13.154 -0.299  1.00 11.75 ? 81  SER A C   1 
ATOM   634  O  O   . SER A 1 81  ? 0.003   -13.028 -0.788  1.00 12.49 ? 81  SER A O   1 
ATOM   635  C  CB  . SER A 1 81  ? 2.309   -15.115 -1.341  1.00 13.21 ? 81  SER A CB  1 
ATOM   636  O  OG  . SER A 1 81  ? 2.538   -15.767 -0.117  1.00 13.97 ? 81  SER A OG  1 
ATOM   637  N  N   . ALA A 1 82  ? 1.415   -12.987 0.974   1.00 12.15 ? 82  ALA A N   1 
ATOM   638  C  CA  . ALA A 1 82  ? 0.447   -12.459 1.941   1.00 12.58 ? 82  ALA A CA  1 
ATOM   639  C  C   . ALA A 1 82  ? -0.113  -11.151 1.532   1.00 13.35 ? 82  ALA A C   1 
ATOM   640  O  O   . ALA A 1 82  ? -1.240  -10.820 1.903   1.00 14.75 ? 82  ALA A O   1 
ATOM   641  C  CB  . ALA A 1 82  ? 1.063   -12.298 3.314   1.00 13.51 ? 82  ALA A CB  1 
ATOM   642  N  N   . LEU A 1 83  ? 0.697   -10.405 0.791   1.00 11.97 ? 83  LEU A N   1 
ATOM   643  C  CA  . LEU A 1 83  ? 0.328   -9.081  0.271   1.00 11.82 ? 83  LEU A CA  1 
ATOM   644  C  C   . LEU A 1 83  ? -0.628  -9.113  -0.931  1.00 11.29 ? 83  LEU A C   1 
ATOM   645  O  O   . LEU A 1 83  ? -1.023  -8.062  -1.455  1.00 12.56 ? 83  LEU A O   1 
ATOM   646  C  CB  . LEU A 1 83  ? 1.574   -8.296  -0.067  1.00 11.95 ? 83  LEU A CB  1 
ATOM   647  C  CG  . LEU A 1 83  ? 2.612   -8.089  1.073   1.00 12.16 ? 83  LEU A CG  1 
ATOM   648  C  CD1 . LEU A 1 83  ? 3.939   -7.456  0.576   1.00 12.82 ? 83  LEU A CD1 1 
ATOM   649  C  CD2 . LEU A 1 83  ? 1.969   -7.156  2.093   1.00 14.53 ? 83  LEU A CD2 1 
ATOM   650  N  N   . LEU A 1 84  ? -0.974  -10.332 -1.390  1.00 11.79 ? 84  LEU A N   1 
ATOM   651  C  CA  . LEU A 1 84  ? -1.859  -10.475 -2.526  1.00 12.59 ? 84  LEU A CA  1 
ATOM   652  C  C   . LEU A 1 84  ? -3.267  -10.949 -2.143  1.00 12.80 ? 84  LEU A C   1 
ATOM   653  O  O   . LEU A 1 84  ? -4.134  -11.100 -3.014  1.00 12.69 ? 84  LEU A O   1 
ATOM   654  C  CB  . LEU A 1 84  ? -1.256  -11.424 -3.579  1.00 12.97 ? 84  LEU A CB  1 
ATOM   655  C  CG  . LEU A 1 84  ? 0.194   -11.172 -4.009  1.00 13.45 ? 84  LEU A CG  1 
ATOM   656  C  CD1 . LEU A 1 84  ? 0.645   -12.119 -5.092  1.00 16.93 ? 84  LEU A CD1 1 
ATOM   657  C  CD2 . LEU A 1 84  ? 0.342   -9.701  -4.520  1.00 13.06 ? 84  LEU A CD2 1 
ATOM   658  N  N   . SER A 1 85  ? -3.442  -11.177 -0.848  1.00 12.73 ? 85  SER A N   1 
ATOM   659  C  CA  . SER A 1 85  ? -4.645  -11.702 -0.250  1.00 14.13 ? 85  SER A CA  1 
ATOM   660  C  C   . SER A 1 85  ? -5.825  -10.781 -0.500  1.00 14.77 ? 85  SER A C   1 
ATOM   661  O  O   . SER A 1 85  ? -5.722  -9.550  -0.451  1.00 12.21 ? 85  SER A O   1 
ATOM   662  C  CB  . SER A 1 85  ? -4.443  -11.923 1.252   1.00 13.97 ? 85  SER A CB  1 
ATOM   663  O  OG  . SER A 1 85  ? -5.610  -12.517 1.795   1.00 16.39 ? 85  SER A OG  1 
ATOM   664  N  N   . SER A 1 86  ? -7.011  -11.388 -0.629  1.00 15.55 ? 86  SER A N   1 
ATOM   665  C  CA  . SER A 1 86  ? -8.217  -10.571 -0.558  1.00 15.72 ? 86  SER A CA  1 
ATOM   666  C  C   . SER A 1 86  ? -8.399  -9.823  0.794   1.00 16.03 ? 86  SER A C   1 
ATOM   667  O  O   . SER A 1 86  ? -9.083  -8.809  0.841   1.00 19.32 ? 86  SER A O   1 
ATOM   668  C  CB  . SER A 1 86  ? -9.457  -11.438 -0.963  1.00 18.18 ? 86  SER A CB  1 
ATOM   669  O  OG  . SER A 1 86  ? -9.616  -12.528 -0.060  1.00 18.90 ? 86  SER A OG  1 
ATOM   670  N  N   . ASP A 1 87  ? -7.810  -10.352 1.860   1.00 14.70 ? 87  ASP A N   1 
ATOM   671  C  CA  . ASP A 1 87  ? -7.762  -9.766  3.178   1.00 14.89 ? 87  ASP A CA  1 
ATOM   672  C  C   . ASP A 1 87  ? -6.565  -8.834  3.233   1.00 15.17 ? 87  ASP A C   1 
ATOM   673  O  O   . ASP A 1 87  ? -5.400  -9.285  3.060   1.00 13.70 ? 87  ASP A O   1 
ATOM   674  C  CB  . ASP A 1 87  ? -7.595  -10.870 4.161   1.00 15.98 ? 87  ASP A CB  1 
ATOM   675  C  CG  . ASP A 1 87  ? -7.454  -10.402 5.593   1.00 17.01 ? 87  ASP A CG  1 
ATOM   676  O  OD1 . ASP A 1 87  ? -7.200  -9.223  5.901   1.00 18.40 ? 87  ASP A OD1 1 
ATOM   677  O  OD2 . ASP A 1 87  ? -7.611  -11.312 6.449   1.00 24.21 ? 87  ASP A OD2 1 
ATOM   678  N  N   . ILE A 1 88  ? -6.840  -7.550  3.357   1.00 15.61 ? 88  ILE A N   1 
ATOM   679  C  CA  . ILE A 1 88  ? -5.742  -6.553  3.285   1.00 14.77 ? 88  ILE A CA  1 
ATOM   680  C  C   . ILE A 1 88  ? -4.917  -6.395  4.516   1.00 15.34 ? 88  ILE A C   1 
ATOM   681  O  O   . ILE A 1 88  ? -4.003  -5.558  4.551   1.00 13.86 ? 88  ILE A O   1 
ATOM   682  C  CB  . ILE A 1 88  ? -6.221  -5.156  2.856   1.00 15.00 ? 88  ILE A CB  1 
ATOM   683  C  CG1 . ILE A 1 88  ? -7.071  -4.407  3.948   1.00 15.07 ? 88  ILE A CG1 1 
ATOM   684  C  CG2 . ILE A 1 88  ? -6.941  -5.247  1.500   1.00 14.26 ? 88  ILE A CG2 1 
ATOM   685  C  CD1 . ILE A 1 88  ? -7.531  -3.031  3.517   1.00 16.90 ? 88  ILE A CD1 1 
ATOM   686  N  N   . THR A 1 89  ? -5.192  -7.215  5.530   1.00 15.69 ? 89  THR A N   1 
ATOM   687  C  CA  . THR A 1 89  ? -4.527  -7.010  6.788   1.00 15.74 ? 89  THR A CA  1 
ATOM   688  C  C   . THR A 1 89  ? -2.978  -6.962  6.686   1.00 13.31 ? 89  THR A C   1 
ATOM   689  O  O   . THR A 1 89  ? -2.332  -6.052  7.234   1.00 14.24 ? 89  THR A O   1 
ATOM   690  C  CB  . THR A 1 89  ? -4.951  -8.088  7.841   1.00 18.35 ? 89  THR A CB  1 
ATOM   691  O  OG1 . THR A 1 89  ? -6.339  -7.943  8.087   1.00 21.08 ? 89  THR A OG1 1 
ATOM   692  C  CG2 . THR A 1 89  ? -4.208  -7.949  9.077   1.00 20.44 ? 89  THR A CG2 1 
ATOM   693  N  N   . ALA A 1 90  ? -2.334  -7.896  6.007   1.00 12.11 ? 90  ALA A N   1 
ATOM   694  C  CA  . ALA A 1 90  ? -0.889  -7.926  5.938   1.00 11.53 ? 90  ALA A CA  1 
ATOM   695  C  C   . ALA A 1 90  ? -0.366  -6.688  5.184   1.00 10.85 ? 90  ALA A C   1 
ATOM   696  O  O   . ALA A 1 90  ? 0.668   -6.086  5.581   1.00 11.34 ? 90  ALA A O   1 
ATOM   697  C  CB  . ALA A 1 90  ? -0.462  -9.184  5.221   1.00 12.71 ? 90  ALA A CB  1 
ATOM   698  N  N   . SER A 1 91  ? -1.024  -6.308  4.091   1.00 9.79  ? 91  SER A N   1 
ATOM   699  C  CA  . SER A 1 91  ? -0.618  -5.043  3.364   1.00 10.12 ? 91  SER A CA  1 
ATOM   700  C  C   . SER A 1 91  ? -0.693  -3.812  4.255   1.00 11.11 ? 91  SER A C   1 
ATOM   701  O  O   . SER A 1 91  ? 0.241   -2.976  4.276   1.00 11.00 ? 91  SER A O   1 
ATOM   702  C  CB  . SER A 1 91  ? -1.487  -4.845  2.119   1.00 10.26 ? 91  SER A CB  1 
ATOM   703  O  OG  . SER A 1 91  ? -1.003  -5.678  1.063   1.00 10.50 ? 91  SER A OG  1 
ATOM   704  N  N   . VAL A 1 92  ? -1.788  -3.729  5.013   1.00 11.35 ? 92  VAL A N   1 
ATOM   705  C  CA  . VAL A 1 92  ? -2.025  -2.581  5.949   1.00 11.47 ? 92  VAL A CA  1 
ATOM   706  C  C   . VAL A 1 92  ? -0.952  -2.567  7.041   1.00 12.24 ? 92  VAL A C   1 
ATOM   707  O  O   . VAL A 1 92  ? -0.316  -1.556  7.242   1.00 12.10 ? 92  VAL A O   1 
ATOM   708  C  CB  . VAL A 1 92  ? -3.439  -2.572  6.573   1.00 12.24 ? 92  VAL A CB  1 
ATOM   709  C  CG1 . VAL A 1 92  ? -3.453  -1.511  7.673   1.00 13.01 ? 92  VAL A CG1 1 
ATOM   710  C  CG2 . VAL A 1 92  ? -4.451  -2.300  5.503   1.00 11.87 ? 92  VAL A CG2 1 
ATOM   711  N  N   . ASN A 1 93  ? -0.681  -3.696  7.670   1.00 13.68 ? 93  ASN A N   1 
ATOM   712  C  CA  . ASN A 1 93  ? 0.242   -3.744  8.754   1.00 15.00 ? 93  ASN A CA  1 
ATOM   713  C  C   . ASN A 1 93  ? 1.638   -3.428  8.250   1.00 14.67 ? 93  ASN A C   1 
ATOM   714  O  O   . ASN A 1 93  ? 2.449   -2.797  8.919   1.00 13.43 ? 93  ASN A O   1 
ATOM   715  C  CB  . ASN A 1 93  ? 0.205   -5.111  9.447   1.00 18.30 ? 93  ASN A CB  1 
ATOM   716  C  CG  . ASN A 1 93  ? -1.089  -5.298  10.270  1.00 20.42 ? 93  ASN A CG  1 
ATOM   717  O  OD1 . ASN A 1 93  ? -1.879  -4.375  10.462  1.00 24.49 ? 93  ASN A OD1 1 
ATOM   718  N  ND2 . ASN A 1 93  ? -1.300  -6.533  10.735  1.00 26.84 ? 93  ASN A ND2 1 
ATOM   719  N  N   . CYS A 1 94  ? 1.979   -3.962  7.105   1.00 13.87 ? 94  CYS A N   1 
ATOM   720  C  CA  . CYS A 1 94  ? 3.310   -3.662  6.537   1.00 12.93 ? 94  CYS A CA  1 
ATOM   721  C  C   . CYS A 1 94  ? 3.446   -2.135  6.113   1.00 12.22 ? 94  CYS A C   1 
ATOM   722  O  O   . CYS A 1 94  ? 4.489   -1.491  6.301   1.00 12.81 ? 94  CYS A O   1 
ATOM   723  C  CB  . CYS A 1 94  ? 3.581   -4.604  5.375   1.00 13.55 ? 94  CYS A CB  1 
ATOM   724  S  SG  . CYS A 1 94  ? 5.257   -4.548  4.728   1.00 14.24 ? 94  CYS A SG  1 
ATOM   725  N  N   . ALA A 1 95  ? 2.403   -1.607  5.439   1.00 12.62 ? 95  ALA A N   1 
ATOM   726  C  CA  . ALA A 1 95  ? 2.343   -0.171  5.124   1.00 11.46 ? 95  ALA A CA  1 
ATOM   727  C  C   . ALA A 1 95  ? 2.544   0.714   6.375   1.00 11.43 ? 95  ALA A C   1 
ATOM   728  O  O   . ALA A 1 95  ? 3.221   1.739   6.328   1.00 10.43 ? 95  ALA A O   1 
ATOM   729  C  CB  . ALA A 1 95  ? 1.062   0.151   4.429   1.00 10.15 ? 95  ALA A CB  1 
ATOM   730  N  N   . LYS A 1 96  ? 2.022   0.298   7.556   1.00 12.41 ? 96  LYS A N   1 
ATOM   731  C  CA  . LYS A 1 96  ? 2.197   1.084   8.753   1.00 12.17 ? 96  LYS A CA  1 
ATOM   732  C  C   . LYS A 1 96  ? 3.648   1.164   9.133   1.00 12.30 ? 96  LYS A C   1 
ATOM   733  O  O   . LYS A 1 96  ? 4.133   2.234   9.488   1.00 13.59 ? 96  LYS A O   1 
ATOM   734  C  CB  . LYS A 1 96  ? 1.373   0.483   9.881   1.00 12.21 ? 96  LYS A CB  1 
ATOM   735  C  CG  . LYS A 1 96  ? -0.103  0.731   9.829   1.00 13.43 ? 96  LYS A CG  1 
ATOM   736  C  CD  . LYS A 1 96  ? -0.854  0.054   10.927  1.00 16.94 ? 96  LYS A CD  1 
ATOM   737  C  CE  . LYS A 1 96  ? -2.334  0.365   10.833  1.00 16.96 ? 96  LYS A CE  1 
ATOM   738  N  NZ  . LYS A 1 96  ? -3.150  -0.519  11.753  1.00 18.43 ? 96  LYS A NZ  1 
ATOM   739  N  N   . LYS A 1 97  ? 4.363   0.058   8.958   1.00 15.07 ? 97  LYS A N   1 
ATOM   740  C  CA  . LYS A 1 97  ? 5.793   0.025   9.211   1.00 15.73 ? 97  LYS A CA  1 
ATOM   741  C  C   . LYS A 1 97  ? 6.550   0.959   8.230   1.00 14.43 ? 97  LYS A C   1 
ATOM   742  O  O   . LYS A 1 97  ? 7.500   1.711   8.603   1.00 16.83 ? 97  LYS A O   1 
ATOM   743  C  CB  . LYS A 1 97  ? 6.320   -1.380  9.032   1.00 18.61 ? 97  LYS A CB  1 
ATOM   744  C  CG  . LYS A 1 97  ? 7.772   -1.507  9.446   1.00 27.14 ? 97  LYS A CG  1 
ATOM   745  C  CD  . LYS A 1 97  ? 8.122   -3.005  9.609   1.00 31.42 ? 97  LYS A CD  1 
ATOM   746  C  CE  . LYS A 1 97  ? 7.517   -3.667  10.846  1.00 33.97 ? 97  LYS A CE  1 
ATOM   747  N  NZ  . LYS A 1 97  ? 6.158   -4.288  10.697  1.00 39.33 ? 97  LYS A NZ  1 
ATOM   748  N  N   . ILE A 1 98  ? 6.193   0.849   6.973   1.00 12.65 ? 98  ILE A N   1 
ATOM   749  C  CA  . ILE A 1 98  ? 6.859   1.582   5.940   1.00 11.61 ? 98  ILE A CA  1 
ATOM   750  C  C   . ILE A 1 98  ? 6.668   3.096   6.160   1.00 11.93 ? 98  ILE A C   1 
ATOM   751  O  O   . ILE A 1 98  ? 7.642   3.850   6.044   1.00 14.00 ? 98  ILE A O   1 
ATOM   752  C  CB  . ILE A 1 98  ? 6.335   1.229   4.516   1.00 12.81 ? 98  ILE A CB  1 
ATOM   753  C  CG1 . ILE A 1 98  ? 6.727   -0.209  4.161   1.00 13.35 ? 98  ILE A CG1 1 
ATOM   754  C  CG2 . ILE A 1 98  ? 6.922   2.209   3.520   1.00 14.41 ? 98  ILE A CG2 1 
ATOM   755  C  CD1 . ILE A 1 98  ? 5.916   -0.829  2.997   1.00 13.76 ? 98  ILE A CD1 1 
ATOM   756  N  N   . VAL A 1 99  ? 5.436   3.540   6.435   1.00 11.86 ? 99  VAL A N   1 
ATOM   757  C  CA  . VAL A 1 99  ? 5.164   4.975   6.580   1.00 13.03 ? 99  VAL A CA  1 
ATOM   758  C  C   . VAL A 1 99  ? 5.778   5.569   7.832   1.00 16.70 ? 99  VAL A C   1 
ATOM   759  O  O   . VAL A 1 99  ? 5.926   6.798   7.953   1.00 16.63 ? 99  VAL A O   1 
ATOM   760  C  CB  . VAL A 1 99  ? 3.650   5.250   6.401   1.00 12.62 ? 99  VAL A CB  1 
ATOM   761  C  CG1 . VAL A 1 99  ? 2.870   4.872   7.653   1.00 12.11 ? 99  VAL A CG1 1 
ATOM   762  C  CG2 . VAL A 1 99  ? 3.402   6.668   5.944   1.00 12.12 ? 99  VAL A CG2 1 
ATOM   763  N  N   . SER A 1 100 ? 6.139   4.669   8.738   1.00 17.59 ? 100 SER A N   1 
ATOM   764  C  CA  . SER A 1 100 ? 6.799   5.017   10.001  1.00 21.10 ? 100 SER A CA  1 
ATOM   765  C  C   . SER A 1 100 ? 8.309   5.155   9.781   1.00 24.13 ? 100 SER A C   1 
ATOM   766  O  O   . SER A 1 100 ? 9.032   5.603   10.656  1.00 28.41 ? 100 SER A O   1 
ATOM   767  C  CB  . SER A 1 100 ? 6.465   3.969   11.050  1.00 20.03 ? 100 SER A CB  1 
ATOM   768  O  OG  . SER A 1 100 ? 5.098   4.009   11.370  1.00 20.52 ? 100 SER A OG  1 
ATOM   769  N  N   . ASP A 1 101 ? 8.791   4.778   8.606   1.00 28.96 ? 101 ASP A N   1 
ATOM   770  C  CA  . ASP A 1 101 ? 10.231  4.606   8.318   1.00 32.07 ? 101 ASP A CA  1 
ATOM   771  C  C   . ASP A 1 101 ? 11.027  5.905   8.340   1.00 30.37 ? 101 ASP A C   1 
ATOM   772  O  O   . ASP A 1 101 ? 12.255  5.850   8.478   1.00 29.55 ? 101 ASP A O   1 
ATOM   773  C  CB  . ASP A 1 101 ? 10.414  3.905   6.937   1.00 36.03 ? 101 ASP A CB  1 
ATOM   774  C  CG  . ASP A 1 101 ? 11.821  3.355   6.712   1.00 43.51 ? 101 ASP A CG  1 
ATOM   775  O  OD1 . ASP A 1 101 ? 12.337  2.611   7.590   1.00 41.94 ? 101 ASP A OD1 1 
ATOM   776  O  OD2 . ASP A 1 101 ? 12.406  3.642   5.631   1.00 49.36 ? 101 ASP A OD2 1 
ATOM   777  N  N   . GLY A 1 102 ? 10.361  7.053   8.194   1.00 27.91 ? 102 GLY A N   1 
ATOM   778  C  CA  . GLY A 1 102 ? 11.058  8.380   8.211   1.00 24.25 ? 102 GLY A CA  1 
ATOM   779  C  C   . GLY A 1 102 ? 10.739  9.270   7.009   1.00 22.08 ? 102 GLY A C   1 
ATOM   780  O  O   . GLY A 1 102 ? 10.701  10.510  7.159   1.00 20.76 ? 102 GLY A O   1 
ATOM   781  N  N   . ASN A 1 103 ? 10.445  8.680   5.836   1.00 21.48 ? 103 ASN A N   1 
ATOM   782  C  CA  . ASN A 1 103 ? 9.944   9.496   4.695   1.00 20.52 ? 103 ASN A CA  1 
ATOM   783  C  C   . ASN A 1 103 ? 8.448   9.554   4.474   1.00 13.36 ? 103 ASN A C   1 
ATOM   784  O  O   . ASN A 1 103 ? 7.981   10.225  3.555   1.00 12.14 ? 103 ASN A O   1 
ATOM   785  C  CB  . ASN A 1 103 ? 10.736  9.222   3.466   1.00 22.79 ? 103 ASN A CB  1 
ATOM   786  C  CG  . ASN A 1 103 ? 12.197  9.340   3.779   1.00 29.47 ? 103 ASN A CG  1 
ATOM   787  O  OD1 . ASN A 1 103 ? 12.690  10.449  4.004   1.00 35.27 ? 103 ASN A OD1 1 
ATOM   788  N  ND2 . ASN A 1 103 ? 12.860  8.205   3.967   1.00 36.32 ? 103 ASN A ND2 1 
ATOM   789  N  N   . GLY A 1 104 ? 7.698   9.023   5.423   1.00 12.52 ? 104 GLY A N   1 
ATOM   790  C  CA  . GLY A 1 104 ? 6.286   9.146   5.440   1.00 12.05 ? 104 GLY A CA  1 
ATOM   791  C  C   . GLY A 1 104 ? 5.860   8.476   4.146   1.00 10.42 ? 104 GLY A C   1 
ATOM   792  O  O   . GLY A 1 104 ? 6.417   7.439   3.779   1.00 10.98 ? 104 GLY A O   1 
ATOM   793  N  N   . MET A 1 105 ? 4.876   9.041   3.492   1.00 9.47  ? 105 MET A N   1 
ATOM   794  C  CA  . MET A 1 105 ? 4.271   8.432   2.298   1.00 10.86 ? 105 MET A CA  1 
ATOM   795  C  C   . MET A 1 105 ? 5.075   8.675   1.067   1.00 11.18 ? 105 MET A C   1 
ATOM   796  O  O   . MET A 1 105 ? 4.777   8.137   0.046   1.00 10.37 ? 105 MET A O   1 
ATOM   797  C  CB  . MET A 1 105 ? 2.833   8.865   2.108   1.00 10.36 ? 105 MET A CB  1 
ATOM   798  C  CG  . MET A 1 105 ? 1.869   8.127   3.065   1.00 10.74 ? 105 MET A CG  1 
ATOM   799  S  SD  . MET A 1 105 ? 0.138   8.268   2.615   1.00 11.34 ? 105 MET A SD  1 
ATOM   800  C  CE  . MET A 1 105 ? 0.127   7.027   1.221   1.00 11.58 ? 105 MET A CE  1 
ATOM   801  N  N   . ASN A 1 106 ? 6.135   9.480   1.186   1.00 12.83 ? 106 ASN A N   1 
ATOM   802  C  CA  . ASN A 1 106 ? 7.068   9.620   0.077   1.00 11.56 ? 106 ASN A CA  1 
ATOM   803  C  C   . ASN A 1 106 ? 7.751   8.273   -0.293  1.00 11.30 ? 106 ASN A C   1 
ATOM   804  O  O   . ASN A 1 106 ? 8.207   8.144   -1.468  1.00 13.60 ? 106 ASN A O   1 
ATOM   805  C  CB  . ASN A 1 106 ? 8.102   10.649  0.364   1.00 11.42 ? 106 ASN A CB  1 
ATOM   806  C  CG  . ASN A 1 106 ? 7.531   12.032  0.492   1.00 10.55 ? 106 ASN A CG  1 
ATOM   807  O  OD1 . ASN A 1 106 ? 7.022   12.616  -0.477  1.00 12.06 ? 106 ASN A OD1 1 
ATOM   808  N  ND2 . ASN A 1 106 ? 7.549   12.559  1.740   1.00 11.14 ? 106 ASN A ND2 1 
ATOM   809  N  N   . ALA A 1 107 ? 7.674   7.301   0.583   1.00 12.38 ? 107 ALA A N   1 
ATOM   810  C  CA  . ALA A 1 107 ? 8.069   5.873   0.252   1.00 13.37 ? 107 ALA A CA  1 
ATOM   811  C  C   . ALA A 1 107 ? 7.362   5.379   -1.013  1.00 13.88 ? 107 ALA A C   1 
ATOM   812  O  O   . ALA A 1 107 ? 8.003   4.599   -1.775  1.00 14.71 ? 107 ALA A O   1 
ATOM   813  C  CB  . ALA A 1 107 ? 7.824   4.938   1.414   1.00 13.61 ? 107 ALA A CB  1 
ATOM   814  N  N   . TRP A 1 108 ? 6.148   5.844   -1.321  1.00 11.25 ? 108 TRP A N   1 
ATOM   815  C  CA  . TRP A 1 108 ? 5.353   5.422   -2.443  1.00 11.53 ? 108 TRP A CA  1 
ATOM   816  C  C   . TRP A 1 108 ? 5.485   6.449   -3.523  1.00 12.66 ? 108 TRP A C   1 
ATOM   817  O  O   . TRP A 1 108 ? 4.962   7.593   -3.430  1.00 12.36 ? 108 TRP A O   1 
ATOM   818  C  CB  . TRP A 1 108 ? 3.923   5.194   -2.062  1.00 10.53 ? 108 TRP A CB  1 
ATOM   819  C  CG  . TRP A 1 108 ? 3.659   3.982   -1.262  1.00 11.22 ? 108 TRP A CG  1 
ATOM   820  C  CD1 . TRP A 1 108 ? 3.459   2.713   -1.763  1.00 11.77 ? 108 TRP A CD1 1 
ATOM   821  C  CD2 . TRP A 1 108 ? 3.606   3.870   0.152   1.00 10.49 ? 108 TRP A CD2 1 
ATOM   822  N  NE1 . TRP A 1 108 ? 3.291   1.858   -0.745  1.00 10.54 ? 108 TRP A NE1 1 
ATOM   823  C  CE2 . TRP A 1 108 ? 3.333   2.538   0.455   1.00 10.83 ? 108 TRP A CE2 1 
ATOM   824  C  CE3 . TRP A 1 108 ? 3.737   4.774   1.202   1.00 10.81 ? 108 TRP A CE3 1 
ATOM   825  C  CZ2 . TRP A 1 108 ? 3.230   2.075   1.744   1.00 11.81 ? 108 TRP A CZ2 1 
ATOM   826  C  CZ3 . TRP A 1 108 ? 3.587   4.324   2.543   1.00 12.04 ? 108 TRP A CZ3 1 
ATOM   827  C  CH2 . TRP A 1 108 ? 3.350   2.964   2.808   1.00 11.38 ? 108 TRP A CH2 1 
ATOM   828  N  N   . VAL A 1 109 ? 6.288   6.094   -4.548  1.00 14.98 ? 109 VAL A N   1 
ATOM   829  C  CA  . VAL A 1 109 ? 6.616   7.073   -5.565  1.00 17.79 ? 109 VAL A CA  1 
ATOM   830  C  C   . VAL A 1 109 ? 5.367   7.639   -6.208  1.00 14.43 ? 109 VAL A C   1 
ATOM   831  O  O   . VAL A 1 109 ? 5.269   8.877   -6.458  1.00 17.25 ? 109 VAL A O   1 
ATOM   832  C  CB  . VAL A 1 109 ? 7.556   6.370   -6.614  1.00 19.67 ? 109 VAL A CB  1 
ATOM   833  C  CG1 . VAL A 1 109 ? 7.494   7.047   -7.995  1.00 22.40 ? 109 VAL A CG1 1 
ATOM   834  C  CG2 . VAL A 1 109 ? 8.961   6.435   -6.049  1.00 22.36 ? 109 VAL A CG2 1 
ATOM   835  N  N   . ALA A 1 110 ? 4.392   6.802   -6.463  1.00 12.66 ? 110 ALA A N   1 
ATOM   836  C  CA  . ALA A 1 110 ? 3.123   7.242   -7.075  1.00 13.25 ? 110 ALA A CA  1 
ATOM   837  C  C   . ALA A 1 110 ? 2.297   8.178   -6.170  1.00 12.21 ? 110 ALA A C   1 
ATOM   838  O  O   . ALA A 1 110 ? 1.617   9.108   -6.688  1.00 13.43 ? 110 ALA A O   1 
ATOM   839  C  CB  . ALA A 1 110 ? 2.249   6.116   -7.554  1.00 12.44 ? 110 ALA A CB  1 
ATOM   840  N  N   . TRP A 1 111 ? 2.320   7.924   -4.863  1.00 12.47 ? 111 TRP A N   1 
ATOM   841  C  CA  . TRP A 1 111 ? 1.782   8.892   -3.938  1.00 11.90 ? 111 TRP A CA  1 
ATOM   842  C  C   . TRP A 1 111 ? 2.468   10.257  -4.090  1.00 12.00 ? 111 TRP A C   1 
ATOM   843  O  O   . TRP A 1 111 ? 1.831   11.273  -4.268  1.00 10.80 ? 111 TRP A O   1 
ATOM   844  C  CB  . TRP A 1 111 ? 1.815   8.440   -2.487  1.00 12.62 ? 111 TRP A CB  1 
ATOM   845  C  CG  . TRP A 1 111 ? 1.247   9.456   -1.569  1.00 11.78 ? 111 TRP A CG  1 
ATOM   846  C  CD1 . TRP A 1 111 ? -0.106  9.674   -1.284  1.00 11.66 ? 111 TRP A CD1 1 
ATOM   847  C  CD2 . TRP A 1 111 ? 1.959   10.490  -0.891  1.00 10.98 ? 111 TRP A CD2 1 
ATOM   848  N  NE1 . TRP A 1 111 ? -0.242  10.759  -0.452  1.00 10.45 ? 111 TRP A NE1 1 
ATOM   849  C  CE2 . TRP A 1 111 ? 1.006   11.248  -0.166  1.00 10.73 ? 111 TRP A CE2 1 
ATOM   850  C  CE3 . TRP A 1 111 ? 3.313   10.828  -0.758  1.00 10.62 ? 111 TRP A CE3 1 
ATOM   851  C  CZ2 . TRP A 1 111 ? 1.371   12.350  0.575   1.00 11.65 ? 111 TRP A CZ2 1 
ATOM   852  C  CZ3 . TRP A 1 111 ? 3.652   11.905  0.018   1.00 11.90 ? 111 TRP A CZ3 1 
ATOM   853  C  CH2 . TRP A 1 111 ? 2.693   12.666  0.684   1.00 12.35 ? 111 TRP A CH2 1 
ATOM   854  N  N   . ARG A 1 112 ? 3.806   10.327  -4.074  1.00 12.81 ? 112 ARG A N   1 
ATOM   855  C  CA  . ARG A 1 112 ? 4.466   11.626  -4.211  1.00 12.70 ? 112 ARG A CA  1 
ATOM   856  C  C   . ARG A 1 112 ? 4.076   12.304  -5.537  1.00 12.02 ? 112 ARG A C   1 
ATOM   857  O  O   . ARG A 1 112 ? 3.830   13.514  -5.580  1.00 12.96 ? 112 ARG A O   1 
ATOM   858  C  CB  . ARG A 1 112 ? 5.958   11.415  -4.125  1.00 15.61 ? 112 ARG A CB  1 
ATOM   859  C  CG  . ARG A 1 112 ? 6.728   12.695  -4.188  1.00 22.13 ? 112 ARG A CG  1 
ATOM   860  C  CD  . ARG A 1 112 ? 8.191   12.417  -3.849  1.00 27.84 ? 112 ARG A CD  1 
ATOM   861  N  NE  . ARG A 1 112 ? 8.853   11.508  -4.770  1.00 32.46 ? 112 ARG A NE  1 
ATOM   862  C  CZ  . ARG A 1 112 ? 9.129   11.815  -6.045  1.00 32.27 ? 112 ARG A CZ  1 
ATOM   863  N  NH1 . ARG A 1 112 ? 8.781   12.985  -6.565  1.00 27.15 ? 112 ARG A NH1 1 
ATOM   864  N  NH2 . ARG A 1 112 ? 9.753   10.937  -6.785  1.00 35.11 ? 112 ARG A NH2 1 
ATOM   865  N  N   . ASN A 1 113 ? 4.029   11.535  -6.626  1.00 12.44 ? 113 ASN A N   1 
ATOM   866  C  CA  . ASN A 1 113 ? 3.829   12.106  -7.989  1.00 12.98 ? 113 ASN A CA  1 
ATOM   867  C  C   . ASN A 1 113 ? 2.423   12.341  -8.408  1.00 14.39 ? 113 ASN A C   1 
ATOM   868  O  O   . ASN A 1 113 ? 2.189   13.179  -9.264  1.00 13.52 ? 113 ASN A O   1 
ATOM   869  C  CB  . ASN A 1 113 ? 4.562   11.216  -9.025  1.00 12.85 ? 113 ASN A CB  1 
ATOM   870  C  CG  . ASN A 1 113 ? 6.081   11.319  -8.905  1.00 13.58 ? 113 ASN A CG  1 
ATOM   871  O  OD1 . ASN A 1 113 ? 6.607   12.326  -8.390  1.00 14.32 ? 113 ASN A OD1 1 
ATOM   872  N  ND2 . ASN A 1 113 ? 6.786   10.251  -9.267  1.00 12.51 ? 113 ASN A ND2 1 
ATOM   873  N  N   . ARG A 1 114 ? 1.446   11.668  -7.813  1.00 12.11 ? 114 ARG A N   1 
ATOM   874  C  CA  . ARG A 1 114 ? 0.082   11.711  -8.238  1.00 13.37 ? 114 ARG A CA  1 
ATOM   875  C  C   . ARG A 1 114 ? -0.935  12.154  -7.200  1.00 12.97 ? 114 ARG A C   1 
ATOM   876  O  O   . ARG A 1 114 ? -2.056  12.482  -7.548  1.00 13.16 ? 114 ARG A O   1 
ATOM   877  C  CB  . ARG A 1 114 ? -0.270  10.343  -8.774  1.00 13.82 ? 114 ARG A CB  1 
ATOM   878  C  CG  . ARG A 1 114 ? 0.672   10.093  -9.944  1.00 15.69 ? 114 ARG A CG  1 
ATOM   879  C  CD  . ARG A 1 114 ? 0.387   8.887   -10.742 1.00 15.74 ? 114 ARG A CD  1 
ATOM   880  N  NE  . ARG A 1 114 ? -0.742  9.064   -11.636 1.00 14.30 ? 114 ARG A NE  1 
ATOM   881  C  CZ  . ARG A 1 114 ? -1.125  8.132   -12.486 1.00 13.86 ? 114 ARG A CZ  1 
ATOM   882  N  NH1 . ARG A 1 114 ? -0.474  6.974   -12.526 1.00 13.32 ? 114 ARG A NH1 1 
ATOM   883  N  NH2 . ARG A 1 114 ? -2.167  8.340   -13.247 1.00 13.87 ? 114 ARG A NH2 1 
ATOM   884  N  N   . CYS A 1 115 ? -0.544  12.090  -5.900  1.00 11.22 ? 115 CYS A N   1 
ATOM   885  C  CA  . CYS A 1 115 ? -1.467  12.307  -4.774  1.00 12.20 ? 115 CYS A CA  1 
ATOM   886  C  C   . CYS A 1 115 ? -1.064  13.469  -3.906  1.00 12.17 ? 115 CYS A C   1 
ATOM   887  O  O   . CYS A 1 115 ? -1.932  14.273  -3.475  1.00 12.44 ? 115 CYS A O   1 
ATOM   888  C  CB  . CYS A 1 115 ? -1.620  11.066  -3.893  1.00 11.44 ? 115 CYS A CB  1 
ATOM   889  S  SG  . CYS A 1 115 ? -2.128  9.607   -4.794  1.00 10.79 ? 115 CYS A SG  1 
ATOM   890  N  N   . LYS A 1 116 ? 0.218   13.529  -3.549  1.00 13.06 ? 116 LYS A N   1 
ATOM   891  C  CA  . LYS A 1 116 ? 0.714   14.562  -2.656  1.00 12.29 ? 116 LYS A CA  1 
ATOM   892  C  C   . LYS A 1 116 ? 0.331   15.960  -3.178  1.00 13.79 ? 116 LYS A C   1 
ATOM   893  O  O   . LYS A 1 116 ? 0.585   16.290  -4.337  1.00 13.97 ? 116 LYS A O   1 
ATOM   894  C  CB  . LYS A 1 116 ? 2.209   14.503  -2.609  1.00 12.02 ? 116 LYS A CB  1 
ATOM   895  C  CG  . LYS A 1 116 ? 2.979   15.457  -1.675  1.00 12.40 ? 116 LYS A CG  1 
ATOM   896  C  CD  . LYS A 1 116 ? 4.435   15.068  -1.625  1.00 12.83 ? 116 LYS A CD  1 
ATOM   897  C  CE  . LYS A 1 116 ? 5.219   15.887  -0.542  1.00 13.17 ? 116 LYS A CE  1 
ATOM   898  N  NZ  . LYS A 1 116 ? 6.698   15.606  -0.606  1.00 14.37 ? 116 LYS A NZ  1 
ATOM   899  N  N   . GLY A 1 117 ? -0.290  16.731  -2.300  1.00 15.44 ? 117 GLY A N   1 
ATOM   900  C  CA  . GLY A 1 117 ? -0.612  18.126  -2.571  1.00 17.34 ? 117 GLY A CA  1 
ATOM   901  C  C   . GLY A 1 117 ? -1.904  18.281  -3.329  1.00 20.10 ? 117 GLY A C   1 
ATOM   902  O  O   . GLY A 1 117 ? -2.345  19.417  -3.515  1.00 24.68 ? 117 GLY A O   1 
ATOM   903  N  N   . THR A 1 118 ? -2.554  17.183  -3.692  1.00 17.37 ? 118 THR A N   1 
ATOM   904  C  CA  . THR A 1 118 ? -3.774  17.208  -4.442  1.00 15.66 ? 118 THR A CA  1 
ATOM   905  C  C   . THR A 1 118 ? -4.977  17.155  -3.501  1.00 16.77 ? 118 THR A C   1 
ATOM   906  O  O   . THR A 1 118 ? -4.819  16.960  -2.306  1.00 17.22 ? 118 THR A O   1 
ATOM   907  C  CB  . THR A 1 118 ? -3.914  16.048  -5.439  1.00 15.91 ? 118 THR A CB  1 
ATOM   908  O  OG1 . THR A 1 118 ? -4.174  14.828  -4.764  1.00 12.86 ? 118 THR A OG1 1 
ATOM   909  C  CG2 . THR A 1 118 ? -2.645  15.909  -6.340  1.00 17.37 ? 118 THR A CG2 1 
ATOM   910  N  N   . ASP A 1 119 ? -6.198  17.269  -4.024  1.00 16.79 ? 119 ASP A N   1 
ATOM   911  C  CA  . ASP A 1 119 ? -7.343  17.202  -3.133  1.00 18.97 ? 119 ASP A CA  1 
ATOM   912  C  C   . ASP A 1 119 ? -7.716  15.729  -2.898  1.00 16.84 ? 119 ASP A C   1 
ATOM   913  O  O   . ASP A 1 119 ? -8.598  15.158  -3.580  1.00 17.79 ? 119 ASP A O   1 
ATOM   914  C  CB  . ASP A 1 119 ? -8.512  17.947  -3.756  1.00 22.58 ? 119 ASP A CB  1 
ATOM   915  C  CG  . ASP A 1 119 ? -9.757  17.901  -2.902  1.00 27.54 ? 119 ASP A CG  1 
ATOM   916  O  OD1 . ASP A 1 119 ? -9.619  17.859  -1.651  1.00 32.95 ? 119 ASP A OD1 1 
ATOM   917  O  OD2 . ASP A 1 119 ? -10.851 17.875  -3.509  1.00 29.53 ? 119 ASP A OD2 1 
ATOM   918  N  N   . VAL A 1 120 ? -6.973  15.096  -2.003  1.00 17.97 ? 120 VAL A N   1 
ATOM   919  C  CA  . VAL A 1 120 ? -7.101  13.647  -1.832  1.00 15.57 ? 120 VAL A CA  1 
ATOM   920  C  C   . VAL A 1 120 ? -8.410  13.238  -1.155  1.00 16.35 ? 120 VAL A C   1 
ATOM   921  O  O   . VAL A 1 120 ? -8.871  12.112  -1.328  1.00 17.98 ? 120 VAL A O   1 
ATOM   922  C  CB  . VAL A 1 120 ? -5.914  13.041  -1.073  1.00 15.40 ? 120 VAL A CB  1 
ATOM   923  C  CG1 . VAL A 1 120 ? -4.630  13.208  -1.901  1.00 15.51 ? 120 VAL A CG1 1 
ATOM   924  C  CG2 . VAL A 1 120 ? -5.819  13.630  0.307   1.00 16.43 ? 120 VAL A CG2 1 
ATOM   925  N  N   . GLN A 1 121 ? -9.051  14.185  -0.466  1.00 18.77 ? 121 GLN A N   1 
ATOM   926  C  CA  . GLN A 1 121 ? -10.362 13.922  0.068   1.00 19.75 ? 121 GLN A CA  1 
ATOM   927  C  C   . GLN A 1 121 ? -11.337 13.492  -0.960  1.00 17.92 ? 121 GLN A C   1 
ATOM   928  O  O   . GLN A 1 121 ? -12.328 12.854  -0.627  1.00 17.70 ? 121 GLN A O   1 
ATOM   929  C  CB  . GLN A 1 121 ? -10.885 15.136  0.853   1.00 25.95 ? 121 GLN A CB  1 
ATOM   930  C  CG  . GLN A 1 121 ? -11.666 14.687  2.046   1.00 33.40 ? 121 GLN A CG  1 
ATOM   931  C  CD  . GLN A 1 121 ? -12.455 15.801  2.715   1.00 44.21 ? 121 GLN A CD  1 
ATOM   932  O  OE1 . GLN A 1 121 ? -13.070 15.596  3.792   1.00 48.47 ? 121 GLN A OE1 1 
ATOM   933  N  NE2 . GLN A 1 121 ? -12.463 16.990  2.078   1.00 45.88 ? 121 GLN A NE2 1 
ATOM   934  N  N   . ALA A 1 122 ? -11.107 13.855  -2.232  1.00 16.78 ? 122 ALA A N   1 
ATOM   935  C  CA  . ALA A 1 122 ? -11.947 13.411  -3.343  1.00 17.11 ? 122 ALA A CA  1 
ATOM   936  C  C   . ALA A 1 122 ? -12.084 11.896  -3.437  1.00 16.13 ? 122 ALA A C   1 
ATOM   937  O  O   . ALA A 1 122 ? -13.073 11.326  -3.837  1.00 15.34 ? 122 ALA A O   1 
ATOM   938  C  CB  . ALA A 1 122 ? -11.529 14.058  -4.676  1.00 19.25 ? 122 ALA A CB  1 
ATOM   939  N  N   . TRP A 1 123 ? -11.058 11.205  -2.969  1.00 15.21 ? 123 TRP A N   1 
ATOM   940  C  CA  . TRP A 1 123 ? -11.049 9.788   -3.101  1.00 14.48 ? 123 TRP A CA  1 
ATOM   941  C  C   . TRP A 1 123 ? -11.974 9.059   -2.131  1.00 15.35 ? 123 TRP A C   1 
ATOM   942  O  O   . TRP A 1 123 ? -12.301 7.905   -2.339  1.00 17.77 ? 123 TRP A O   1 
ATOM   943  C  CB  . TRP A 1 123 ? -9.581  9.295   -2.925  1.00 15.18 ? 123 TRP A CB  1 
ATOM   944  C  CG  . TRP A 1 123 ? -8.770  9.636   -4.112  1.00 16.28 ? 123 TRP A CG  1 
ATOM   945  C  CD1 . TRP A 1 123 ? -7.900  10.669  -4.243  1.00 16.46 ? 123 TRP A CD1 1 
ATOM   946  C  CD2 . TRP A 1 123 ? -8.798  8.971   -5.362  1.00 15.14 ? 123 TRP A CD2 1 
ATOM   947  N  NE1 . TRP A 1 123 ? -7.371  10.673  -5.500  1.00 17.17 ? 123 TRP A NE1 1 
ATOM   948  C  CE2 . TRP A 1 123 ? -7.901  9.633   -6.209  1.00 17.72 ? 123 TRP A CE2 1 
ATOM   949  C  CE3 . TRP A 1 123 ? -9.543  7.892   -5.875  1.00 18.40 ? 123 TRP A CE3 1 
ATOM   950  C  CZ2 . TRP A 1 123 ? -7.692  9.224   -7.525  1.00 18.38 ? 123 TRP A CZ2 1 
ATOM   951  C  CZ3 . TRP A 1 123 ? -9.327  7.466   -7.172  1.00 19.41 ? 123 TRP A CZ3 1 
ATOM   952  C  CH2 . TRP A 1 123 ? -8.451  8.169   -7.990  1.00 19.39 ? 123 TRP A CH2 1 
ATOM   953  N  N   . ILE A 1 124 ? -12.458 9.763   -1.097  1.00 17.94 ? 124 ILE A N   1 
ATOM   954  C  CA  . ILE A 1 124 ? -13.404 9.143   -0.142  1.00 20.61 ? 124 ILE A CA  1 
ATOM   955  C  C   . ILE A 1 124 ? -14.814 9.830   -0.299  1.00 21.33 ? 124 ILE A C   1 
ATOM   956  O  O   . ILE A 1 124 ? -15.707 9.541   0.466   1.00 18.78 ? 124 ILE A O   1 
ATOM   957  C  CB  . ILE A 1 124 ? -12.843 9.146   1.291   1.00 21.80 ? 124 ILE A CB  1 
ATOM   958  C  CG1 . ILE A 1 124 ? -12.598 10.546  1.815   1.00 24.69 ? 124 ILE A CG1 1 
ATOM   959  C  CG2 . ILE A 1 124 ? -11.536 8.297   1.409   1.00 21.54 ? 124 ILE A CG2 1 
ATOM   960  C  CD1 . ILE A 1 124 ? -12.049 10.553  3.232   1.00 30.22 ? 124 ILE A CD1 1 
ATOM   961  N  N   . ARG A 1 125 ? -14.987 10.692  -1.289  1.00 23.13 ? 125 ARG A N   1 
ATOM   962  C  CA  . ARG A 1 125 ? -16.304 11.388  -1.511  1.00 30.09 ? 125 ARG A CA  1 
ATOM   963  C  C   . ARG A 1 125 ? -17.379 10.421  -1.869  1.00 27.60 ? 125 ARG A C   1 
ATOM   964  O  O   . ARG A 1 125 ? -17.169 9.524   -2.693  1.00 27.38 ? 125 ARG A O   1 
ATOM   965  C  CB  . ARG A 1 125 ? -16.239 12.511  -2.575  1.00 35.51 ? 125 ARG A CB  1 
ATOM   966  C  CG  . ARG A 1 125 ? -15.713 13.850  -1.984  1.00 46.57 ? 125 ARG A CG  1 
ATOM   967  C  CD  . ARG A 1 125 ? -15.910 15.138  -2.830  1.00 51.61 ? 125 ARG A CD  1 
ATOM   968  N  NE  . ARG A 1 125 ? -15.643 14.943  -4.266  1.00 54.23 ? 125 ARG A NE  1 
ATOM   969  C  CZ  . ARG A 1 125 ? -15.141 15.857  -5.096  1.00 58.62 ? 125 ARG A CZ  1 
ATOM   970  N  NH1 . ARG A 1 125 ? -14.793 17.076  -4.670  1.00 63.30 ? 125 ARG A NH1 1 
ATOM   971  N  NH2 . ARG A 1 125 ? -14.964 15.535  -6.375  1.00 60.13 ? 125 ARG A NH2 1 
ATOM   972  N  N   . GLY A 1 126 ? -18.538 10.559  -1.204  1.00 27.01 ? 126 GLY A N   1 
ATOM   973  C  CA  . GLY A 1 126 ? -19.629 9.688   -1.474  1.00 26.16 ? 126 GLY A CA  1 
ATOM   974  C  C   . GLY A 1 126 ? -19.624 8.409   -0.701  1.00 30.22 ? 126 GLY A C   1 
ATOM   975  O  O   . GLY A 1 126 ? -20.504 7.603   -0.898  1.00 32.44 ? 126 GLY A O   1 
ATOM   976  N  N   . CYS A 1 127 ? -18.612 8.179   0.143   1.00 26.02 ? 127 CYS A N   1 
ATOM   977  C  CA  . CYS A 1 127 ? -18.504 6.902   0.858   1.00 22.25 ? 127 CYS A CA  1 
ATOM   978  C  C   . CYS A 1 127 ? -19.143 7.016   2.234   1.00 23.23 ? 127 CYS A C   1 
ATOM   979  O  O   . CYS A 1 127 ? -18.979 8.026   2.911   1.00 22.40 ? 127 CYS A O   1 
ATOM   980  C  CB  . CYS A 1 127 ? -17.037 6.532   1.061   1.00 20.49 ? 127 CYS A CB  1 
ATOM   981  S  SG  . CYS A 1 127 ? -16.079 6.439   -0.479  1.00 21.79 ? 127 CYS A SG  1 
ATOM   982  N  N   . ARG A 1 128 ? -19.808 5.941   2.630   1.00 27.57 ? 128 ARG A N   1 
ATOM   983  C  CA  . ARG A 1 128 ? -20.348 5.787   3.966   1.00 32.18 ? 128 ARG A CA  1 
ATOM   984  C  C   . ARG A 1 128 ? -19.264 5.261   4.892   1.00 37.79 ? 128 ARG A C   1 
ATOM   985  O  O   . ARG A 1 128 ? -18.986 4.037   4.957   1.00 44.51 ? 128 ARG A O   1 
ATOM   986  C  CB  . ARG A 1 128 ? -21.551 4.840   3.944   1.00 32.45 ? 128 ARG A CB  1 
ATOM   987  C  CG  . ARG A 1 128 ? -22.223 4.749   5.285   1.00 37.92 ? 128 ARG A CG  1 
ATOM   988  C  CD  . ARG A 1 128 ? -23.421 3.812   5.264   1.00 36.79 ? 128 ARG A CD  1 
ATOM   989  N  NE  . ARG A 1 128 ? -24.466 4.160   4.287   1.00 39.61 ? 128 ARG A NE  1 
ATOM   990  C  CZ  . ARG A 1 128 ? -24.713 3.529   3.123   1.00 42.15 ? 128 ARG A CZ  1 
ATOM   991  N  NH1 . ARG A 1 128 ? -23.958 2.524   2.684   1.00 44.87 ? 128 ARG A NH1 1 
ATOM   992  N  NH2 . ARG A 1 128 ? -25.729 3.926   2.367   1.00 45.55 ? 128 ARG A NH2 1 
ATOM   993  N  N   . LEU A 1 129 ? -18.643 6.212   5.584   1.00 40.15 ? 129 LEU A N   1 
ATOM   994  C  CA  . LEU A 1 129 ? -17.429 5.965   6.350   1.00 47.39 ? 129 LEU A CA  1 
ATOM   995  C  C   . LEU A 1 129 ? -17.629 6.445   7.753   1.00 57.81 ? 129 LEU A C   1 
ATOM   996  O  O   . LEU A 1 129 ? -18.007 5.608   8.566   1.00 60.11 ? 129 LEU A O   1 
ATOM   997  C  CB  . LEU A 1 129 ? -16.234 6.699   5.752   1.00 44.42 ? 129 LEU A CB  1 
ATOM   998  C  CG  . LEU A 1 129 ? -15.711 6.161   4.438   1.00 44.90 ? 129 LEU A CG  1 
ATOM   999  C  CD1 . LEU A 1 129 ? -14.817 7.215   3.813   1.00 46.46 ? 129 LEU A CD1 1 
ATOM   1000 C  CD2 . LEU A 1 129 ? -14.973 4.852   4.641   1.00 43.14 ? 129 LEU A CD2 1 
ATOM   1001 O  OXT . LEU A 1 129 ? -17.388 7.634   8.075   1.00 77.37 ? 129 LEU A OXT 1 
HETATM 1002 TA TA1 . TBR B 2 .   ? -14.737 12.949  8.726   0.43 26.88 ? 201 TBR A TA1 1 
HETATM 1003 TA TA2 . TBR B 2 .   ? -11.917 12.803  9.438   0.43 29.28 ? 201 TBR A TA2 1 
HETATM 1004 TA TA3 . TBR B 2 .   ? -13.802 10.836  10.491  0.43 26.25 ? 201 TBR A TA3 1 
HETATM 1005 TA TA4 . TBR B 2 .   ? -11.830 9.997   8.586   0.43 22.18 ? 201 TBR A TA4 1 
HETATM 1006 TA TA5 . TBR B 2 .   ? -14.661 10.093  7.855   0.43 23.41 ? 201 TBR A TA5 1 
HETATM 1007 TA TA6 . TBR B 2 .   ? -12.747 12.104  6.765   0.43 23.97 ? 201 TBR A TA6 1 
HETATM 1008 BR BR1 . TBR B 2 .   ? -13.387 14.851  9.797   0.43 33.10 ? 201 TBR A BR1 1 
HETATM 1009 BR BR2 . TBR B 2 .   ? -15.789 12.396  11.016  0.43 30.88 ? 201 TBR A BR2 1 
HETATM 1010 BR BR3 . TBR B 2 .   ? -16.743 11.543  7.817   0.43 22.50 ? 201 TBR A BR3 1 
HETATM 1011 BR BR4 . TBR B 2 .   ? -14.413 14.051  6.398   0.43 27.35 ? 201 TBR A BR4 1 
HETATM 1012 BR BR5 . TBR B 2 .   ? -12.182 12.321  11.904  0.43 28.42 ? 201 TBR A BR5 1 
HETATM 1013 BR BR6 . TBR B 2 .   ? -15.260 8.903   10.194  0.43 25.48 ? 201 TBR A BR6 1 
HETATM 1014 BR BR7 . TBR B 2 .   ? -13.170 8.030   7.498   0.43 21.07 ? 201 TBR A BR7 1 
HETATM 1015 BR BR8 . TBR B 2 .   ? -10.804 10.427  6.216   0.43 21.60 ? 201 TBR A BR8 1 
HETATM 1016 BR BR9 . TBR B 2 .   ? -9.877  11.227  9.588   0.43 26.14 ? 201 TBR A BR9 1 
HETATM 1017 BR BRA . TBR B 2 .   ? -12.125 8.734   10.959  0.43 25.30 ? 201 TBR A BRA 1 
HETATM 1018 BR BRB . TBR B 2 .   ? -14.322 10.639  5.388   0.43 24.60 ? 201 TBR A BRB 1 
HETATM 1019 BR BRC . TBR B 2 .   ? -10.904 13.847  7.302   0.43 30.41 ? 201 TBR A BRC 1 
HETATM 1020 TA TA1 . TBR C 2 .   ? -15.137 17.924  -1.193  0.30 36.67 ? 202 TBR A TA1 1 
HETATM 1021 TA TA2 . TBR C 2 .   ? -14.026 20.130  0.339   0.30 33.42 ? 202 TBR A TA2 1 
HETATM 1022 TA TA3 . TBR C 2 .   ? -12.811 19.327  -2.244  0.30 40.86 ? 202 TBR A TA3 1 
HETATM 1023 TA TA4 . TBR C 2 .   ? -14.367 21.838  -2.086  0.30 36.98 ? 202 TBR A TA4 1 
HETATM 1024 TA TA5 . TBR C 2 .   ? -15.507 19.559  -3.506  0.30 35.70 ? 202 TBR A TA5 1 
HETATM 1025 TA TA6 . TBR C 2 .   ? -16.675 20.392  -0.949  0.30 36.87 ? 202 TBR A TA6 1 
HETATM 1026 BR BR2 . TBR C 2 .   ? -12.961 16.705  -1.882  0.51 58.11 ? 202 TBR A BR2 1 
HETATM 1027 BR BR4 . TBR C 2 .   ? -17.588 18.104  -0.261  0.40 42.06 ? 202 TBR A BR4 1 
HETATM 1028 BR BR5 . TBR C 2 .   ? -11.528 19.409  0.043   0.56 56.69 ? 202 TBR A BR5 1 
HETATM 1029 BR BR7 . TBR C 2 .   ? -15.331 21.789  -4.501  0.30 33.40 ? 202 TBR A BR7 1 
HETATM 1030 BR BR8 . TBR C 2 .   ? -16.597 23.201  -1.923  0.64 68.82 ? 202 TBR A BR8 1 
HETATM 1031 BR BR9 . TBR C 2 .   ? -13.751 22.553  0.559   0.39 48.77 ? 202 TBR A BR9 1 
HETATM 1032 BR BRA . TBR C 2 .   ? -11.802 21.477  -2.765  0.30 40.16 ? 202 TBR A BRA 1 
HETATM 1033 BR BRB . TBR C 2 .   ? -18.015 20.272  -3.452  0.35 46.13 ? 202 TBR A BRB 1 
HETATM 1034 BR BRC . TBR C 2 .   ? -16.121 21.073  1.514   0.55 49.56 ? 202 TBR A BRC 1 
HETATM 1035 PT PT  . 6BP D 3 .   ? 8.351   -18.684 3.953   0.30 26.91 ? 203 6BP A PT  1 
HETATM 1036 BR BR1 . 6BP D 3 .   ? 8.363   -21.168 3.589   0.30 34.50 ? 203 6BP A BR1 1 
HETATM 1037 BR BR2 . 6BP D 3 .   ? 8.377   -16.228 4.271   0.30 24.45 ? 203 6BP A BR2 1 
HETATM 1038 BR BR3 . 6BP D 3 .   ? 8.459   -18.300 1.521   0.30 34.65 ? 203 6BP A BR3 1 
HETATM 1039 BR BR5 . 6BP D 3 .   ? 10.874  -18.887 3.967   0.30 38.26 ? 203 6BP A BR5 1 
HETATM 1040 BR BR6 . 6BP D 3 .   ? 5.861   -18.500 3.996   0.30 33.54 ? 203 6BP A BR6 1 
HETATM 1041 PT PT  . 6BP E 3 .   ? -15.264 -4.746  5.473   0.20 22.63 ? 204 6BP A PT  1 
HETATM 1042 BR BR1 . 6BP E 3 .   ? -14.848 -7.031  4.347   0.20 43.03 ? 204 6BP A BR1 1 
HETATM 1043 BR BR2 . 6BP E 3 .   ? -15.650 -2.521  6.557   0.20 30.77 ? 204 6BP A BR2 1 
HETATM 1044 BR BR3 . 6BP E 3 .   ? -14.813 -3.449  3.314   0.20 15.41 ? 204 6BP A BR3 1 
HETATM 1045 BR BR6 . 6BP E 3 .   ? -17.661 -5.164  4.703   0.20 31.27 ? 204 6BP A BR6 1 
HETATM 1046 BR BR  . BR  F 4 .   ? -13.180 10.344  12.311  0.43 31.44 ? 205 BR  A BR  1 
HETATM 1047 CL CL  . CL  G 5 .   ? 5.249   12.448  7.516   1.00 17.10 ? 206 CL  A CL  1 
HETATM 1048 CL CL  . CL  H 5 .   ? 11.547  -10.447 -6.794  1.00 31.11 ? 207 CL  A CL  1 
HETATM 1049 CL CL  . CL  I 5 .   ? 15.093  -13.532 -1.198  1.00 31.62 ? 208 CL  A CL  1 
HETATM 1050 NA NA  . NA  J 6 .   ? 12.841  -9.814  0.824   1.00 22.44 ? 209 NA  A NA  1 
HETATM 1051 CL CL  . CL  K 5 .   ? -11.784 4.899   -8.791  1.00 35.28 ? 210 CL  A CL  1 
HETATM 1052 CL CL  . CL  L 5 .   ? 11.293  -16.356 -10.544 1.00 41.99 ? 211 CL  A CL  1 
HETATM 1053 CL CL  . CL  M 5 .   ? -8.930  12.473  3.082   1.00 21.47 ? 212 CL  A CL  1 
HETATM 1054 NA NA  . NA  N 6 .   ? 14.249  -13.072 0.392   1.00 28.63 ? 213 NA  A NA  1 
HETATM 1055 CL CL  . CL  O 5 .   ? 19.595  -13.532 0.420   0.50 66.39 ? 214 CL  A CL  1 
HETATM 1056 CL CL  . CL  P 5 .   ? 9.888   -13.541 -9.905  0.50 40.95 ? 215 CL  A CL  1 
HETATM 1057 CL CL  . CL  Q 5 .   ? 7.767   8.461   8.553   1.00 39.10 ? 216 CL  A CL  1 
HETATM 1058 CL CL  . CL  R 5 .   ? 7.668   -0.537  -0.972  1.00 45.96 ? 217 CL  A CL  1 
HETATM 1059 CL CL  . CL  S 5 .   ? -19.829 7.258   9.662   1.00 27.24 ? 218 CL  A CL  1 
HETATM 1060 CL CL  . CL  T 5 .   ? -9.984  -6.839  4.196   1.00 40.09 ? 219 CL  A CL  1 
HETATM 1061 O  O   . HOH U 7 .   ? 1.937   18.231  0.589   1.00 17.50 ? 301 HOH A O   1 
HETATM 1062 O  O   . HOH U 7 .   ? 7.357   1.547   -0.966  1.00 35.32 ? 302 HOH A O   1 
HETATM 1063 O  O   . HOH U 7 .   ? -2.831  -8.356  2.578   1.00 12.53 ? 303 HOH A O   1 
HETATM 1064 O  O   . HOH U 7 .   ? 0.171   -9.836  -10.665 1.00 10.16 ? 304 HOH A O   1 
HETATM 1065 O  O   . HOH U 7 .   ? 1.598   14.913  -6.712  1.00 15.21 ? 305 HOH A O   1 
HETATM 1066 O  O   . HOH U 7 .   ? -2.309  11.547  -11.808 1.00 12.49 ? 306 HOH A O   1 
HETATM 1067 O  O   . HOH U 7 .   ? -8.324  -12.416 -4.310  1.00 15.47 ? 307 HOH A O   1 
HETATM 1068 O  O   . HOH U 7 .   ? -17.144 3.082   -4.594  1.00 21.08 ? 308 HOH A O   1 
HETATM 1069 O  O   . HOH U 7 .   ? 12.780  -11.565 -0.719  1.00 16.08 ? 309 HOH A O   1 
HETATM 1070 O  O   . HOH U 7 .   ? -2.749  -6.077  -1.154  1.00 15.05 ? 310 HOH A O   1 
HETATM 1071 O  O   . HOH U 7 .   ? 13.613  -11.659 2.035   1.00 25.95 ? 311 HOH A O   1 
HETATM 1072 O  O   . HOH U 7 .   ? -7.781  -9.693  -8.108  1.00 12.50 ? 312 HOH A O   1 
HETATM 1073 O  O   . HOH U 7 .   ? -17.122 0.580   -3.339  1.00 17.94 ? 313 HOH A O   1 
HETATM 1074 O  O   . HOH U 7 .   ? 2.314   -7.575  7.391   1.00 25.01 ? 314 HOH A O   1 
HETATM 1075 O  O   . HOH U 7 .   ? -3.923  -4.154  -11.164 1.00 19.10 ? 315 HOH A O   1 
HETATM 1076 O  O   . HOH U 7 .   ? 0.167   -2.048  -10.933 1.00 25.77 ? 316 HOH A O   1 
HETATM 1077 O  O   . HOH U 7 .   ? 0.422   -3.990  -0.822  1.00 9.26  ? 317 HOH A O   1 
HETATM 1078 O  O   . HOH U 7 .   ? -2.146  -14.591 -1.356  1.00 20.31 ? 318 HOH A O   1 
HETATM 1079 O  O   . HOH U 7 .   ? -4.280  -7.455  0.395   1.00 17.69 ? 319 HOH A O   1 
HETATM 1080 O  O   . HOH U 7 .   ? -7.084  -14.338 -0.923  1.00 25.36 ? 320 HOH A O   1 
HETATM 1081 O  O   . HOH U 7 .   ? -1.468  14.798  0.532   1.00 17.49 ? 321 HOH A O   1 
HETATM 1082 O  O   . HOH U 7 .   ? -5.819  -13.123 -3.801  1.00 16.21 ? 322 HOH A O   1 
HETATM 1083 O  O   . HOH U 7 .   ? -6.193  13.250  -6.006  1.00 19.78 ? 323 HOH A O   1 
HETATM 1084 O  O   . HOH U 7 .   ? -7.919  16.805  0.425   1.00 28.17 ? 324 HOH A O   1 
HETATM 1085 O  O   . HOH U 7 .   ? -12.573 -9.081  -7.277  1.00 23.18 ? 325 HOH A O   1 
HETATM 1086 O  O   . HOH U 7 .   ? -3.848  15.360  2.794   1.00 22.76 ? 326 HOH A O   1 
HETATM 1087 O  O   . HOH U 7 .   ? -3.591  14.051  5.701   1.00 14.45 ? 327 HOH A O   1 
HETATM 1088 O  O   . HOH U 7 .   ? -3.755  -10.380 5.088   1.00 16.52 ? 328 HOH A O   1 
HETATM 1089 O  O   . HOH U 7 .   ? 4.739   -1.039  -8.786  1.00 18.71 ? 329 HOH A O   1 
HETATM 1090 O  O   . HOH U 7 .   ? -2.408  0.617   14.426  1.00 32.90 ? 330 HOH A O   1 
HETATM 1091 O  O   . HOH U 7 .   ? 6.574   -6.769  -14.046 1.00 21.24 ? 331 HOH A O   1 
HETATM 1092 O  O   . HOH U 7 .   ? -2.763  16.733  -0.178  1.00 23.23 ? 332 HOH A O   1 
HETATM 1093 O  O   . HOH U 7 .   ? -10.161 -10.057 -9.571  1.00 15.78 ? 333 HOH A O   1 
HETATM 1094 O  O   . HOH U 7 .   ? 0.603   -9.167  9.097   1.00 23.98 ? 334 HOH A O   1 
HETATM 1095 O  O   . HOH U 7 .   ? -5.513  20.275  -1.512  1.00 44.95 ? 335 HOH A O   1 
HETATM 1096 O  O   . HOH U 7 .   ? -6.415  18.471  -6.557  1.00 27.53 ? 336 HOH A O   1 
HETATM 1097 O  O   . HOH U 7 .   ? -20.065 3.484   0.975   1.00 29.27 ? 337 HOH A O   1 
HETATM 1098 O  O   . HOH U 7 .   ? -0.383  7.301   13.943  1.00 24.10 ? 338 HOH A O   1 
HETATM 1099 O  O   . HOH U 7 .   ? 19.252  -9.010  -5.600  1.00 28.44 ? 339 HOH A O   1 
HETATM 1100 O  O   . HOH U 7 .   ? -1.911  3.038   -11.996 1.00 25.78 ? 340 HOH A O   1 
HETATM 1101 O  O   . HOH U 7 .   ? -12.484 -0.760  -8.458  1.00 24.69 ? 341 HOH A O   1 
HETATM 1102 O  O   . HOH U 7 .   ? 12.238  -1.998  -0.422  1.00 35.59 ? 342 HOH A O   1 
HETATM 1103 O  O   . HOH U 7 .   ? -10.684 -11.968 2.443   1.00 39.97 ? 343 HOH A O   1 
HETATM 1104 O  O   . HOH U 7 .   ? 2.105   6.034   -11.395 1.00 15.24 ? 344 HOH A O   1 
HETATM 1105 O  O   . HOH U 7 .   ? -3.101  -7.637  12.585  1.00 40.50 ? 345 HOH A O   1 
HETATM 1106 O  O   . HOH U 7 .   ? 7.432   3.571   -4.950  1.00 24.18 ? 346 HOH A O   1 
HETATM 1107 O  O   . HOH U 7 .   ? -7.282  -8.579  10.685  1.00 32.73 ? 347 HOH A O   1 
HETATM 1108 O  O   . HOH U 7 .   ? 0.330   -16.057 1.593   1.00 20.23 ? 348 HOH A O   1 
HETATM 1109 O  O   . HOH U 7 .   ? 9.486   1.611   10.404  1.00 27.21 ? 349 HOH A O   1 
HETATM 1110 O  O   . HOH U 7 .   ? 14.871  -1.328  -9.438  1.00 31.15 ? 350 HOH A O   1 
HETATM 1111 O  O   . HOH U 7 .   ? 4.178   -6.690  9.184   1.00 25.01 ? 351 HOH A O   1 
HETATM 1112 O  O   . HOH U 7 .   ? -11.820 -8.179  1.564   1.00 30.87 ? 352 HOH A O   1 
HETATM 1113 O  O   . HOH U 7 .   ? 2.147   3.520   -9.965  1.00 17.45 ? 353 HOH A O   1 
HETATM 1114 O  O   . HOH U 7 .   ? 0.720   -16.484 4.475   1.00 30.11 ? 354 HOH A O   1 
HETATM 1115 O  O   . HOH U 7 .   ? 8.154   -14.700 6.389   1.00 28.74 ? 355 HOH A O   1 
HETATM 1116 O  O   . HOH U 7 .   ? 9.495   9.255   -3.753  1.00 27.98 ? 356 HOH A O   1 
HETATM 1117 O  O   . HOH U 7 .   ? -14.507 -5.828  1.672   1.00 35.19 ? 357 HOH A O   1 
HETATM 1118 O  O   . HOH U 7 .   ? 12.457  -14.192 5.813   1.00 28.65 ? 358 HOH A O   1 
HETATM 1119 O  O   . HOH U 7 .   ? 1.909   -2.902  11.770  1.00 38.17 ? 359 HOH A O   1 
HETATM 1120 O  O   . HOH U 7 .   ? -8.485  4.238   10.762  1.00 19.82 ? 360 HOH A O   1 
HETATM 1121 O  O   . HOH U 7 .   ? 4.629   17.910  -3.961  1.00 25.14 ? 361 HOH A O   1 
HETATM 1122 O  O   . HOH U 7 .   ? 7.363   16.778  -3.020  1.00 22.44 ? 362 HOH A O   1 
HETATM 1123 O  O   . HOH U 7 .   ? 8.662   6.019   4.766   1.00 25.71 ? 363 HOH A O   1 
HETATM 1124 O  O   . HOH U 7 .   ? 5.291   4.158   -6.453  1.00 21.83 ? 364 HOH A O   1 
HETATM 1125 O  O   . HOH U 7 .   ? -21.494 5.240   8.892   1.00 25.54 ? 365 HOH A O   1 
HETATM 1126 O  O   . HOH U 7 .   ? -5.985  12.402  -8.833  1.00 25.40 ? 366 HOH A O   1 
HETATM 1127 O  O   . HOH U 7 .   ? 18.894  -10.103 -10.677 1.00 27.42 ? 367 HOH A O   1 
HETATM 1128 O  O   . HOH U 7 .   ? -2.439  -12.573 4.161   1.00 27.32 ? 368 HOH A O   1 
HETATM 1129 O  O   . HOH U 7 .   ? 14.655  -9.154  7.598   1.00 28.55 ? 369 HOH A O   1 
HETATM 1130 O  O   . HOH U 7 .   ? -10.239 -0.628  -10.103 1.00 24.44 ? 370 HOH A O   1 
HETATM 1131 O  O   . HOH U 7 .   ? 0.795   18.449  -6.170  1.00 30.13 ? 371 HOH A O   1 
HETATM 1132 O  O   . HOH U 7 .   ? -11.677 -8.908  -11.691 1.00 35.92 ? 372 HOH A O   1 
HETATM 1133 O  O   . HOH U 7 .   ? -4.601  -15.285 -0.328  1.00 27.89 ? 373 HOH A O   1 
HETATM 1134 O  O   . HOH U 7 .   ? -14.310 1.924   -7.775  1.00 32.28 ? 374 HOH A O   1 
HETATM 1135 O  O   . HOH U 7 .   ? 6.871   14.988  -8.190  1.00 33.38 ? 375 HOH A O   1 
HETATM 1136 O  O   . HOH U 7 .   ? 7.509   -2.300  -10.721 1.00 30.21 ? 376 HOH A O   1 
HETATM 1137 O  O   . HOH U 7 .   ? 19.969  -1.349  -6.763  1.00 34.52 ? 377 HOH A O   1 
HETATM 1138 O  O   . HOH U 7 .   ? -4.873  14.371  8.386   1.00 29.29 ? 378 HOH A O   1 
HETATM 1139 O  O   . HOH U 7 .   ? 14.042  -18.204 -6.514  1.00 29.27 ? 379 HOH A O   1 
HETATM 1140 O  O   . HOH U 7 .   ? 19.583  -9.898  -8.447  1.00 14.83 ? 380 HOH A O   1 
HETATM 1141 O  O   . HOH U 7 .   ? -19.596 9.365   11.350  1.00 14.28 ? 381 HOH A O   1 
HETATM 1142 O  O   . HOH U 7 .   ? 2.535   19.107  -2.151  1.00 19.74 ? 382 HOH A O   1 
# 
